data_4O9L
# 
_entry.id   4O9L 
# 
_audit_conform.dict_name       mmcif_pdbx.dic 
_audit_conform.dict_version    5.379 
_audit_conform.dict_location   http://mmcif.pdb.org/dictionaries/ascii/mmcif_pdbx.dic 
# 
loop_
_database_2.database_id 
_database_2.database_code 
_database_2.pdbx_database_accession 
_database_2.pdbx_DOI 
PDB   4O9L         pdb_00004o9l 10.2210/pdb4o9l/pdb 
RCSB  RCSB084214   ?            ?                   
WWPDB D_1000084214 ?            ?                   
# 
_pdbx_database_related.db_name        PDB 
_pdbx_database_related.db_id          4O9F 
_pdbx_database_related.details        . 
_pdbx_database_related.content_type   unspecified 
# 
_pdbx_database_status.status_code                     REL 
_pdbx_database_status.entry_id                        4O9L 
_pdbx_database_status.recvd_initial_deposition_date   2014-01-02 
_pdbx_database_status.deposit_site                    RCSB 
_pdbx_database_status.process_site                    RCSB 
_pdbx_database_status.status_code_sf                  REL 
_pdbx_database_status.status_code_mr                  ? 
_pdbx_database_status.SG_entry                        ? 
_pdbx_database_status.status_code_cs                  ? 
_pdbx_database_status.methods_development_category    ? 
_pdbx_database_status.pdb_format_compatible           Y 
_pdbx_database_status.status_code_nmr_data            ? 
# 
loop_
_audit_author.name 
_audit_author.pdbx_ordinal 
'Zhang, X.' 1 
'He, X.'    2 
# 
_citation.id                        primary 
_citation.title                     'Structural basis for the prion-like MAVS filaments in antiviral innate immunity.' 
_citation.journal_abbrev            Elife 
_citation.journal_volume            3 
_citation.page_first                e01489 
_citation.page_last                 e01489 
_citation.year                      2014 
_citation.journal_id_ASTM           ? 
_citation.country                   US 
_citation.journal_id_ISSN           2050-084X 
_citation.journal_id_CSD            ? 
_citation.book_publisher            ? 
_citation.pdbx_database_id_PubMed   24569476 
_citation.pdbx_database_id_DOI      ? 
# 
loop_
_citation_author.citation_id 
_citation_author.name 
_citation_author.ordinal 
_citation_author.identifier_ORCID 
primary 'Xu, H.'           1  ? 
primary 'He, X.'           2  ? 
primary 'Zheng, H.'        3  ? 
primary 'Huang, L.J.'      4  ? 
primary 'Hou, F.'          5  ? 
primary 'Yu, Z.'           6  ? 
primary 'de la Cruz, M.J.' 7  ? 
primary 'Borkowski, B.'    8  ? 
primary 'Zhang, X.'        9  ? 
primary 'Chen, Z.J.'       10 ? 
primary 'Jiang, Q.X.'      11 ? 
# 
_cell.entry_id           4O9L 
_cell.length_a           50.614 
_cell.length_b           51.942 
_cell.length_c           35.754 
_cell.angle_alpha        90.00 
_cell.angle_beta         90.00 
_cell.angle_gamma        90.00 
_cell.Z_PDB              4 
_cell.pdbx_unique_axis   ? 
_cell.length_a_esd       ? 
_cell.length_b_esd       ? 
_cell.length_c_esd       ? 
_cell.angle_alpha_esd    ? 
_cell.angle_beta_esd     ? 
_cell.angle_gamma_esd    ? 
# 
_symmetry.entry_id                         4O9L 
_symmetry.space_group_name_H-M             'P 21 21 2' 
_symmetry.pdbx_full_space_group_name_H-M   ? 
_symmetry.cell_setting                     ? 
_symmetry.Int_Tables_number                18 
_symmetry.space_group_name_Hall            ? 
# 
loop_
_entity.id 
_entity.type 
_entity.src_method 
_entity.pdbx_description 
_entity.formula_weight 
_entity.pdbx_number_of_molecules 
_entity.pdbx_ec 
_entity.pdbx_mutation 
_entity.pdbx_fragment 
_entity.details 
1 polymer man 'mitochondrial antiviral signaling protein (MAVS)' 11328.824 1   ? E26R 'card domain, UNP residues 1-94' ? 
2 water   nat water                                              18.015    156 ? ?    ?                                ? 
# 
_entity_poly.entity_id                      1 
_entity_poly.type                           'polypeptide(L)' 
_entity_poly.nstd_linkage                   no 
_entity_poly.nstd_monomer                   no 
_entity_poly.pdbx_seq_one_letter_code       
;GPHMTVAEDKTFQYIRQHHSNFSRIHVLRILPYLSCLTTSDQDRLRATYERWGNQDTLLELFTSLRRRNGWVHSLIGALR
ACELSGLADEVARIYHS
;
_entity_poly.pdbx_seq_one_letter_code_can   
;GPHMTVAEDKTFQYIRQHHSNFSRIHVLRILPYLSCLTTSDQDRLRATYERWGNQDTLLELFTSLRRRNGWVHSLIGALR
ACELSGLADEVARIYHS
;
_entity_poly.pdbx_strand_id                 A 
_entity_poly.pdbx_target_identifier         ? 
# 
loop_
_entity_poly_seq.entity_id 
_entity_poly_seq.num 
_entity_poly_seq.mon_id 
_entity_poly_seq.hetero 
1 1  GLY n 
1 2  PRO n 
1 3  HIS n 
1 4  MET n 
1 5  THR n 
1 6  VAL n 
1 7  ALA n 
1 8  GLU n 
1 9  ASP n 
1 10 LYS n 
1 11 THR n 
1 12 PHE n 
1 13 GLN n 
1 14 TYR n 
1 15 ILE n 
1 16 ARG n 
1 17 GLN n 
1 18 HIS n 
1 19 HIS n 
1 20 SER n 
1 21 ASN n 
1 22 PHE n 
1 23 SER n 
1 24 ARG n 
1 25 ILE n 
1 26 HIS n 
1 27 VAL n 
1 28 LEU n 
1 29 ARG n 
1 30 ILE n 
1 31 LEU n 
1 32 PRO n 
1 33 TYR n 
1 34 LEU n 
1 35 SER n 
1 36 CYS n 
1 37 LEU n 
1 38 THR n 
1 39 THR n 
1 40 SER n 
1 41 ASP n 
1 42 GLN n 
1 43 ASP n 
1 44 ARG n 
1 45 LEU n 
1 46 ARG n 
1 47 ALA n 
1 48 THR n 
1 49 TYR n 
1 50 GLU n 
1 51 ARG n 
1 52 TRP n 
1 53 GLY n 
1 54 ASN n 
1 55 GLN n 
1 56 ASP n 
1 57 THR n 
1 58 LEU n 
1 59 LEU n 
1 60 GLU n 
1 61 LEU n 
1 62 PHE n 
1 63 THR n 
1 64 SER n 
1 65 LEU n 
1 66 ARG n 
1 67 ARG n 
1 68 ARG n 
1 69 ASN n 
1 70 GLY n 
1 71 TRP n 
1 72 VAL n 
1 73 HIS n 
1 74 SER n 
1 75 LEU n 
1 76 ILE n 
1 77 GLY n 
1 78 ALA n 
1 79 LEU n 
1 80 ARG n 
1 81 ALA n 
1 82 CYS n 
1 83 GLU n 
1 84 LEU n 
1 85 SER n 
1 86 GLY n 
1 87 LEU n 
1 88 ALA n 
1 89 ASP n 
1 90 GLU n 
1 91 VAL n 
1 92 ALA n 
1 93 ARG n 
1 94 ILE n 
1 95 TYR n 
1 96 HIS n 
1 97 SER n 
# 
_entity_src_gen.entity_id                          1 
_entity_src_gen.pdbx_src_id                        1 
_entity_src_gen.pdbx_alt_source_flag               sample 
_entity_src_gen.pdbx_seq_type                      ? 
_entity_src_gen.pdbx_beg_seq_num                   ? 
_entity_src_gen.pdbx_end_seq_num                   ? 
_entity_src_gen.gene_src_common_name               'domestic horse, equine' 
_entity_src_gen.gene_src_genus                     ? 
_entity_src_gen.pdbx_gene_src_gene                 MAVS 
_entity_src_gen.gene_src_species                   ? 
_entity_src_gen.gene_src_strain                    ? 
_entity_src_gen.gene_src_tissue                    ? 
_entity_src_gen.gene_src_tissue_fraction           ? 
_entity_src_gen.gene_src_details                   ? 
_entity_src_gen.pdbx_gene_src_fragment             ? 
_entity_src_gen.pdbx_gene_src_scientific_name      'Equus caballus' 
_entity_src_gen.pdbx_gene_src_ncbi_taxonomy_id     9796 
_entity_src_gen.pdbx_gene_src_variant              ? 
_entity_src_gen.pdbx_gene_src_cell_line            ? 
_entity_src_gen.pdbx_gene_src_atcc                 ? 
_entity_src_gen.pdbx_gene_src_organ                ? 
_entity_src_gen.pdbx_gene_src_organelle            ? 
_entity_src_gen.pdbx_gene_src_cell                 ? 
_entity_src_gen.pdbx_gene_src_cellular_location    ? 
_entity_src_gen.host_org_common_name               ? 
_entity_src_gen.pdbx_host_org_scientific_name      'Escherichia coli' 
_entity_src_gen.pdbx_host_org_ncbi_taxonomy_id     469008 
_entity_src_gen.host_org_genus                     ? 
_entity_src_gen.pdbx_host_org_gene                 ? 
_entity_src_gen.pdbx_host_org_organ                ? 
_entity_src_gen.host_org_species                   ? 
_entity_src_gen.pdbx_host_org_tissue               ? 
_entity_src_gen.pdbx_host_org_tissue_fraction      ? 
_entity_src_gen.pdbx_host_org_strain               'BL21(DE3)' 
_entity_src_gen.pdbx_host_org_variant              ? 
_entity_src_gen.pdbx_host_org_cell_line            ? 
_entity_src_gen.pdbx_host_org_atcc                 ? 
_entity_src_gen.pdbx_host_org_culture_collection   ? 
_entity_src_gen.pdbx_host_org_cell                 ? 
_entity_src_gen.pdbx_host_org_organelle            ? 
_entity_src_gen.pdbx_host_org_cellular_location    ? 
_entity_src_gen.pdbx_host_org_vector_type          plasmid 
_entity_src_gen.pdbx_host_org_vector               ? 
_entity_src_gen.host_org_details                   ? 
_entity_src_gen.expression_system_id               ? 
_entity_src_gen.plasmid_name                       'modified pET28a with a preScission protease site' 
_entity_src_gen.plasmid_details                    ? 
_entity_src_gen.pdbx_description                   ? 
# 
_struct_ref.id                         1 
_struct_ref.db_name                    UNP 
_struct_ref.db_code                    F6QPU3_HORSE 
_struct_ref.pdbx_db_accession          F6QPU3 
_struct_ref.entity_id                  1 
_struct_ref.pdbx_seq_one_letter_code   
;MTVAEDKTFQYIRQHHSNFSRIHVLEILPYLSCLTTSDQDRLRATYERWGNQDTLLELFTSLRRRNGWVHSLIGALRACE
LSGLADEVARIYHS
;
_struct_ref.pdbx_align_begin           1 
_struct_ref.pdbx_db_isoform            ? 
# 
_struct_ref_seq.align_id                      1 
_struct_ref_seq.ref_id                        1 
_struct_ref_seq.pdbx_PDB_id_code              4O9L 
_struct_ref_seq.pdbx_strand_id                A 
_struct_ref_seq.seq_align_beg                 4 
_struct_ref_seq.pdbx_seq_align_beg_ins_code   ? 
_struct_ref_seq.seq_align_end                 97 
_struct_ref_seq.pdbx_seq_align_end_ins_code   ? 
_struct_ref_seq.pdbx_db_accession             F6QPU3 
_struct_ref_seq.db_align_beg                  1 
_struct_ref_seq.pdbx_db_align_beg_ins_code    ? 
_struct_ref_seq.db_align_end                  94 
_struct_ref_seq.pdbx_db_align_end_ins_code    ? 
_struct_ref_seq.pdbx_auth_seq_align_beg       1 
_struct_ref_seq.pdbx_auth_seq_align_end       94 
# 
loop_
_struct_ref_seq_dif.align_id 
_struct_ref_seq_dif.pdbx_pdb_id_code 
_struct_ref_seq_dif.mon_id 
_struct_ref_seq_dif.pdbx_pdb_strand_id 
_struct_ref_seq_dif.seq_num 
_struct_ref_seq_dif.pdbx_pdb_ins_code 
_struct_ref_seq_dif.pdbx_seq_db_name 
_struct_ref_seq_dif.pdbx_seq_db_accession_code 
_struct_ref_seq_dif.db_mon_id 
_struct_ref_seq_dif.pdbx_seq_db_seq_num 
_struct_ref_seq_dif.details 
_struct_ref_seq_dif.pdbx_auth_seq_num 
_struct_ref_seq_dif.pdbx_ordinal 
1 4O9L GLY A 1  ? UNP F6QPU3 ?   ?  'expression tag'      -2 1 
1 4O9L PRO A 2  ? UNP F6QPU3 ?   ?  'expression tag'      -1 2 
1 4O9L HIS A 3  ? UNP F6QPU3 ?   ?  'expression tag'      0  3 
1 4O9L ARG A 29 ? UNP F6QPU3 GLU 26 'engineered mutation' 26 4 
# 
loop_
_chem_comp.id 
_chem_comp.type 
_chem_comp.mon_nstd_flag 
_chem_comp.name 
_chem_comp.pdbx_synonyms 
_chem_comp.formula 
_chem_comp.formula_weight 
ALA 'L-peptide linking' y ALANINE         ? 'C3 H7 N O2'     89.093  
ARG 'L-peptide linking' y ARGININE        ? 'C6 H15 N4 O2 1' 175.209 
ASN 'L-peptide linking' y ASPARAGINE      ? 'C4 H8 N2 O3'    132.118 
ASP 'L-peptide linking' y 'ASPARTIC ACID' ? 'C4 H7 N O4'     133.103 
CYS 'L-peptide linking' y CYSTEINE        ? 'C3 H7 N O2 S'   121.158 
GLN 'L-peptide linking' y GLUTAMINE       ? 'C5 H10 N2 O3'   146.144 
GLU 'L-peptide linking' y 'GLUTAMIC ACID' ? 'C5 H9 N O4'     147.129 
GLY 'peptide linking'   y GLYCINE         ? 'C2 H5 N O2'     75.067  
HIS 'L-peptide linking' y HISTIDINE       ? 'C6 H10 N3 O2 1' 156.162 
HOH non-polymer         . WATER           ? 'H2 O'           18.015  
ILE 'L-peptide linking' y ISOLEUCINE      ? 'C6 H13 N O2'    131.173 
LEU 'L-peptide linking' y LEUCINE         ? 'C6 H13 N O2'    131.173 
LYS 'L-peptide linking' y LYSINE          ? 'C6 H15 N2 O2 1' 147.195 
MET 'L-peptide linking' y METHIONINE      ? 'C5 H11 N O2 S'  149.211 
PHE 'L-peptide linking' y PHENYLALANINE   ? 'C9 H11 N O2'    165.189 
PRO 'L-peptide linking' y PROLINE         ? 'C5 H9 N O2'     115.130 
SER 'L-peptide linking' y SERINE          ? 'C3 H7 N O3'     105.093 
THR 'L-peptide linking' y THREONINE       ? 'C4 H9 N O3'     119.119 
TRP 'L-peptide linking' y TRYPTOPHAN      ? 'C11 H12 N2 O2'  204.225 
TYR 'L-peptide linking' y TYROSINE        ? 'C9 H11 N O3'    181.189 
VAL 'L-peptide linking' y VALINE          ? 'C5 H11 N O2'    117.146 
# 
_exptl.entry_id          4O9L 
_exptl.method            'X-RAY DIFFRACTION' 
_exptl.crystals_number   1 
# 
_exptl_crystal.id                    1 
_exptl_crystal.density_meas          ? 
_exptl_crystal.density_Matthews      2.07 
_exptl_crystal.density_percent_sol   40.70 
_exptl_crystal.description           ? 
_exptl_crystal.F_000                 ? 
_exptl_crystal.preparation           ? 
# 
_exptl_crystal_grow.crystal_id      1 
_exptl_crystal_grow.method          'VAPOR DIFFUSION, HANGING DROP' 
_exptl_crystal_grow.temp            293 
_exptl_crystal_grow.temp_details    ? 
_exptl_crystal_grow.pH              6.5 
_exptl_crystal_grow.pdbx_details    
'30% PEGMME 3350, 0.2M ammonium sulfate, 0.1M Mes, pH 6.5, VAPOR DIFFUSION, HANGING DROP, temperature 293K' 
_exptl_crystal_grow.pdbx_pH_range   ? 
# 
_diffrn.id                     1 
_diffrn.ambient_temp           200 
_diffrn.ambient_temp_details   ? 
_diffrn.crystal_id             1 
# 
_diffrn_detector.diffrn_id              1 
_diffrn_detector.detector               CCD 
_diffrn_detector.details                ? 
_diffrn_detector.type                   'ADSC QUANTUM 315r' 
_diffrn_detector.pdbx_collection_date   2012-06-13 
# 
_diffrn_radiation.diffrn_id                        1 
_diffrn_radiation.wavelength_id                    1 
_diffrn_radiation.pdbx_monochromatic_or_laue_m_l   M 
_diffrn_radiation.monochromator                    'Si 111 CHANNEL' 
_diffrn_radiation.pdbx_diffrn_protocol             'SINGLE WAVELENGTH' 
_diffrn_radiation.pdbx_scattering_type             x-ray 
# 
_diffrn_radiation_wavelength.id           1 
_diffrn_radiation_wavelength.wavelength   0.97926 
_diffrn_radiation_wavelength.wt           1.0 
# 
_diffrn_source.diffrn_id                   1 
_diffrn_source.source                      SYNCHROTRON 
_diffrn_source.type                        'APS BEAMLINE 19-ID' 
_diffrn_source.pdbx_synchrotron_site       APS 
_diffrn_source.pdbx_synchrotron_beamline   19-ID 
_diffrn_source.pdbx_wavelength             ? 
_diffrn_source.pdbx_wavelength_list        0.97926 
# 
_reflns.pdbx_chi_squared             ? 
_reflns.pdbx_scaling_rejects         ? 
_reflns.limit_k_max                  ? 
_reflns.d_resolution_high            1.80 
_reflns.observed_criterion_F_min     ? 
_reflns.pdbx_netI_over_sigmaI        ? 
_reflns.observed_criterion_F_max     ? 
_reflns.pdbx_Rmerge_I_obs            ? 
_reflns.limit_l_max                  ? 
_reflns.limit_k_min                  ? 
_reflns.entry_id                     4O9L 
_reflns.B_iso_Wilson_estimate        ? 
_reflns.percent_possible_obs         91.5 
_reflns.pdbx_Rsym_value              ? 
_reflns.observed_criterion_sigma_I   0 
_reflns.observed_criterion_sigma_F   0 
_reflns.limit_l_min                  ? 
_reflns.limit_h_min                  ? 
_reflns.R_free_details               ? 
_reflns.number_all                   9177 
_reflns.d_resolution_low             50 
_reflns.pdbx_redundancy              ? 
_reflns.number_obs                   8395 
_reflns.limit_h_max                  ? 
_reflns.pdbx_ordinal                 1 
_reflns.pdbx_diffrn_id               1 
# 
_reflns_shell.d_res_high             1.80 
_reflns_shell.d_res_low              1.83 
_reflns_shell.percent_possible_all   55 
_reflns_shell.Rmerge_I_obs           ? 
_reflns_shell.pdbx_Rsym_value        ? 
_reflns_shell.meanI_over_sigI_obs    ? 
_reflns_shell.pdbx_redundancy        ? 
_reflns_shell.percent_possible_obs   ? 
_reflns_shell.number_unique_all      ? 
_reflns_shell.number_measured_all    ? 
_reflns_shell.number_measured_obs    ? 
_reflns_shell.number_unique_obs      ? 
_reflns_shell.pdbx_chi_squared       ? 
_reflns_shell.pdbx_ordinal           1 
_reflns_shell.pdbx_diffrn_id         1 
# 
_refine.ls_percent_reflns_R_free                 4.61 
_refine.overall_SU_B                             ? 
_refine.pdbx_solvent_vdw_probe_radii             1.11 
_refine.pdbx_R_Free_selection_details            RANDOM 
_refine.overall_FOM_free_R_set                   ? 
_refine.pdbx_data_cutoff_low_absF                ? 
_refine.entry_id                                 4O9L 
_refine.aniso_B[2][3]                            ? 
_refine.overall_SU_R_Cruickshank_DPI             ? 
_refine.overall_SU_ML                            0.19 
_refine.aniso_B[1][3]                            ? 
_refine.pdbx_stereochemistry_target_values       ML 
_refine.aniso_B[3][3]                            ? 
_refine.solvent_model_param_ksol                 ? 
_refine.ls_number_restraints                     ? 
_refine.aniso_B[1][1]                            ? 
_refine.pdbx_overall_ESU_R                       ? 
_refine.ls_R_factor_obs                          0.1646 
_refine.occupancy_min                            ? 
_refine.pdbx_solvent_ion_probe_radii             ? 
_refine.pdbx_starting_model                      'PDB ENTRY 2VGQ' 
_refine.ls_wR_factor_R_free                      ? 
_refine.ls_wR_factor_R_work                      ? 
_refine.pdbx_isotropic_thermal_model             ISOTROPIC 
_refine.pdbx_method_to_determine_struct          'MOLECULAR REPLACEMENT' 
_refine.occupancy_max                            ? 
_refine.pdbx_solvent_shrinkage_radii             0.90 
_refine.correlation_coeff_Fo_to_Fc               ? 
_refine.ls_number_reflns_R_free                  332 
_refine.correlation_coeff_Fo_to_Fc_free          ? 
_refine.pdbx_ls_sigma_F                          1.37 
_refine.ls_percent_reflns_obs                    97.87 
_refine.ls_R_factor_R_work                       0.1625 
_refine.overall_SU_R_free                        ? 
_refine.ls_d_res_high                            1.944 
_refine.pdbx_overall_ESU_R_Free                  ? 
_refine.B_iso_min                                ? 
_refine.pdbx_ls_cross_valid_method               THROUGHOUT 
_refine.B_iso_mean                               ? 
_refine.pdbx_stereochem_target_val_spec_case     ? 
_refine.ls_R_factor_all                          ? 
_refine.aniso_B[2][2]                            ? 
_refine.B_iso_max                                ? 
_refine.pdbx_ls_sigma_I                          ? 
_refine.ls_d_res_low                             29.203 
_refine.pdbx_overall_phase_error                 20.20 
_refine.solvent_model_details                    'FLAT BULK SOLVENT MODEL' 
_refine.aniso_B[1][2]                            ? 
_refine.ls_R_factor_R_free                       0.2092 
_refine.ls_R_factor_R_free_error                 ? 
_refine.ls_number_reflns_obs                     7206 
_refine.overall_FOM_work_R_set                   ? 
_refine.ls_number_parameters                     ? 
_refine.details                                  ? 
_refine.ls_number_reflns_all                     7538 
_refine.ls_redundancy_reflns_obs                 ? 
_refine.pdbx_data_cutoff_high_absF               ? 
_refine.solvent_model_param_bsol                 ? 
_refine.ls_R_factor_R_free_error_details         ? 
_refine.pdbx_data_cutoff_high_rms_absF           ? 
_refine.pdbx_diffrn_id                           1 
_refine.pdbx_refine_id                           'X-RAY DIFFRACTION' 
_refine.pdbx_TLS_residual_ADP_flag               ? 
_refine.pdbx_overall_SU_R_free_Cruickshank_DPI   ? 
_refine.pdbx_overall_SU_R_Blow_DPI               ? 
_refine.pdbx_overall_SU_R_free_Blow_DPI          ? 
# 
_refine_hist.pdbx_refine_id                   'X-RAY DIFFRACTION' 
_refine_hist.cycle_id                         LAST 
_refine_hist.pdbx_number_atoms_protein        788 
_refine_hist.pdbx_number_atoms_nucleic_acid   0 
_refine_hist.pdbx_number_atoms_ligand         0 
_refine_hist.number_atoms_solvent             156 
_refine_hist.number_atoms_total               944 
_refine_hist.d_res_high                       1.944 
_refine_hist.d_res_low                        29.203 
# 
loop_
_refine_ls_restr.type 
_refine_ls_restr.dev_ideal 
_refine_ls_restr.dev_ideal_target 
_refine_ls_restr.weight 
_refine_ls_restr.number 
_refine_ls_restr.pdbx_restraint_function 
_refine_ls_restr.pdbx_refine_id 
f_bond_d           0.007  ? ? 805  ? 'X-RAY DIFFRACTION' 
f_angle_d          0.943  ? ? 1089 ? 'X-RAY DIFFRACTION' 
f_dihedral_angle_d 13.521 ? ? 295  ? 'X-RAY DIFFRACTION' 
f_chiral_restr     0.068  ? ? 121  ? 'X-RAY DIFFRACTION' 
f_plane_restr      0.003  ? ? 138  ? 'X-RAY DIFFRACTION' 
# 
loop_
_refine_ls_shell.pdbx_total_number_of_bins_used 
_refine_ls_shell.d_res_high 
_refine_ls_shell.d_res_low 
_refine_ls_shell.number_reflns_R_work 
_refine_ls_shell.R_factor_R_work 
_refine_ls_shell.percent_reflns_obs 
_refine_ls_shell.R_factor_R_free 
_refine_ls_shell.R_factor_R_free_error 
_refine_ls_shell.percent_reflns_R_free 
_refine_ls_shell.number_reflns_R_free 
_refine_ls_shell.number_reflns_all 
_refine_ls_shell.R_factor_all 
_refine_ls_shell.number_reflns_obs 
_refine_ls_shell.redundancy_reflns_obs 
_refine_ls_shell.pdbx_refine_id 
. 1.9436 2.4486  3324 0.1664 96.00 0.2260 . . 154 . . 3324 . 'X-RAY DIFFRACTION' 
. 2.4486 29.2060 3550 0.1605 99.00 0.2003 . . 178 . . 3550 . 'X-RAY DIFFRACTION' 
# 
_struct.entry_id                  4O9L 
_struct.title                     'crystal structure of horse MAVS card domain mutant E26R' 
_struct.pdbx_model_details        ? 
_struct.pdbx_CASP_flag            ? 
_struct.pdbx_model_type_details   ? 
# 
_struct_keywords.pdbx_keywords   'ANTIVIRAL PROTEIN' 
_struct_keywords.text            'ANTIVIRAL PROTEIN' 
_struct_keywords.entry_id        4O9L 
# 
loop_
_struct_asym.id 
_struct_asym.pdbx_blank_PDB_chainid_flag 
_struct_asym.pdbx_modified 
_struct_asym.entity_id 
_struct_asym.details 
A N N 1 ? 
B N N 2 ? 
# 
_struct_biol.id        1 
_struct_biol.details   ? 
# 
loop_
_struct_conf.conf_type_id 
_struct_conf.id 
_struct_conf.pdbx_PDB_helix_id 
_struct_conf.beg_label_comp_id 
_struct_conf.beg_label_asym_id 
_struct_conf.beg_label_seq_id 
_struct_conf.pdbx_beg_PDB_ins_code 
_struct_conf.end_label_comp_id 
_struct_conf.end_label_asym_id 
_struct_conf.end_label_seq_id 
_struct_conf.pdbx_end_PDB_ins_code 
_struct_conf.beg_auth_comp_id 
_struct_conf.beg_auth_asym_id 
_struct_conf.beg_auth_seq_id 
_struct_conf.end_auth_comp_id 
_struct_conf.end_auth_asym_id 
_struct_conf.end_auth_seq_id 
_struct_conf.pdbx_PDB_helix_class 
_struct_conf.details 
_struct_conf.pdbx_PDB_helix_length 
HELX_P HELX_P1 1 THR A 5  ? HIS A 18 ? THR A 2  HIS A 15 1 ? 14 
HELX_P HELX_P2 2 HIS A 19 ? SER A 23 ? HIS A 16 SER A 20 5 ? 5  
HELX_P HELX_P3 3 HIS A 26 ? LEU A 31 ? HIS A 23 LEU A 28 1 ? 6  
HELX_P HELX_P4 4 PRO A 32 ? LEU A 34 ? PRO A 29 LEU A 31 5 ? 3  
HELX_P HELX_P5 5 THR A 38 ? ARG A 67 ? THR A 35 ARG A 64 1 ? 30 
HELX_P HELX_P6 6 GLY A 70 ? CYS A 82 ? GLY A 67 CYS A 79 1 ? 13 
HELX_P HELX_P7 7 LEU A 84 ? SER A 97 ? LEU A 81 SER A 94 1 ? 14 
# 
_struct_conf_type.id          HELX_P 
_struct_conf_type.criteria    ? 
_struct_conf_type.reference   ? 
# 
_atom_sites.entry_id                    4O9L 
_atom_sites.fract_transf_matrix[1][1]   0.00811162 
_atom_sites.fract_transf_matrix[1][2]   -0.01625591 
_atom_sites.fract_transf_matrix[1][3]   0.00776442 
_atom_sites.fract_transf_matrix[2][1]   0.00172247 
_atom_sites.fract_transf_matrix[2][2]   -0.00755767 
_atom_sites.fract_transf_matrix[2][3]   -0.01762255 
_atom_sites.fract_transf_matrix[3][1]   0.02537989 
_atom_sites.fract_transf_matrix[3][2]   0.01149473 
_atom_sites.fract_transf_matrix[3][3]   -0.00244899 
_atom_sites.fract_transf_vector[1]      0.111320 
_atom_sites.fract_transf_vector[2]      0.175396 
_atom_sites.fract_transf_vector[3]      0.253965 
# 
loop_
_atom_type.symbol 
C 
N 
O 
S 
# 
loop_
_atom_site.group_PDB 
_atom_site.id 
_atom_site.type_symbol 
_atom_site.label_atom_id 
_atom_site.label_alt_id 
_atom_site.label_comp_id 
_atom_site.label_asym_id 
_atom_site.label_entity_id 
_atom_site.label_seq_id 
_atom_site.pdbx_PDB_ins_code 
_atom_site.Cartn_x 
_atom_site.Cartn_y 
_atom_site.Cartn_z 
_atom_site.occupancy 
_atom_site.B_iso_or_equiv 
_atom_site.pdbx_formal_charge 
_atom_site.auth_seq_id 
_atom_site.auth_comp_id 
_atom_site.auth_asym_id 
_atom_site.auth_atom_id 
_atom_site.pdbx_PDB_model_num 
ATOM   1   N N   . PRO A 1 2  ? -19.620 -3.255  5.796   1.00 21.91 ? -1  PRO A N   1 
ATOM   2   C CA  . PRO A 1 2  ? -19.908 -2.199  4.817   1.00 24.56 ? -1  PRO A CA  1 
ATOM   3   C C   . PRO A 1 2  ? -18.831 -1.120  4.817   1.00 29.00 ? -1  PRO A C   1 
ATOM   4   O O   . PRO A 1 2  ? -19.029 -0.019  4.297   1.00 30.45 ? -1  PRO A O   1 
ATOM   5   C CB  . PRO A 1 2  ? -21.258 -1.665  5.269   1.00 20.65 ? -1  PRO A CB  1 
ATOM   6   C CG  . PRO A 1 2  ? -21.900 -2.848  5.931   1.00 18.06 ? -1  PRO A CG  1 
ATOM   7   C CD  . PRO A 1 2  ? -20.771 -3.508  6.674   1.00 23.70 ? -1  PRO A CD  1 
ATOM   8   N N   . HIS A 1 3  ? -17.693 -1.477  5.403   1.00 30.73 ? 0   HIS A N   1 
ATOM   9   C CA  . HIS A 1 3  ? -16.540 -0.611  5.471   1.00 31.20 ? 0   HIS A CA  1 
ATOM   10  C C   . HIS A 1 3  ? -16.155 -0.064  4.088   1.00 22.92 ? 0   HIS A C   1 
ATOM   11  O O   . HIS A 1 3  ? -16.313 1.134   3.849   1.00 26.18 ? 0   HIS A O   1 
ATOM   12  C CB  . HIS A 1 3  ? -15.368 -1.343  6.120   1.00 29.68 ? 0   HIS A CB  1 
ATOM   13  N N   . MET A 1 4  ? -15.686 -0.931  3.184   1.00 14.65 ? 1   MET A N   1 
ATOM   14  C CA  . MET A 1 4  ? -14.982 -0.460  1.978   1.00 9.15  ? 1   MET A CA  1 
ATOM   15  C C   . MET A 1 4  ? -15.828 0.504   1.131   1.00 7.66  ? 1   MET A C   1 
ATOM   16  O O   . MET A 1 4  ? -16.976 0.207   0.794   1.00 7.78  ? 1   MET A O   1 
ATOM   17  C CB  . MET A 1 4  ? -14.465 -1.620  1.114   1.00 11.94 ? 1   MET A CB  1 
ATOM   18  C CG  . MET A 1 4  ? -13.647 -1.134  -0.110  1.00 6.29  ? 1   MET A CG  1 
ATOM   19  S SD  . MET A 1 4  ? -12.698 -2.380  -1.035  1.00 17.56 ? 1   MET A SD  1 
ATOM   20  C CE  . MET A 1 4  ? -13.968 -3.102  -2.060  1.00 19.32 ? 1   MET A CE  1 
ATOM   21  N N   . THR A 1 5  ? -15.265 1.663   0.802   1.00 6.30  ? 2   THR A N   1 
ATOM   22  C CA  . THR A 1 5  ? -16.010 2.672   0.054   1.00 5.21  ? 2   THR A CA  1 
ATOM   23  C C   . THR A 1 5  ? -15.768 2.524   -1.442  1.00 5.98  ? 2   THR A C   1 
ATOM   24  O O   . THR A 1 5  ? -14.851 1.813   -1.871  1.00 5.22  ? 2   THR A O   1 
ATOM   25  C CB  . THR A 1 5  ? -15.655 4.099   0.515   1.00 7.48  ? 2   THR A CB  1 
ATOM   26  O OG1 . THR A 1 5  ? -14.318 4.424   0.107   1.00 4.28  ? 2   THR A OG1 1 
ATOM   27  C CG2 . THR A 1 5  ? -15.754 4.202   2.025   1.00 11.41 ? 2   THR A CG2 1 
ATOM   28  N N   . VAL A 1 6  ? -16.607 3.178   -2.235  1.00 5.47  ? 3   VAL A N   1 
ATOM   29  C CA  . VAL A 1 6  ? -16.414 3.179   -3.675  1.00 5.63  ? 3   VAL A CA  1 
ATOM   30  C C   . VAL A 1 6  ? -15.022 3.723   -4.031  1.00 5.12  ? 3   VAL A C   1 
ATOM   31  O O   . VAL A 1 6  ? -14.324 3.154   -4.872  1.00 5.24  ? 3   VAL A O   1 
ATOM   32  C CB  . VAL A 1 6  ? -17.538 3.967   -4.382  1.00 5.94  ? 3   VAL A CB  1 
ATOM   33  C CG1 . VAL A 1 6  ? -17.206 4.177   -5.859  1.00 6.14  ? 3   VAL A CG1 1 
ATOM   34  C CG2 . VAL A 1 6  ? -18.873 3.210   -4.246  1.00 7.28  ? 3   VAL A CG2 1 
ATOM   35  N N   . ALA A 1 7  ? -14.606 4.788   -3.345  1.00 4.64  ? 4   ALA A N   1 
ATOM   36  C CA  . ALA A 1 7  ? -13.309 5.421   -3.602  1.00 4.84  ? 4   ALA A CA  1 
ATOM   37  C C   . ALA A 1 7  ? -12.143 4.493   -3.267  1.00 6.24  ? 4   ALA A C   1 
ATOM   38  O O   . ALA A 1 7  ? -11.158 4.417   -4.014  1.00 5.63  ? 4   ALA A O   1 
ATOM   39  C CB  . ALA A 1 7  ? -13.189 6.731   -2.839  1.00 4.38  ? 4   ALA A CB  1 
ATOM   40  N N   . GLU A 1 8  ? -12.250 3.782   -2.148  1.00 4.06  ? 5   GLU A N   1 
ATOM   41  C CA  . GLU A 1 8  ? -11.226 2.797   -1.783  1.00 3.97  ? 5   GLU A CA  1 
ATOM   42  C C   . GLU A 1 8  ? -11.084 1.699   -2.832  1.00 4.32  ? 5   GLU A C   1 
ATOM   43  O O   . GLU A 1 8  ? -9.981  1.367   -3.246  1.00 4.59  ? 5   GLU A O   1 
ATOM   44  C CB  . GLU A 1 8  ? -11.513 2.196   -0.395  1.00 4.05  ? 5   GLU A CB  1 
ATOM   45  C CG  . GLU A 1 8  ? -11.028 3.081   0.756   1.00 3.72  ? 5   GLU A CG  1 
ATOM   46  C CD  . GLU A 1 8  ? -11.471 2.580   2.118   1.00 11.28 ? 5   GLU A CD  1 
ATOM   47  O OE1 . GLU A 1 8  ? -12.533 1.922   2.206   1.00 7.98  ? 5   GLU A OE1 1 
ATOM   48  O OE2 . GLU A 1 8  ? -10.752 2.842   3.101   1.00 9.08  ? 5   GLU A OE2 1 
ATOM   49  N N   . ASP A 1 9  ? -12.207 1.139   -3.251  1.00 4.81  ? 6   ASP A N   1 
ATOM   50  C CA  . ASP A 1 9  ? -12.212 0.078   -4.253  1.00 5.29  ? 6   ASP A CA  1 
ATOM   51  C C   . ASP A 1 9  ? -11.609 0.553   -5.569  1.00 5.31  ? 6   ASP A C   1 
ATOM   52  O O   . ASP A 1 9  ? -10.786 -0.146  -6.180  1.00 5.45  ? 6   ASP A O   1 
ATOM   53  C CB  . ASP A 1 9  ? -13.641 -0.400  -4.484  1.00 5.92  ? 6   ASP A CB  1 
ATOM   54  C CG  . ASP A 1 9  ? -13.746 -1.366  -5.648  1.00 12.01 ? 6   ASP A CG  1 
ATOM   55  O OD1 . ASP A 1 9  ? -13.207 -2.482  -5.544  1.00 6.73  ? 6   ASP A OD1 1 
ATOM   56  O OD2 . ASP A 1 9  ? -14.372 -1.010  -6.668  1.00 13.48 ? 6   ASP A OD2 1 
ATOM   57  N N   . LYS A 1 10 ? -12.020 1.743   -5.998  1.00 5.24  ? 7   LYS A N   1 
ATOM   58  C CA  . LYS A 1 10 ? -11.505 2.357   -7.220  1.00 8.64  ? 7   LYS A CA  1 
ATOM   59  C C   . LYS A 1 10 ? -9.994  2.516   -7.144  1.00 8.64  ? 7   LYS A C   1 
ATOM   60  O O   . LYS A 1 10 ? -9.271  2.262   -8.120  1.00 5.21  ? 7   LYS A O   1 
ATOM   61  C CB  . LYS A 1 10 ? -12.160 3.726   -7.431  1.00 9.47  ? 7   LYS A CB  1 
ATOM   62  C CG  . LYS A 1 10 ? -11.540 4.546   -8.548  1.00 13.06 ? 7   LYS A CG  1 
ATOM   63  C CD  . LYS A 1 10 ? -12.252 5.884   -8.709  1.00 16.66 ? 7   LYS A CD  1 
ATOM   64  C CE  . LYS A 1 10 ? -13.741 5.695   -9.013  1.00 19.72 ? 7   LYS A CE  1 
ATOM   65  N NZ  . LYS A 1 10 ? -14.515 6.920   -8.653  1.00 20.20 ? 7   LYS A NZ  1 
ATOM   66  N N   . THR A 1 11 ? -9.519  2.921   -5.972  1.00 5.19  ? 8   THR A N   1 
ATOM   67  C CA  . THR A 1 11 ? -8.088  3.085   -5.742  1.00 4.09  ? 8   THR A CA  1 
ATOM   68  C C   . THR A 1 11 ? -7.368  1.733   -5.785  1.00 4.21  ? 8   THR A C   1 
ATOM   69  O O   . THR A 1 11 ? -6.347  1.594   -6.459  1.00 4.28  ? 8   THR A O   1 
ATOM   70  C CB  . THR A 1 11 ? -7.806  3.797   -4.405  1.00 3.91  ? 8   THR A CB  1 
ATOM   71  O OG1 . THR A 1 11 ? -8.502  5.049   -4.383  1.00 3.69  ? 8   THR A OG1 1 
ATOM   72  C CG2 . THR A 1 11 ? -6.289  4.058   -4.223  1.00 3.37  ? 8   THR A CG2 1 
ATOM   73  N N   . PHE A 1 12 ? -7.909  0.737   -5.083  1.00 4.30  ? 9   PHE A N   1 
ATOM   74  C CA  . PHE A 1 12 ? -7.311  -0.589  -5.110  1.00 5.58  ? 9   PHE A CA  1 
ATOM   75  C C   . PHE A 1 12 ? -7.233  -1.131  -6.541  1.00 8.22  ? 9   PHE A C   1 
ATOM   76  O O   . PHE A 1 12 ? -6.221  -1.714  -6.946  1.00 6.34  ? 9   PHE A O   1 
ATOM   77  C CB  . PHE A 1 12 ? -8.072  -1.562  -4.207  1.00 4.66  ? 9   PHE A CB  1 
ATOM   78  C CG  . PHE A 1 12 ? -7.462  -2.938  -4.171  1.00 6.07  ? 9   PHE A CG  1 
ATOM   79  C CD1 . PHE A 1 12 ? -6.393  -3.211  -3.328  1.00 5.50  ? 9   PHE A CD1 1 
ATOM   80  C CD2 . PHE A 1 12 ? -7.941  -3.945  -4.995  1.00 6.51  ? 9   PHE A CD2 1 
ATOM   81  C CE1 . PHE A 1 12 ? -5.808  -4.480  -3.304  1.00 9.56  ? 9   PHE A CE1 1 
ATOM   82  C CE2 . PHE A 1 12 ? -7.363  -5.213  -4.984  1.00 9.16  ? 9   PHE A CE2 1 
ATOM   83  C CZ  . PHE A 1 12 ? -6.308  -5.486  -4.139  1.00 10.99 ? 9   PHE A CZ  1 
ATOM   84  N N   . GLN A 1 13 ? -8.294  -0.926  -7.312  1.00 7.06  ? 10  GLN A N   1 
ATOM   85  C CA  . GLN A 1 13 ? -8.326  -1.433  -8.677  1.00 9.07  ? 10  GLN A CA  1 
ATOM   86  C C   . GLN A 1 13 ? -7.315  -0.713  -9.566  1.00 6.05  ? 10  GLN A C   1 
ATOM   87  O O   . GLN A 1 13 ? -6.712  -1.313  -10.460 1.00 8.45  ? 10  GLN A O   1 
ATOM   88  C CB  . GLN A 1 13 ? -9.742  -1.337  -9.258  1.00 10.38 ? 10  GLN A CB  1 
ATOM   89  C CG  . GLN A 1 13 ? -10.783 -2.192  -8.516  1.00 13.52 ? 10  GLN A CG  1 
ATOM   90  C CD  . GLN A 1 13 ? -10.378 -3.660  -8.382  1.00 21.98 ? 10  GLN A CD  1 
ATOM   91  O OE1 . GLN A 1 13 ? -9.790  -4.245  -9.298  1.00 25.81 ? 10  GLN A OE1 1 
ATOM   92  N NE2 . GLN A 1 13 ? -10.702 -4.263  -7.237  1.00 24.91 ? 10  GLN A NE2 1 
ATOM   93  N N   . TYR A 1 14 ? -7.122  0.572   -9.310  1.00 9.26  ? 11  TYR A N   1 
ATOM   94  C CA  . TYR A 1 14 ? -6.133  1.341   -10.048 1.00 8.24  ? 11  TYR A CA  1 
ATOM   95  C C   . TYR A 1 14 ? -4.731  0.791   -9.789  1.00 8.40  ? 11  TYR A C   1 
ATOM   96  O O   . TYR A 1 14 ? -3.963  0.567   -10.734 1.00 6.25  ? 11  TYR A O   1 
ATOM   97  C CB  . TYR A 1 14 ? -6.208  2.823   -9.671  1.00 5.28  ? 11  TYR A CB  1 
ATOM   98  C CG  . TYR A 1 14 ? -5.077  3.649   -10.246 1.00 10.73 ? 11  TYR A CG  1 
ATOM   99  C CD1 . TYR A 1 14 ? -5.100  4.078   -11.570 1.00 14.28 ? 11  TYR A CD1 1 
ATOM   100 C CD2 . TYR A 1 14 ? -3.986  4.000   -9.462  1.00 20.90 ? 11  TYR A CD2 1 
ATOM   101 C CE1 . TYR A 1 14 ? -4.053  4.848   -12.097 1.00 21.47 ? 11  TYR A CE1 1 
ATOM   102 C CE2 . TYR A 1 14 ? -2.933  4.762   -9.975  1.00 21.00 ? 11  TYR A CE2 1 
ATOM   103 C CZ  . TYR A 1 14 ? -2.971  5.182   -11.288 1.00 24.25 ? 11  TYR A CZ  1 
ATOM   104 O OH  . TYR A 1 14 ? -1.924  5.940   -11.783 1.00 26.88 ? 11  TYR A OH  1 
ATOM   105 N N   . ILE A 1 15 ? -4.397  0.587   -8.513  1.00 4.92  ? 12  ILE A N   1 
ATOM   106 C CA  . ILE A 1 15 ? -3.081  0.070   -8.143  1.00 4.73  ? 12  ILE A CA  1 
ATOM   107 C C   . ILE A 1 15 ? -2.855  -1.289  -8.819  1.00 11.97 ? 12  ILE A C   1 
ATOM   108 O O   . ILE A 1 15 ? -1.798  -1.531  -9.409  1.00 9.12  ? 12  ILE A O   1 
ATOM   109 C CB  . ILE A 1 15 ? -2.915  -0.020  -6.602  1.00 4.19  ? 12  ILE A CB  1 
ATOM   110 C CG1 . ILE A 1 15 ? -2.913  1.386   -5.988  1.00 3.82  ? 12  ILE A CG1 1 
ATOM   111 C CG2 . ILE A 1 15 ? -1.622  -0.730  -6.237  1.00 6.60  ? 12  ILE A CG2 1 
ATOM   112 C CD1 . ILE A 1 15 ? -3.050  1.420   -4.442  1.00 4.12  ? 12  ILE A CD1 1 
ATOM   113 N N   . ARG A 1 16 ? -3.871  -2.151  -8.756  1.00 7.42  ? 13  ARG A N   1 
ATOM   114 C CA  . ARG A 1 16 ? -3.875  -3.448  -9.438  1.00 11.09 ? 13  ARG A CA  1 
ATOM   115 C C   . ARG A 1 16 ? -3.560  -3.336  -10.927 1.00 14.78 ? 13  ARG A C   1 
ATOM   116 O O   . ARG A 1 16 ? -2.656  -4.007  -11.438 1.00 16.03 ? 13  ARG A O   1 
ATOM   117 C CB  . ARG A 1 16 ? -5.256  -4.106  -9.287  1.00 20.38 ? 13  ARG A CB  1 
ATOM   118 C CG  . ARG A 1 16 ? -5.365  -5.124  -8.165  1.00 34.47 ? 13  ARG A CG  1 
ATOM   119 C CD  . ARG A 1 16 ? -5.283  -6.557  -8.704  1.00 46.05 ? 13  ARG A CD  1 
ATOM   120 N NE  . ARG A 1 16 ? -6.449  -6.921  -9.515  1.00 52.01 ? 13  ARG A NE  1 
ATOM   121 C CZ  . ARG A 1 16 ? -7.534  -7.538  -9.047  1.00 53.94 ? 13  ARG A CZ  1 
ATOM   122 N NH1 . ARG A 1 16 ? -8.538  -7.828  -9.867  1.00 53.37 ? 13  ARG A NH1 1 
ATOM   123 N NH2 . ARG A 1 16 ? -7.618  -7.866  -7.762  1.00 53.90 ? 13  ARG A NH2 1 
ATOM   124 N N   . GLN A 1 17 ? -4.318  -2.501  -11.630 1.00 12.05 ? 14  GLN A N   1 
ATOM   125 C CA  . GLN A 1 17 ? -4.149  -2.356  -13.075 1.00 15.92 ? 14  GLN A CA  1 
ATOM   126 C C   . GLN A 1 17 ? -2.810  -1.718  -13.443 1.00 17.18 ? 14  GLN A C   1 
ATOM   127 O O   . GLN A 1 17 ? -2.269  -1.970  -14.522 1.00 20.51 ? 14  GLN A O   1 
ATOM   128 C CB  . GLN A 1 17 ? -5.305  -1.551  -13.673 1.00 22.99 ? 14  GLN A CB  1 
ATOM   129 C CG  . GLN A 1 17 ? -6.660  -2.238  -13.566 1.00 35.31 ? 14  GLN A CG  1 
ATOM   130 C CD  . GLN A 1 17 ? -7.819  -1.315  -13.916 1.00 45.90 ? 14  GLN A CD  1 
ATOM   131 O OE1 . GLN A 1 17 ? -7.619  -0.241  -14.493 1.00 53.19 ? 14  GLN A OE1 1 
ATOM   132 N NE2 . GLN A 1 17 ? -9.038  -1.721  -13.555 1.00 42.79 ? 14  GLN A NE2 1 
ATOM   133 N N   . HIS A 1 18 ? -2.273  -0.897  -12.548 1.00 10.99 ? 15  HIS A N   1 
ATOM   134 C CA  . HIS A 1 18 ? -1.020  -0.185  -12.825 1.00 6.85  ? 15  HIS A CA  1 
ATOM   135 C C   . HIS A 1 18 ? 0.107   -0.632  -11.916 1.00 6.36  ? 15  HIS A C   1 
ATOM   136 O O   . HIS A 1 18 ? 0.968   0.177   -11.562 1.00 13.02 ? 15  HIS A O   1 
ATOM   137 C CB  . HIS A 1 18 ? -1.219  1.326   -12.663 1.00 10.27 ? 15  HIS A CB  1 
ATOM   138 C CG  . HIS A 1 18 ? -2.197  1.919   -13.641 1.00 17.71 ? 15  HIS A CG  1 
ATOM   139 N ND1 . HIS A 1 18 ? -3.565  1.723   -13.527 1.00 20.61 ? 15  HIS A ND1 1 
ATOM   140 C CD2 . HIS A 1 18 ? -2.003  2.669   -14.729 1.00 25.81 ? 15  HIS A CD2 1 
ATOM   141 C CE1 . HIS A 1 18 ? -4.158  2.349   -14.523 1.00 27.03 ? 15  HIS A CE1 1 
ATOM   142 N NE2 . HIS A 1 18 ? -3.257  2.938   -15.273 1.00 26.12 ? 15  HIS A NE2 1 
ATOM   143 N N   . HIS A 1 19 ? 0.115   -1.913  -11.551 1.00 11.60 ? 16  HIS A N   1 
ATOM   144 C CA  . HIS A 1 19 ? 1.041   -2.411  -10.528 1.00 15.51 ? 16  HIS A CA  1 
ATOM   145 C C   . HIS A 1 19 ? 2.511   -2.111  -10.856 1.00 12.91 ? 16  HIS A C   1 
ATOM   146 O O   . HIS A 1 19 ? 3.304   -1.843  -9.957  1.00 16.41 ? 16  HIS A O   1 
ATOM   147 C CB  . HIS A 1 19 ? 0.822   -3.912  -10.252 1.00 22.74 ? 16  HIS A CB  1 
ATOM   148 C CG  . HIS A 1 19 ? 1.562   -4.823  -11.185 1.00 37.94 ? 16  HIS A CG  1 
ATOM   149 N ND1 . HIS A 1 19 ? 1.351   -4.838  -12.549 1.00 42.05 ? 16  HIS A ND1 1 
ATOM   150 C CD2 . HIS A 1 19 ? 2.510   -5.765  -10.944 1.00 43.84 ? 16  HIS A CD2 1 
ATOM   151 C CE1 . HIS A 1 19 ? 2.143   -5.738  -13.108 1.00 41.07 ? 16  HIS A CE1 1 
ATOM   152 N NE2 . HIS A 1 19 ? 2.856   -6.312  -12.157 1.00 42.99 ? 16  HIS A NE2 1 
ATOM   153 N N   . SER A 1 20 ? 2.873   -2.118  -12.137 1.00 10.46 ? 17  SER A N   1 
ATOM   154 C CA  . SER A 1 20 ? 4.271   -1.888  -12.489 1.00 12.96 ? 17  SER A CA  1 
ATOM   155 C C   . SER A 1 20 ? 4.711   -0.454  -12.188 1.00 9.67  ? 17  SER A C   1 
ATOM   156 O O   . SER A 1 20 ? 5.899   -0.193  -11.982 1.00 14.50 ? 17  SER A O   1 
ATOM   157 C CB  . SER A 1 20 ? 4.563   -2.273  -13.942 1.00 16.20 ? 17  SER A CB  1 
ATOM   158 O OG  . SER A 1 20 ? 4.051   -1.311  -14.835 1.00 24.63 ? 17  SER A OG  1 
ATOM   159 N N   . ASN A 1 21 ? 3.752   0.468   -12.137 1.00 8.70  ? 18  ASN A N   1 
ATOM   160 C CA  . ASN A 1 21 ? 4.032   1.836   -11.704 1.00 8.08  ? 18  ASN A CA  1 
ATOM   161 C C   . ASN A 1 21 ? 4.513   1.897   -10.263 1.00 10.01 ? 18  ASN A C   1 
ATOM   162 O O   . ASN A 1 21 ? 5.162   2.874   -9.858  1.00 10.46 ? 18  ASN A O   1 
ATOM   163 C CB  . ASN A 1 21 ? 2.784   2.716   -11.835 1.00 12.75 ? 18  ASN A CB  1 
ATOM   164 C CG  . ASN A 1 21 ? 2.392   2.972   -13.277 1.00 22.74 ? 18  ASN A CG  1 
ATOM   165 O OD1 . ASN A 1 21 ? 2.954   2.383   -14.205 1.00 24.08 ? 18  ASN A OD1 1 
ATOM   166 N ND2 . ASN A 1 21 ? 1.411   3.861   -13.473 1.00 23.11 ? 18  ASN A ND2 1 
ATOM   167 N N   . PHE A 1 22 ? 4.185   0.859   -9.491  1.00 8.97  ? 19  PHE A N   1 
ATOM   168 C CA  . PHE A 1 22 ? 4.430   0.851   -8.051  1.00 8.98  ? 19  PHE A CA  1 
ATOM   169 C C   . PHE A 1 22 ? 5.618   -0.030  -7.664  1.00 12.77 ? 19  PHE A C   1 
ATOM   170 O O   . PHE A 1 22 ? 5.905   -0.225  -6.482  1.00 7.75  ? 19  PHE A O   1 
ATOM   171 C CB  . PHE A 1 22 ? 3.141   0.445   -7.309  1.00 7.27  ? 19  PHE A CB  1 
ATOM   172 C CG  . PHE A 1 22 ? 2.041   1.475   -7.429  1.00 4.22  ? 19  PHE A CG  1 
ATOM   173 C CD1 . PHE A 1 22 ? 1.968   2.536   -6.534  1.00 5.09  ? 19  PHE A CD1 1 
ATOM   174 C CD2 . PHE A 1 22 ? 1.127   1.422   -8.470  1.00 6.84  ? 19  PHE A CD2 1 
ATOM   175 C CE1 . PHE A 1 22 ? 0.983   3.517   -6.662  1.00 10.48 ? 19  PHE A CE1 1 
ATOM   176 C CE2 . PHE A 1 22 ? 0.139   2.392   -8.607  1.00 10.81 ? 19  PHE A CE2 1 
ATOM   177 C CZ  . PHE A 1 22 ? 0.064   3.441   -7.697  1.00 12.91 ? 19  PHE A CZ  1 
ATOM   178 N N   . SER A 1 23 ? 6.334   -0.538  -8.663  1.00 9.40  ? 20  SER A N   1 
ATOM   179 C CA  . SER A 1 23 ? 7.364   -1.548  -8.413  1.00 9.72  ? 20  SER A CA  1 
ATOM   180 C C   . SER A 1 23 ? 8.592   -1.043  -7.650  1.00 8.21  ? 20  SER A C   1 
ATOM   181 O O   . SER A 1 23 ? 9.369   -1.839  -7.120  1.00 11.71 ? 20  SER A O   1 
ATOM   182 C CB  . SER A 1 23 ? 7.799   -2.211  -9.722  1.00 10.63 ? 20  SER A CB  1 
ATOM   183 O OG  . SER A 1 23 ? 8.571   -1.317  -10.501 1.00 13.32 ? 20  SER A OG  1 
ATOM   184 N N   . ARG A 1 24 ? 8.775   0.270   -7.589  1.00 5.01  ? 21  ARG A N   1 
ATOM   185 C CA  . ARG A 1 24 ? 9.944   0.821   -6.908  1.00 5.02  ? 21  ARG A CA  1 
ATOM   186 C C   . ARG A 1 24 ? 9.713   1.122   -5.426  1.00 5.57  ? 21  ARG A C   1 
ATOM   187 O O   . ARG A 1 24 ? 10.606  1.624   -4.743  1.00 10.76 ? 21  ARG A O   1 
ATOM   188 C CB  . ARG A 1 24 ? 10.499  2.043   -7.654  1.00 11.39 ? 21  ARG A CB  1 
ATOM   189 C CG  . ARG A 1 24 ? 11.438  1.661   -8.802  1.00 21.80 ? 21  ARG A CG  1 
ATOM   190 C CD  . ARG A 1 24 ? 11.635  2.810   -9.792  1.00 24.80 ? 21  ARG A CD  1 
ATOM   191 N NE  . ARG A 1 24 ? 10.371  3.218   -10.401 1.00 27.25 ? 21  ARG A NE  1 
ATOM   192 C CZ  . ARG A 1 24 ? 9.807   2.612   -11.443 1.00 26.01 ? 21  ARG A CZ  1 
ATOM   193 N NH1 . ARG A 1 24 ? 8.649   3.047   -11.922 1.00 26.55 ? 21  ARG A NH1 1 
ATOM   194 N NH2 . ARG A 1 24 ? 10.400  1.566   -12.002 1.00 23.81 ? 21  ARG A NH2 1 
ATOM   195 N N   . ILE A 1 25 ? 8.522   0.803   -4.925  1.00 4.17  ? 22  ILE A N   1 
ATOM   196 C CA  . ILE A 1 25 ? 8.310   0.798   -3.483  1.00 4.01  ? 22  ILE A CA  1 
ATOM   197 C C   . ILE A 1 25 ? 9.257   -0.263  -2.931  1.00 9.23  ? 22  ILE A C   1 
ATOM   198 O O   . ILE A 1 25 ? 9.388   -1.342  -3.517  1.00 9.04  ? 22  ILE A O   1 
ATOM   199 C CB  . ILE A 1 25 ? 6.849   0.425   -3.139  1.00 3.51  ? 22  ILE A CB  1 
ATOM   200 C CG1 . ILE A 1 25 ? 5.897   1.499   -3.674  1.00 5.89  ? 22  ILE A CG1 1 
ATOM   201 C CG2 . ILE A 1 25 ? 6.656   0.218   -1.625  1.00 3.26  ? 22  ILE A CG2 1 
ATOM   202 C CD1 . ILE A 1 25 ? 4.425   1.177   -3.458  1.00 4.51  ? 22  ILE A CD1 1 
ATOM   203 N N   . HIS A 1 26 ? 9.955   0.049   -1.844  1.00 3.80  ? 23  HIS A N   1 
ATOM   204 C CA  . HIS A 1 26 ? 10.725  -0.962  -1.136  1.00 7.97  ? 23  HIS A CA  1 
ATOM   205 C C   . HIS A 1 26 ? 9.905   -1.359  0.083   1.00 7.04  ? 23  HIS A C   1 
ATOM   206 O O   . HIS A 1 26 ? 9.700   -0.541  0.982   1.00 6.60  ? 23  HIS A O   1 
ATOM   207 C CB  . HIS A 1 26 ? 12.080  -0.416  -0.695  1.00 10.46 ? 23  HIS A CB  1 
ATOM   208 C CG  . HIS A 1 26 ? 12.936  -1.423  0.011   1.00 18.15 ? 23  HIS A CG  1 
ATOM   209 N ND1 . HIS A 1 26 ? 13.962  -1.066  0.862   1.00 20.53 ? 23  HIS A ND1 1 
ATOM   210 C CD2 . HIS A 1 26 ? 12.923  -2.779  -0.012  1.00 22.28 ? 23  HIS A CD2 1 
ATOM   211 C CE1 . HIS A 1 26 ? 14.540  -2.157  1.334   1.00 18.24 ? 23  HIS A CE1 1 
ATOM   212 N NE2 . HIS A 1 26 ? 13.926  -3.210  0.821   1.00 22.15 ? 23  HIS A NE2 1 
ATOM   213 N N   . VAL A 1 27 ? 9.436   -2.600  0.112   1.00 3.49  ? 24  VAL A N   1 
ATOM   214 C CA  . VAL A 1 27 ? 8.500   -3.030  1.155   1.00 6.72  ? 24  VAL A CA  1 
ATOM   215 C C   . VAL A 1 27 ? 9.009   -2.764  2.570   1.00 4.51  ? 24  VAL A C   1 
ATOM   216 O O   . VAL A 1 27 ? 8.288   -2.211  3.414   1.00 4.85  ? 24  VAL A O   1 
ATOM   217 C CB  . VAL A 1 27 ? 8.118   -4.523  0.998   1.00 8.62  ? 24  VAL A CB  1 
ATOM   218 C CG1 . VAL A 1 27 ? 7.391   -5.045  2.255   1.00 3.40  ? 24  VAL A CG1 1 
ATOM   219 C CG2 . VAL A 1 27 ? 7.253   -4.708  -0.232  1.00 8.40  ? 24  VAL A CG2 1 
ATOM   220 N N   . LEU A 1 28 ? 10.257  -3.127  2.831   1.00 3.62  ? 25  LEU A N   1 
ATOM   221 C CA  . LEU A 1 28 ? 10.786  -3.018  4.185   1.00 3.82  ? 25  LEU A CA  1 
ATOM   222 C C   . LEU A 1 28 ? 10.823  -1.572  4.653   1.00 6.04  ? 25  LEU A C   1 
ATOM   223 O O   . LEU A 1 28 ? 10.551  -1.281  5.813   1.00 7.29  ? 25  LEU A O   1 
ATOM   224 C CB  . LEU A 1 28 ? 12.171  -3.658  4.280   1.00 9.60  ? 25  LEU A CB  1 
ATOM   225 C CG  . LEU A 1 28 ? 12.220  -5.186  4.303   1.00 7.51  ? 25  LEU A CG  1 
ATOM   226 C CD1 . LEU A 1 28 ? 13.614  -5.633  4.785   1.00 9.85  ? 25  LEU A CD1 1 
ATOM   227 C CD2 . LEU A 1 28 ? 11.121  -5.774  5.191   1.00 4.07  ? 25  LEU A CD2 1 
ATOM   228 N N   . ARG A 1 29 ? 11.142  -0.664  3.737   1.00 5.60  ? 26  ARG A N   1 
ATOM   229 C CA  . ARG A 1 29 ? 11.192  0.751   4.063   1.00 8.21  ? 26  ARG A CA  1 
ATOM   230 C C   . ARG A 1 29 ? 9.813   1.352   4.308   1.00 6.93  ? 26  ARG A C   1 
ATOM   231 O O   . ARG A 1 29 ? 9.660   2.199   5.181   1.00 6.45  ? 26  ARG A O   1 
ATOM   232 C CB  . ARG A 1 29 ? 11.898  1.535   2.952   1.00 11.33 ? 26  ARG A CB  1 
ATOM   233 C CG  . ARG A 1 29 ? 11.971  3.016   3.229   1.00 12.12 ? 26  ARG A CG  1 
ATOM   234 C CD  . ARG A 1 29 ? 12.735  3.767   2.150   1.00 13.47 ? 26  ARG A CD  1 
ATOM   235 N NE  . ARG A 1 29 ? 12.863  5.172   2.512   1.00 9.51  ? 26  ARG A NE  1 
ATOM   236 C CZ  . ARG A 1 29 ? 13.269  6.122   1.682   1.00 11.11 ? 26  ARG A CZ  1 
ATOM   237 N NH1 . ARG A 1 29 ? 13.350  7.380   2.107   1.00 12.27 ? 26  ARG A NH1 1 
ATOM   238 N NH2 . ARG A 1 29 ? 13.588  5.808   0.431   1.00 11.95 ? 26  ARG A NH2 1 
ATOM   239 N N   . ILE A 1 30 ? 8.808   0.916   3.557   1.00 3.79  ? 27  ILE A N   1 
ATOM   240 C CA  . ILE A 1 30 ? 7.490   1.540   3.667   1.00 3.37  ? 27  ILE A CA  1 
ATOM   241 C C   . ILE A 1 30 ? 6.669   1.041   4.863   1.00 5.67  ? 27  ILE A C   1 
ATOM   242 O O   . ILE A 1 30 ? 5.897   1.817   5.435   1.00 3.40  ? 27  ILE A O   1 
ATOM   243 C CB  . ILE A 1 30 ? 6.666   1.450   2.354   1.00 3.15  ? 27  ILE A CB  1 
ATOM   244 C CG1 . ILE A 1 30 ? 5.545   2.515   2.361   1.00 5.71  ? 27  ILE A CG1 1 
ATOM   245 C CG2 . ILE A 1 30 ? 6.102   0.035   2.163   1.00 3.26  ? 27  ILE A CG2 1 
ATOM   246 C CD1 . ILE A 1 30 ? 4.829   2.724   1.006   1.00 7.08  ? 27  ILE A CD1 1 
ATOM   247 N N   . LEU A 1 31 ? 6.858   -0.229  5.246   1.00 3.43  ? 28  LEU A N   1 
ATOM   248 C CA  . LEU A 1 31 ? 6.065   -0.868  6.312   1.00 4.81  ? 28  LEU A CA  1 
ATOM   249 C C   . LEU A 1 31 ? 5.869   -0.049  7.612   1.00 6.12  ? 28  LEU A C   1 
ATOM   250 O O   . LEU A 1 31 ? 4.734   0.099   8.069   1.00 5.73  ? 28  LEU A O   1 
ATOM   251 C CB  . LEU A 1 31 ? 6.600   -2.271  6.650   1.00 3.71  ? 28  LEU A CB  1 
ATOM   252 C CG  . LEU A 1 31 ? 6.305   -3.424  5.693   1.00 3.67  ? 28  LEU A CG  1 
ATOM   253 C CD1 . LEU A 1 31 ? 6.995   -4.709  6.164   1.00 3.79  ? 28  LEU A CD1 1 
ATOM   254 C CD2 . LEU A 1 31 ? 4.802   -3.657  5.569   1.00 6.93  ? 28  LEU A CD2 1 
ATOM   255 N N   . PRO A 1 32 ? 6.962   0.481   8.209   1.00 4.12  ? 29  PRO A N   1 
ATOM   256 C CA  . PRO A 1 32 ? 6.767   1.164   9.494   1.00 6.53  ? 29  PRO A CA  1 
ATOM   257 C C   . PRO A 1 32 ? 5.939   2.445   9.372   1.00 6.60  ? 29  PRO A C   1 
ATOM   258 O O   . PRO A 1 32 ? 5.456   2.943   10.394  1.00 10.76 ? 29  PRO A O   1 
ATOM   259 C CB  . PRO A 1 32 ? 8.199   1.517   9.932   1.00 5.53  ? 29  PRO A CB  1 
ATOM   260 C CG  . PRO A 1 32 ? 9.105   0.701   9.064   1.00 7.89  ? 29  PRO A CG  1 
ATOM   261 C CD  . PRO A 1 32 ? 8.375   0.524   7.785   1.00 4.50  ? 29  PRO A CD  1 
ATOM   262 N N   . TYR A 1 33 ? 5.794   2.985   8.163   1.00 4.07  ? 30  TYR A N   1 
ATOM   263 C CA  . TYR A 1 33 ? 5.019   4.213   7.978   1.00 8.08  ? 30  TYR A CA  1 
ATOM   264 C C   . TYR A 1 33 ? 3.516   3.972   7.843   1.00 5.60  ? 30  TYR A C   1 
ATOM   265 O O   . TYR A 1 33 ? 2.717   4.894   8.012   1.00 7.21  ? 30  TYR A O   1 
ATOM   266 C CB  . TYR A 1 33 ? 5.525   4.995   6.758   1.00 7.32  ? 30  TYR A CB  1 
ATOM   267 C CG  . TYR A 1 33 ? 6.907   5.571   6.934   1.00 7.69  ? 30  TYR A CG  1 
ATOM   268 C CD1 . TYR A 1 33 ? 7.114   6.697   7.729   1.00 7.67  ? 30  TYR A CD1 1 
ATOM   269 C CD2 . TYR A 1 33 ? 8.006   4.990   6.316   1.00 5.59  ? 30  TYR A CD2 1 
ATOM   270 C CE1 . TYR A 1 33 ? 8.390   7.232   7.899   1.00 9.97  ? 30  TYR A CE1 1 
ATOM   271 C CE2 . TYR A 1 33 ? 9.283   5.520   6.474   1.00 8.14  ? 30  TYR A CE2 1 
ATOM   272 C CZ  . TYR A 1 33 ? 9.463   6.636   7.270   1.00 12.34 ? 30  TYR A CZ  1 
ATOM   273 O OH  . TYR A 1 33 ? 10.719  7.162   7.431   1.00 21.24 ? 30  TYR A OH  1 
ATOM   274 N N   . LEU A 1 34 ? 3.135   2.737   7.520   1.00 3.59  ? 31  LEU A N   1 
ATOM   275 C CA  . LEU A 1 34 ? 1.735   2.402   7.274   1.00 3.44  ? 31  LEU A CA  1 
ATOM   276 C C   . LEU A 1 34 ? 1.021   2.156   8.595   1.00 3.78  ? 31  LEU A C   1 
ATOM   277 O O   . LEU A 1 34 ? 0.889   1.012   9.032   1.00 6.66  ? 31  LEU A O   1 
ATOM   278 C CB  . LEU A 1 34 ? 1.639   1.168   6.362   1.00 3.25  ? 31  LEU A CB  1 
ATOM   279 C CG  . LEU A 1 34 ? 2.225   1.389   4.958   1.00 3.01  ? 31  LEU A CG  1 
ATOM   280 C CD1 . LEU A 1 34 ? 2.527   0.066   4.254   1.00 4.78  ? 31  LEU A CD1 1 
ATOM   281 C CD2 . LEU A 1 34 ? 1.284   2.228   4.096   1.00 5.20  ? 31  LEU A CD2 1 
ATOM   282 N N   . SER A 1 35 ? 0.569   3.234   9.231   1.00 3.96  ? 32  SER A N   1 
ATOM   283 C CA  . SER A 1 35 ? -0.007  3.168   10.576  1.00 4.43  ? 32  SER A CA  1 
ATOM   284 C C   . SER A 1 35 ? -1.310  2.369   10.649  1.00 4.48  ? 32  SER A C   1 
ATOM   285 O O   . SER A 1 35 ? -1.802  2.075   11.740  1.00 4.96  ? 32  SER A O   1 
ATOM   286 C CB  . SER A 1 35 ? -0.202  4.586   11.146  1.00 4.81  ? 32  SER A CB  1 
ATOM   287 O OG  . SER A 1 35 ? -1.100  5.354   10.345  1.00 4.38  ? 32  SER A OG  1 
ATOM   288 N N   . CYS A 1 36 ? -1.875  2.021   9.493   1.00 4.10  ? 33  CYS A N   1 
ATOM   289 C CA  . CYS A 1 36 ? -3.124  1.269   9.472   1.00 4.23  ? 33  CYS A CA  1 
ATOM   290 C C   . CYS A 1 36 ? -2.881  -0.212  9.672   1.00 8.53  ? 33  CYS A C   1 
ATOM   291 O O   . CYS A 1 36 ? -3.804  -0.938  10.006  1.00 5.92  ? 33  CYS A O   1 
ATOM   292 C CB  . CYS A 1 36 ? -3.905  1.492   8.174   1.00 3.87  ? 33  CYS A CB  1 
ATOM   293 S SG  . CYS A 1 36 ? -3.078  0.861   6.699   1.00 7.31  ? 33  CYS A SG  1 
ATOM   294 N N   . LEU A 1 37 ? -1.639  -0.654  9.474   1.00 7.69  ? 34  LEU A N   1 
ATOM   295 C CA  . LEU A 1 37 ? -1.281  -2.051  9.714   1.00 6.40  ? 34  LEU A CA  1 
ATOM   296 C C   . LEU A 1 37 ? -1.175  -2.337  11.217  1.00 11.29 ? 34  LEU A C   1 
ATOM   297 O O   . LEU A 1 37 ? -0.758  -1.477  11.998  1.00 11.10 ? 34  LEU A O   1 
ATOM   298 C CB  . LEU A 1 37 ? 0.045   -2.398  9.014   1.00 5.21  ? 34  LEU A CB  1 
ATOM   299 C CG  . LEU A 1 37 ? 0.026   -2.233  7.494   1.00 4.60  ? 34  LEU A CG  1 
ATOM   300 C CD1 . LEU A 1 37 ? 1.376   -2.586  6.869   1.00 7.18  ? 34  LEU A CD1 1 
ATOM   301 C CD2 . LEU A 1 37 ? -1.074  -3.125  6.909   1.00 11.34 ? 34  LEU A CD2 1 
ATOM   302 N N   . THR A 1 38 ? -1.566  -3.541  11.628  1.00 8.27  ? 35  THR A N   1 
ATOM   303 C CA  . THR A 1 38 ? -1.387  -3.954  13.019  1.00 13.70 ? 35  THR A CA  1 
ATOM   304 C C   . THR A 1 38 ? 0.038   -4.451  13.221  1.00 19.94 ? 35  THR A C   1 
ATOM   305 O O   . THR A 1 38 ? 0.751   -4.723  12.243  1.00 5.83  ? 35  THR A O   1 
ATOM   306 C CB  . THR A 1 38 ? -2.383  -5.049  13.414  1.00 15.79 ? 35  THR A CB  1 
ATOM   307 O OG1 . THR A 1 38 ? -2.197  -6.182  12.559  1.00 15.33 ? 35  THR A OG1 1 
ATOM   308 C CG2 . THR A 1 38 ? -3.816  -4.535  13.266  1.00 10.02 ? 35  THR A CG2 1 
ATOM   309 N N   . THR A 1 39 ? 0.466   -4.557  14.478  1.00 17.82 ? 36  THR A N   1 
ATOM   310 C CA  . THR A 1 39 ? 1.803   -5.074  14.770  1.00 18.76 ? 36  THR A CA  1 
ATOM   311 C C   . THR A 1 39 ? 1.940   -6.485  14.216  1.00 14.91 ? 36  THR A C   1 
ATOM   312 O O   . THR A 1 39 ? 2.995   -6.859  13.703  1.00 16.24 ? 36  THR A O   1 
ATOM   313 C CB  . THR A 1 39 ? 2.102   -5.089  16.276  1.00 28.74 ? 36  THR A CB  1 
ATOM   314 O OG1 . THR A 1 39 ? 0.946   -5.559  16.984  1.00 35.94 ? 36  THR A OG1 1 
ATOM   315 C CG2 . THR A 1 39 ? 2.455   -3.689  16.761  1.00 23.90 ? 36  THR A CG2 1 
ATOM   316 N N   . SER A 1 40 ? 0.856   -7.253  14.312  1.00 14.81 ? 37  SER A N   1 
ATOM   317 C CA  . SER A 1 40 ? 0.790   -8.585  13.726  1.00 17.04 ? 37  SER A CA  1 
ATOM   318 C C   . SER A 1 40 ? 0.951   -8.563  12.203  1.00 16.29 ? 37  SER A C   1 
ATOM   319 O O   . SER A 1 40 ? 1.668   -9.401  11.637  1.00 14.11 ? 37  SER A O   1 
ATOM   320 C CB  . SER A 1 40 ? -0.523  -9.267  14.102  1.00 20.71 ? 37  SER A CB  1 
ATOM   321 O OG  . SER A 1 40 ? -0.700  -10.458 13.355  1.00 25.07 ? 37  SER A OG  1 
ATOM   322 N N   . ASP A 1 41 ? 0.281   -7.612  11.544  1.00 14.44 ? 38  ASP A N   1 
ATOM   323 C CA  . ASP A 1 41 ? 0.447   -7.399  10.105  1.00 10.98 ? 38  ASP A CA  1 
ATOM   324 C C   . ASP A 1 41 ? 1.921   -7.130  9.778   1.00 10.09 ? 38  ASP A C   1 
ATOM   325 O O   . ASP A 1 41 ? 2.488   -7.734  8.862   1.00 7.55  ? 38  ASP A O   1 
ATOM   326 C CB  . ASP A 1 41 ? -0.361  -6.182  9.635   1.00 13.68 ? 38  ASP A CB  1 
ATOM   327 C CG  . ASP A 1 41 ? -1.863  -6.413  9.641   1.00 16.07 ? 38  ASP A CG  1 
ATOM   328 O OD1 . ASP A 1 41 ? -2.313  -7.580  9.711   1.00 18.98 ? 38  ASP A OD1 1 
ATOM   329 O OD2 . ASP A 1 41 ? -2.589  -5.395  9.562   1.00 14.30 ? 38  ASP A OD2 1 
ATOM   330 N N   . GLN A 1 42 ? 2.518   -6.197  10.517  1.00 5.26  ? 39  GLN A N   1 
ATOM   331 C CA  . GLN A 1 42 ? 3.909   -5.810  10.309  1.00 5.05  ? 39  GLN A CA  1 
ATOM   332 C C   . GLN A 1 42 ? 4.799   -7.033  10.412  1.00 8.51  ? 39  GLN A C   1 
ATOM   333 O O   . GLN A 1 42 ? 5.624   -7.279  9.535   1.00 4.97  ? 39  GLN A O   1 
ATOM   334 C CB  . GLN A 1 42 ? 4.342   -4.782  11.357  1.00 15.85 ? 39  GLN A CB  1 
ATOM   335 C CG  . GLN A 1 42 ? 3.573   -3.475  11.320  1.00 17.79 ? 39  GLN A CG  1 
ATOM   336 C CD  . GLN A 1 42 ? 4.116   -2.514  10.285  1.00 18.79 ? 39  GLN A CD  1 
ATOM   337 O OE1 . GLN A 1 42 ? 5.034   -2.851  9.535   1.00 25.16 ? 39  GLN A OE1 1 
ATOM   338 N NE2 . GLN A 1 42 ? 3.558   -1.302  10.245  1.00 15.33 ? 39  GLN A NE2 1 
ATOM   339 N N   . ASP A 1 43 ? 4.615   -7.796  11.488  1.00 5.81  ? 40  ASP A N   1 
ATOM   340 C CA  . ASP A 1 43 ? 5.423   -8.987  11.745  1.00 14.00 ? 40  ASP A CA  1 
ATOM   341 C C   . ASP A 1 43 ? 5.343   -9.960  10.581  1.00 10.66 ? 40  ASP A C   1 
ATOM   342 O O   . ASP A 1 43 ? 6.360   -10.434 10.091  1.00 5.74  ? 40  ASP A O   1 
ATOM   343 C CB  . ASP A 1 43 ? 4.968   -9.687  13.033  1.00 13.70 ? 40  ASP A CB  1 
ATOM   344 C CG  . ASP A 1 43 ? 5.361   -8.923  14.285  1.00 21.00 ? 40  ASP A CG  1 
ATOM   345 O OD1 . ASP A 1 43 ? 6.236   -8.034  14.191  1.00 24.79 ? 40  ASP A OD1 1 
ATOM   346 O OD2 . ASP A 1 43 ? 4.807   -9.226  15.365  1.00 24.17 ? 40  ASP A OD2 1 
ATOM   347 N N   . ARG A 1 44 ? 4.121   -10.247 10.149  1.00 9.72  ? 41  ARG A N   1 
ATOM   348 C CA  . ARG A 1 44 ? 3.881   -11.182 9.056   1.00 7.81  ? 41  ARG A CA  1 
ATOM   349 C C   . ARG A 1 44 ? 4.460   -10.697 7.723   1.00 5.23  ? 41  ARG A C   1 
ATOM   350 O O   . ARG A 1 44 ? 5.046   -11.475 6.962   1.00 5.20  ? 41  ARG A O   1 
ATOM   351 C CB  . ARG A 1 44 ? 2.380   -11.444 8.910   1.00 6.89  ? 41  ARG A CB  1 
ATOM   352 C CG  . ARG A 1 44 ? 2.038   -12.315 7.735   1.00 7.45  ? 41  ARG A CG  1 
ATOM   353 C CD  . ARG A 1 44 ? 0.549   -12.628 7.669   1.00 7.04  ? 41  ARG A CD  1 
ATOM   354 N NE  . ARG A 1 44 ? -0.273  -11.429 7.503   1.00 6.10  ? 41  ARG A NE  1 
ATOM   355 C CZ  . ARG A 1 44 ? -0.511  -10.824 6.340   1.00 8.19  ? 41  ARG A CZ  1 
ATOM   356 N NH1 . ARG A 1 44 ? 0.023   -11.289 5.215   1.00 8.73  ? 41  ARG A NH1 1 
ATOM   357 N NH2 . ARG A 1 44 ? -1.280  -9.740  6.300   1.00 6.27  ? 41  ARG A NH2 1 
ATOM   358 N N   . LEU A 1 45 ? 4.303   -9.410  7.436   1.00 6.14  ? 42  LEU A N   1 
ATOM   359 C CA  . LEU A 1 45 ? 4.808   -8.865  6.182   1.00 4.43  ? 42  LEU A CA  1 
ATOM   360 C C   . LEU A 1 45 ? 6.350   -8.797  6.129   1.00 5.16  ? 42  LEU A C   1 
ATOM   361 O O   . LEU A 1 45 ? 6.938   -9.024  5.072   1.00 4.20  ? 42  LEU A O   1 
ATOM   362 C CB  . LEU A 1 45 ? 4.156   -7.511  5.864   1.00 4.13  ? 42  LEU A CB  1 
ATOM   363 C CG  . LEU A 1 45 ? 2.674   -7.603  5.473   1.00 4.18  ? 42  LEU A CG  1 
ATOM   364 C CD1 . LEU A 1 45 ? 2.013   -6.220  5.527   1.00 3.95  ? 42  LEU A CD1 1 
ATOM   365 C CD2 . LEU A 1 45 ? 2.509   -8.208  4.075   1.00 4.14  ? 42  LEU A CD2 1 
ATOM   366 N N   . ARG A 1 46 ? 7.008   -8.501  7.251   1.00 4.52  ? 43  ARG A N   1 
ATOM   367 C CA  . ARG A 1 46 ? 8.475   -8.568  7.277   1.00 4.58  ? 43  ARG A CA  1 
ATOM   368 C C   . ARG A 1 46 ? 8.976   -9.993  7.027   1.00 4.74  ? 43  ARG A C   1 
ATOM   369 O O   . ARG A 1 46 ? 9.956   -10.198 6.293   1.00 4.65  ? 43  ARG A O   1 
ATOM   370 C CB  . ARG A 1 46 ? 9.050   -8.015  8.584   1.00 6.06  ? 43  ARG A CB  1 
ATOM   371 C CG  . ARG A 1 46 ? 9.000   -6.491  8.682   1.00 6.60  ? 43  ARG A CG  1 
ATOM   372 C CD  . ARG A 1 46 ? 9.822   -5.963  9.862   1.00 9.86  ? 43  ARG A CD  1 
ATOM   373 N NE  . ARG A 1 46 ? 9.615   -6.735  11.084  1.00 15.41 ? 43  ARG A NE  1 
ATOM   374 C CZ  . ARG A 1 46 ? 8.710   -6.451  12.017  1.00 22.87 ? 43  ARG A CZ  1 
ATOM   375 N NH1 . ARG A 1 46 ? 8.607   -7.216  13.097  1.00 21.14 ? 43  ARG A NH1 1 
ATOM   376 N NH2 . ARG A 1 46 ? 7.907   -5.406  11.872  1.00 23.80 ? 43  ARG A NH2 1 
ATOM   377 N N   . ALA A 1 47 ? 8.292   -10.974 7.614   1.00 5.07  ? 44  ALA A N   1 
ATOM   378 C CA  . ALA A 1 47 ? 8.658   -12.374 7.422   1.00 5.32  ? 44  ALA A CA  1 
ATOM   379 C C   . ALA A 1 47 ? 8.329   -12.836 5.995   1.00 5.15  ? 44  ALA A C   1 
ATOM   380 O O   . ALA A 1 47 ? 9.063   -13.627 5.405   1.00 5.23  ? 44  ALA A O   1 
ATOM   381 C CB  . ALA A 1 47 ? 7.973   -13.255 8.447   1.00 5.83  ? 44  ALA A CB  1 
ATOM   382 N N   . THR A 1 48 ? 7.234   -12.324 5.435   1.00 6.26  ? 45  THR A N   1 
ATOM   383 C CA  . THR A 1 48 ? 6.891   -12.603 4.035   1.00 6.67  ? 45  THR A CA  1 
ATOM   384 C C   . THR A 1 48 ? 7.966   -12.049 3.090   1.00 4.62  ? 45  THR A C   1 
ATOM   385 O O   . THR A 1 48 ? 8.400   -12.727 2.145   1.00 4.74  ? 45  THR A O   1 
ATOM   386 C CB  . THR A 1 48 ? 5.532   -11.981 3.654   1.00 5.62  ? 45  THR A CB  1 
ATOM   387 O OG1 . THR A 1 48 ? 4.521   -12.467 4.545   1.00 5.12  ? 45  THR A OG1 1 
ATOM   388 C CG2 . THR A 1 48 ? 5.152   -12.332 2.228   1.00 8.52  ? 45  THR A CG2 1 
ATOM   389 N N   . TYR A 1 49 ? 8.381   -10.811 3.342   1.00 4.35  ? 46  TYR A N   1 
ATOM   390 C CA  . TYR A 1 49 ? 9.444   -10.188 2.563   1.00 4.20  ? 46  TYR A CA  1 
ATOM   391 C C   . TYR A 1 49 ? 10.689  -11.065 2.539   1.00 4.68  ? 46  TYR A C   1 
ATOM   392 O O   . TYR A 1 49 ? 11.252  -11.328 1.473   1.00 4.46  ? 46  TYR A O   1 
ATOM   393 C CB  . TYR A 1 49 ? 9.794   -8.793  3.111   1.00 4.02  ? 46  TYR A CB  1 
ATOM   394 C CG  . TYR A 1 49 ? 10.875  -8.106  2.303   1.00 4.23  ? 46  TYR A CG  1 
ATOM   395 C CD1 . TYR A 1 49 ? 10.552  -7.320  1.201   1.00 4.96  ? 46  TYR A CD1 1 
ATOM   396 C CD2 . TYR A 1 49 ? 12.219  -8.266  2.628   1.00 4.14  ? 46  TYR A CD2 1 
ATOM   397 C CE1 . TYR A 1 49 ? 11.540  -6.709  0.450   1.00 4.96  ? 46  TYR A CE1 1 
ATOM   398 C CE2 . TYR A 1 49 ? 13.212  -7.659  1.884   1.00 4.20  ? 46  TYR A CE2 1 
ATOM   399 C CZ  . TYR A 1 49 ? 12.869  -6.878  0.798   1.00 6.62  ? 46  TYR A CZ  1 
ATOM   400 O OH  . TYR A 1 49 ? 13.864  -6.276  0.061   1.00 9.54  ? 46  TYR A OH  1 
ATOM   401 N N   . GLU A 1 50 ? 11.124  -11.508 3.713   1.00 4.57  ? 47  GLU A N   1 
ATOM   402 C CA  . GLU A 1 50 ? 12.368  -12.268 3.805   1.00 4.78  ? 47  GLU A CA  1 
ATOM   403 C C   . GLU A 1 50 ? 12.333  -13.498 2.899   1.00 4.96  ? 47  GLU A C   1 
ATOM   404 O O   . GLU A 1 50 ? 13.310  -13.803 2.211   1.00 5.05  ? 47  GLU A O   1 
ATOM   405 C CB  . GLU A 1 50 ? 12.651  -12.687 5.250   1.00 5.04  ? 47  GLU A CB  1 
ATOM   406 C CG  . GLU A 1 50 ? 13.922  -13.526 5.394   1.00 9.08  ? 47  GLU A CG  1 
ATOM   407 C CD  . GLU A 1 50 ? 14.213  -13.906 6.836   1.00 13.02 ? 47  GLU A CD  1 
ATOM   408 O OE1 . GLU A 1 50 ? 14.181  -13.013 7.706   1.00 17.31 ? 47  GLU A OE1 1 
ATOM   409 O OE2 . GLU A 1 50 ? 14.474  -15.098 7.103   1.00 15.13 ? 47  GLU A OE2 1 
ATOM   410 N N   . ARG A 1 51 ? 11.183  -14.171 2.878   1.00 5.08  ? 48  ARG A N   1 
ATOM   411 C CA  . ARG A 1 51 ? 11.022  -15.413 2.132   1.00 5.38  ? 48  ARG A CA  1 
ATOM   412 C C   . ARG A 1 51 ? 10.771  -15.206 0.631   1.00 5.35  ? 48  ARG A C   1 
ATOM   413 O O   . ARG A 1 51 ? 11.393  -15.869 -0.211  1.00 5.58  ? 48  ARG A O   1 
ATOM   414 C CB  . ARG A 1 51 ? 9.892   -16.254 2.752   1.00 5.68  ? 48  ARG A CB  1 
ATOM   415 C CG  . ARG A 1 51 ? 9.682   -17.599 2.070   1.00 6.11  ? 48  ARG A CG  1 
ATOM   416 C CD  . ARG A 1 51 ? 8.838   -18.551 2.921   1.00 6.56  ? 48  ARG A CD  1 
ATOM   417 N NE  . ARG A 1 51 ? 8.735   -19.858 2.276   1.00 7.06  ? 48  ARG A NE  1 
ATOM   418 C CZ  . ARG A 1 51 ? 8.489   -20.996 2.911   1.00 14.73 ? 48  ARG A CZ  1 
ATOM   419 N NH1 . ARG A 1 51 ? 8.311   -20.996 4.226   1.00 15.63 ? 48  ARG A NH1 1 
ATOM   420 N NH2 . ARG A 1 51 ? 8.410   -22.131 2.221   1.00 12.26 ? 48  ARG A NH2 1 
ATOM   421 N N   . TRP A 1 52 ? 9.858   -14.289 0.301   1.00 5.41  ? 49  TRP A N   1 
ATOM   422 C CA  . TRP A 1 52 ? 9.385   -14.135 -1.084  1.00 5.23  ? 49  TRP A CA  1 
ATOM   423 C C   . TRP A 1 52 ? 9.966   -12.937 -1.830  1.00 6.99  ? 49  TRP A C   1 
ATOM   424 O O   . TRP A 1 52 ? 9.885   -12.867 -3.059  1.00 6.94  ? 49  TRP A O   1 
ATOM   425 C CB  . TRP A 1 52 ? 7.847   -14.102 -1.150  1.00 5.30  ? 49  TRP A CB  1 
ATOM   426 C CG  . TRP A 1 52 ? 7.212   -15.461 -0.950  1.00 5.75  ? 49  TRP A CG  1 
ATOM   427 C CD1 . TRP A 1 52 ? 7.037   -16.431 -1.893  1.00 6.23  ? 49  TRP A CD1 1 
ATOM   428 C CD2 . TRP A 1 52 ? 6.683   -15.987 0.276   1.00 5.89  ? 49  TRP A CD2 1 
ATOM   429 N NE1 . TRP A 1 52 ? 6.421   -17.531 -1.334  1.00 6.82  ? 49  TRP A NE1 1 
ATOM   430 C CE2 . TRP A 1 52 ? 6.192   -17.285 -0.005  1.00 6.45  ? 49  TRP A CE2 1 
ATOM   431 C CE3 . TRP A 1 52 ? 6.571   -15.490 1.577   1.00 5.69  ? 49  TRP A CE3 1 
ATOM   432 C CZ2 . TRP A 1 52 ? 5.601   -18.087 0.972   1.00 6.82  ? 49  TRP A CZ2 1 
ATOM   433 C CZ3 . TRP A 1 52 ? 5.981   -16.284 2.547   1.00 6.06  ? 49  TRP A CZ3 1 
ATOM   434 C CH2 . TRP A 1 52 ? 5.498   -17.572 2.236   1.00 10.41 ? 49  TRP A CH2 1 
ATOM   435 N N   . GLY A 1 53 ? 10.556  -11.991 -1.112  1.00 4.71  ? 50  GLY A N   1 
ATOM   436 C CA  . GLY A 1 53 ? 11.181  -10.872 -1.787  1.00 5.53  ? 50  GLY A CA  1 
ATOM   437 C C   . GLY A 1 53 ? 10.203  -9.741  -2.054  1.00 7.67  ? 50  GLY A C   1 
ATOM   438 O O   . GLY A 1 53 ? 9.005   -9.853  -1.767  1.00 4.34  ? 50  GLY A O   1 
ATOM   439 N N   . ASN A 1 54 ? 10.711  -8.651  -2.619  1.00 4.37  ? 51  ASN A N   1 
ATOM   440 C CA  . ASN A 1 54 ? 9.937   -7.419  -2.726  1.00 4.17  ? 51  ASN A CA  1 
ATOM   441 C C   . ASN A 1 54 ? 8.687   -7.534  -3.598  1.00 6.25  ? 51  ASN A C   1 
ATOM   442 O O   . ASN A 1 54 ? 7.589   -7.133  -3.199  1.00 4.32  ? 51  ASN A O   1 
ATOM   443 C CB  . ASN A 1 54 ? 10.823  -6.278  -3.246  1.00 8.61  ? 51  ASN A CB  1 
ATOM   444 C CG  . ASN A 1 54 ? 10.240  -4.913  -2.943  1.00 6.30  ? 51  ASN A CG  1 
ATOM   445 O OD1 . ASN A 1 54 ? 10.253  -4.471  -1.785  1.00 7.45  ? 51  ASN A OD1 1 
ATOM   446 N ND2 . ASN A 1 54 ? 9.719   -4.234  -3.979  1.00 4.13  ? 51  ASN A ND2 1 
ATOM   447 N N   . GLN A 1 55 ? 8.860   -8.090  -4.791  1.00 4.63  ? 52  GLN A N   1 
ATOM   448 C CA  . GLN A 1 55 ? 7.805   -8.084  -5.793  1.00 6.75  ? 52  GLN A CA  1 
ATOM   449 C C   . GLN A 1 55 ? 6.554   -8.850  -5.336  1.00 7.49  ? 52  GLN A C   1 
ATOM   450 O O   . GLN A 1 55 ? 5.449   -8.315  -5.392  1.00 4.80  ? 52  GLN A O   1 
ATOM   451 C CB  . GLN A 1 55 ? 8.354   -8.619  -7.119  1.00 10.79 ? 52  GLN A CB  1 
ATOM   452 C CG  . GLN A 1 55 ? 7.332   -8.779  -8.226  1.00 24.49 ? 52  GLN A CG  1 
ATOM   453 C CD  . GLN A 1 55 ? 7.934   -9.416  -9.469  1.00 30.69 ? 52  GLN A CD  1 
ATOM   454 O OE1 . GLN A 1 55 ? 8.105   -10.637 -9.536  1.00 32.60 ? 52  GLN A OE1 1 
ATOM   455 N NE2 . GLN A 1 55 ? 8.267   -8.590  -10.456 1.00 32.22 ? 52  GLN A NE2 1 
ATOM   456 N N   . ASP A 1 56 ? 6.720   -10.083 -4.860  1.00 5.68  ? 53  ASP A N   1 
ATOM   457 C CA  . ASP A 1 56 ? 5.570   -10.852 -4.385  1.00 7.57  ? 53  ASP A CA  1 
ATOM   458 C C   . ASP A 1 56 ? 4.986   -10.289 -3.091  1.00 8.40  ? 53  ASP A C   1 
ATOM   459 O O   . ASP A 1 56 ? 3.766   -10.313 -2.898  1.00 9.92  ? 53  ASP A O   1 
ATOM   460 C CB  . ASP A 1 56 ? 5.914   -12.338 -4.223  1.00 7.25  ? 53  ASP A CB  1 
ATOM   461 C CG  . ASP A 1 56 ? 6.050   -13.054 -5.560  1.00 14.68 ? 53  ASP A CG  1 
ATOM   462 O OD1 . ASP A 1 56 ? 5.337   -12.679 -6.515  0.70 13.67 ? 53  ASP A OD1 1 
ATOM   463 O OD2 . ASP A 1 56 ? 6.865   -13.997 -5.655  1.00 25.12 ? 53  ASP A OD2 1 
ATOM   464 N N   . THR A 1 57 ? 5.850   -9.774  -2.217  1.00 7.73  ? 54  THR A N   1 
ATOM   465 C CA  . THR A 1 57 ? 5.403   -9.204  -0.941  1.00 4.14  ? 54  THR A CA  1 
ATOM   466 C C   . THR A 1 57 ? 4.640   -7.896  -1.153  1.00 3.92  ? 54  THR A C   1 
ATOM   467 O O   . THR A 1 57 ? 3.725   -7.556  -0.399  1.00 3.83  ? 54  THR A O   1 
ATOM   468 C CB  . THR A 1 57 ? 6.592   -9.001  0.021   1.00 3.99  ? 54  THR A CB  1 
ATOM   469 O OG1 . THR A 1 57 ? 7.308   -10.238 0.118   1.00 4.23  ? 54  THR A OG1 1 
ATOM   470 C CG2 . THR A 1 57 ? 6.113   -8.600  1.412   1.00 6.86  ? 54  THR A CG2 1 
ATOM   471 N N   . LEU A 1 58 ? 4.999   -7.175  -2.205  1.00 3.91  ? 55  LEU A N   1 
ATOM   472 C CA  . LEU A 1 58 ? 4.280   -5.965  -2.546  1.00 6.18  ? 55  LEU A CA  1 
ATOM   473 C C   . LEU A 1 58 ? 2.829   -6.298  -2.922  1.00 6.29  ? 55  LEU A C   1 
ATOM   474 O O   . LEU A 1 58 ? 1.901   -5.573  -2.545  1.00 6.22  ? 55  LEU A O   1 
ATOM   475 C CB  . LEU A 1 58 ? 5.002   -5.229  -3.675  1.00 8.01  ? 55  LEU A CB  1 
ATOM   476 C CG  . LEU A 1 58 ? 4.497   -3.826  -3.988  1.00 13.78 ? 55  LEU A CG  1 
ATOM   477 C CD1 . LEU A 1 58 ? 4.617   -2.931  -2.760  1.00 9.22  ? 55  LEU A CD1 1 
ATOM   478 C CD2 . LEU A 1 58 ? 5.279   -3.246  -5.169  1.00 18.65 ? 55  LEU A CD2 1 
ATOM   479 N N   . LEU A 1 59 ? 2.626   -7.395  -3.653  1.00 6.25  ? 56  LEU A N   1 
ATOM   480 C CA  . LEU A 1 59 ? 1.271   -7.831  -3.981  1.00 6.72  ? 56  LEU A CA  1 
ATOM   481 C C   . LEU A 1 59 ? 0.507   -8.111  -2.687  1.00 6.26  ? 56  LEU A C   1 
ATOM   482 O O   . LEU A 1 59 ? -0.638  -7.669  -2.500  1.00 5.56  ? 56  LEU A O   1 
ATOM   483 C CB  . LEU A 1 59 ? 1.302   -9.077  -4.863  1.00 9.61  ? 56  LEU A CB  1 
ATOM   484 C CG  . LEU A 1 59 ? 1.773   -8.871  -6.309  1.00 17.91 ? 56  LEU A CG  1 
ATOM   485 C CD1 . LEU A 1 59 ? 2.005   -10.199 -7.006  1.00 20.10 ? 56  LEU A CD1 1 
ATOM   486 C CD2 . LEU A 1 59 ? 0.771   -8.040  -7.100  1.00 18.88 ? 56  LEU A CD2 1 
ATOM   487 N N   . GLU A 1 60 ? 1.158   -8.830  -1.778  1.00 4.52  ? 57  GLU A N   1 
ATOM   488 C CA  . GLU A 1 60 ? 0.540   -9.179  -0.509  1.00 4.57  ? 57  GLU A CA  1 
ATOM   489 C C   . GLU A 1 60 ? 0.288   -7.933  0.344   1.00 4.21  ? 57  GLU A C   1 
ATOM   490 O O   . GLU A 1 60 ? -0.708  -7.847  1.068   1.00 5.50  ? 57  GLU A O   1 
ATOM   491 C CB  . GLU A 1 60 ? 1.398   -10.220 0.223   1.00 4.71  ? 57  GLU A CB  1 
ATOM   492 C CG  . GLU A 1 60 ? 0.895   -10.614 1.608   1.00 4.88  ? 57  GLU A CG  1 
ATOM   493 C CD  . GLU A 1 60 ? -0.526  -11.147 1.604   1.00 9.76  ? 57  GLU A CD  1 
ATOM   494 O OE1 . GLU A 1 60 ? -0.984  -11.695 0.570   1.00 10.61 ? 57  GLU A OE1 1 
ATOM   495 O OE2 . GLU A 1 60 ? -1.193  -11.017 2.656   1.00 11.56 ? 57  GLU A OE2 1 
ATOM   496 N N   . LEU A 1 61 ? 1.180   -6.958  0.236   1.00 6.74  ? 58  LEU A N   1 
ATOM   497 C CA  . LEU A 1 61 ? 1.035   -5.710  0.981   1.00 7.26  ? 58  LEU A CA  1 
ATOM   498 C C   . LEU A 1 61 ? -0.268  -4.980  0.621   1.00 5.22  ? 58  LEU A C   1 
ATOM   499 O O   . LEU A 1 61 ? -0.996  -4.510  1.500   1.00 6.01  ? 58  LEU A O   1 
ATOM   500 C CB  . LEU A 1 61 ? 2.241   -4.795  0.739   1.00 3.33  ? 58  LEU A CB  1 
ATOM   501 C CG  . LEU A 1 61 ? 2.175   -3.410  1.406   1.00 4.50  ? 58  LEU A CG  1 
ATOM   502 C CD1 . LEU A 1 61 ? 2.003   -3.551  2.918   1.00 7.22  ? 58  LEU A CD1 1 
ATOM   503 C CD2 . LEU A 1 61 ? 3.414   -2.571  1.091   1.00 6.04  ? 58  LEU A CD2 1 
ATOM   504 N N   . PHE A 1 62 ? -0.570  -4.900  -0.672  1.00 3.65  ? 59  PHE A N   1 
ATOM   505 C CA  . PHE A 1 62 ? -1.766  -4.175  -1.105  1.00 3.68  ? 59  PHE A CA  1 
ATOM   506 C C   . PHE A 1 62 ? -3.046  -4.870  -0.661  1.00 3.98  ? 59  PHE A C   1 
ATOM   507 O O   . PHE A 1 62 ? -3.982  -4.216  -0.182  1.00 4.12  ? 59  PHE A O   1 
ATOM   508 C CB  . PHE A 1 62 ? -1.740  -3.912  -2.619  1.00 6.73  ? 59  PHE A CB  1 
ATOM   509 C CG  . PHE A 1 62 ? -0.712  -2.876  -3.038  1.00 8.30  ? 59  PHE A CG  1 
ATOM   510 C CD1 . PHE A 1 62 ? -0.663  -1.630  -2.408  1.00 3.27  ? 59  PHE A CD1 1 
ATOM   511 C CD2 . PHE A 1 62 ? 0.206   -3.149  -4.048  1.00 9.90  ? 59  PHE A CD2 1 
ATOM   512 C CE1 . PHE A 1 62 ? 0.279   -0.665  -2.787  1.00 3.17  ? 59  PHE A CE1 1 
ATOM   513 C CE2 . PHE A 1 62 ? 1.157   -2.193  -4.438  1.00 6.81  ? 59  PHE A CE2 1 
ATOM   514 C CZ  . PHE A 1 62 ? 1.194   -0.953  -3.800  1.00 5.14  ? 59  PHE A CZ  1 
ATOM   515 N N   . THR A 1 63 ? -3.096  -6.195  -0.782  1.00 4.35  ? 60  THR A N   1 
ATOM   516 C CA  . THR A 1 63 ? -4.285  -6.909  -0.305  1.00 7.30  ? 60  THR A CA  1 
ATOM   517 C C   . THR A 1 63 ? -4.371  -6.862  1.224   1.00 6.03  ? 60  THR A C   1 
ATOM   518 O O   . THR A 1 63 ? -5.468  -6.856  1.795   1.00 5.81  ? 60  THR A O   1 
ATOM   519 C CB  . THR A 1 63 ? -4.411  -8.353  -0.888  1.00 11.02 ? 60  THR A CB  1 
ATOM   520 O OG1 . THR A 1 63 ? -3.316  -9.154  -0.456  1.00 12.47 ? 60  THR A OG1 1 
ATOM   521 C CG2 . THR A 1 63 ? -4.395  -8.312  -2.399  1.00 14.04 ? 60  THR A CG2 1 
ATOM   522 N N   . SER A 1 64 ? -3.222  -6.800  1.891   1.00 4.47  ? 61  SER A N   1 
ATOM   523 C CA  . SER A 1 64 ? -3.221  -6.626  3.344   1.00 4.49  ? 61  SER A CA  1 
ATOM   524 C C   . SER A 1 64 ? -3.733  -5.241  3.737   1.00 4.24  ? 61  SER A C   1 
ATOM   525 O O   . SER A 1 64 ? -4.510  -5.101  4.685   1.00 6.78  ? 61  SER A O   1 
ATOM   526 C CB  . SER A 1 64 ? -1.824  -6.858  3.931   1.00 5.86  ? 61  SER A CB  1 
ATOM   527 O OG  . SER A 1 64 ? -1.460  -8.221  3.804   1.00 8.82  ? 61  SER A OG  1 
ATOM   528 N N   . LEU A 1 65 ? -3.287  -4.219  3.012   1.00 3.85  ? 62  LEU A N   1 
ATOM   529 C CA  . LEU A 1 65 ? -3.720  -2.847  3.278   1.00 5.14  ? 62  LEU A CA  1 
ATOM   530 C C   . LEU A 1 65 ? -5.236  -2.728  3.128   1.00 3.85  ? 62  LEU A C   1 
ATOM   531 O O   . LEU A 1 65 ? -5.918  -2.145  3.965   1.00 4.20  ? 62  LEU A O   1 
ATOM   532 C CB  . LEU A 1 65 ? -3.002  -1.868  2.337   1.00 3.28  ? 62  LEU A CB  1 
ATOM   533 C CG  . LEU A 1 65 ? -1.548  -1.508  2.690   1.00 3.10  ? 62  LEU A CG  1 
ATOM   534 C CD1 . LEU A 1 65 ? -0.896  -0.745  1.541   1.00 3.74  ? 62  LEU A CD1 1 
ATOM   535 C CD2 . LEU A 1 65 ? -1.487  -0.678  3.975   1.00 3.09  ? 62  LEU A CD2 1 
ATOM   536 N N   . ARG A 1 66 ? -5.755  -3.342  2.073   1.00 4.04  ? 63  ARG A N   1 
ATOM   537 C CA  . ARG A 1 66 ? -7.165  -3.242  1.711   1.00 4.31  ? 63  ARG A CA  1 
ATOM   538 C C   . ARG A 1 66 ? -8.127  -3.732  2.816   1.00 9.67  ? 63  ARG A C   1 
ATOM   539 O O   . ARG A 1 66 ? -9.281  -3.291  2.889   1.00 5.45  ? 63  ARG A O   1 
ATOM   540 C CB  . ARG A 1 66 ? -7.390  -4.011  0.398   1.00 4.59  ? 63  ARG A CB  1 
ATOM   541 C CG  . ARG A 1 66 ? -8.796  -3.953  -0.148  1.00 16.07 ? 63  ARG A CG  1 
ATOM   542 C CD  . ARG A 1 66 ? -8.998  -4.994  -1.228  1.00 22.89 ? 63  ARG A CD  1 
ATOM   543 N NE  . ARG A 1 66 ? -10.092 -4.619  -2.115  1.00 36.09 ? 63  ARG A NE  1 
ATOM   544 C CZ  . ARG A 1 66 ? -10.485 -5.335  -3.161  1.00 45.11 ? 63  ARG A CZ  1 
ATOM   545 N NH1 . ARG A 1 66 ? -11.493 -4.911  -3.915  1.00 48.52 ? 63  ARG A NH1 1 
ATOM   546 N NH2 . ARG A 1 66 ? -9.869  -6.475  -3.448  1.00 47.63 ? 63  ARG A NH2 1 
ATOM   547 N N   . ARG A 1 67 ? -7.644  -4.622  3.682   1.00 4.94  ? 64  ARG A N   1 
ATOM   548 C CA  . ARG A 1 67 ? -8.425  -5.114  4.819   1.00 5.45  ? 64  ARG A CA  1 
ATOM   549 C C   . ARG A 1 67 ? -8.467  -4.130  6.000   1.00 5.35  ? 64  ARG A C   1 
ATOM   550 O O   . ARG A 1 67 ? -9.203  -4.344  6.966   1.00 9.11  ? 64  ARG A O   1 
ATOM   551 C CB  . ARG A 1 67 ? -7.846  -6.444  5.326   1.00 12.46 ? 64  ARG A CB  1 
ATOM   552 C CG  . ARG A 1 67 ? -7.975  -7.624  4.369   1.00 19.56 ? 64  ARG A CG  1 
ATOM   553 C CD  . ARG A 1 67 ? -7.524  -8.955  5.021   1.00 16.63 ? 64  ARG A CD  1 
ATOM   554 N NE  . ARG A 1 67 ? -6.131  -9.276  4.710   1.00 22.50 ? 64  ARG A NE  1 
ATOM   555 C CZ  . ARG A 1 67 ? -5.742  -9.906  3.605   1.00 23.17 ? 64  ARG A CZ  1 
ATOM   556 N NH1 . ARG A 1 67 ? -4.450  -10.159 3.395   1.00 23.91 ? 64  ARG A NH1 1 
ATOM   557 N NH2 . ARG A 1 67 ? -6.651  -10.285 2.712   1.00 19.07 ? 64  ARG A NH2 1 
ATOM   558 N N   . ARG A 1 68 ? -7.679  -3.063  5.944   1.00 4.83  ? 65  ARG A N   1 
ATOM   559 C CA  . ARG A 1 68 ? -7.558  -2.174  7.105   1.00 4.83  ? 65  ARG A CA  1 
ATOM   560 C C   . ARG A 1 68 ? -8.193  -0.799  6.903   1.00 4.59  ? 65  ARG A C   1 
ATOM   561 O O   . ARG A 1 68 ? -8.198  -0.249  5.793   1.00 4.24  ? 65  ARG A O   1 
ATOM   562 C CB  . ARG A 1 68 ? -6.082  -2.004  7.506   1.00 4.58  ? 65  ARG A CB  1 
ATOM   563 C CG  . ARG A 1 68 ? -5.363  -3.317  7.864   1.00 4.84  ? 65  ARG A CG  1 
ATOM   564 C CD  . ARG A 1 68 ? -5.918  -3.939  9.139   1.00 5.48  ? 65  ARG A CD  1 
ATOM   565 N NE  . ARG A 1 68 ? -5.221  -5.182  9.481   1.00 12.38 ? 65  ARG A NE  1 
ATOM   566 C CZ  . ARG A 1 68 ? -5.793  -6.384  9.525   1.00 18.06 ? 65  ARG A CZ  1 
ATOM   567 N NH1 . ARG A 1 68 ? -5.070  -7.459  9.839   1.00 15.23 ? 65  ARG A NH1 1 
ATOM   568 N NH2 . ARG A 1 68 ? -7.092  -6.512  9.268   1.00 15.47 ? 65  ARG A NH2 1 
ATOM   569 N N   . ASN A 1 69 ? -8.705  -0.243  7.997   1.00 4.86  ? 66  ASN A N   1 
ATOM   570 C CA  . ASN A 1 69 ? -9.239  1.117   8.020   1.00 7.50  ? 66  ASN A CA  1 
ATOM   571 C C   . ASN A 1 69 ? -8.297  2.159   7.417   1.00 5.82  ? 66  ASN A C   1 
ATOM   572 O O   . ASN A 1 69 ? -7.113  2.220   7.777   1.00 9.74  ? 66  ASN A O   1 
ATOM   573 C CB  . ASN A 1 69 ? -9.554  1.516   9.475   1.00 12.74 ? 66  ASN A CB  1 
ATOM   574 C CG  . ASN A 1 69 ? -9.797  3.022   9.637   1.00 20.04 ? 66  ASN A CG  1 
ATOM   575 O OD1 . ASN A 1 69 ? -8.855  3.821   9.792   1.00 15.84 ? 66  ASN A OD1 1 
ATOM   576 N ND2 . ASN A 1 69 ? -11.069 3.413   9.617   1.00 18.06 ? 66  ASN A ND2 1 
ATOM   577 N N   . GLY A 1 70 ? -8.822  2.971   6.497   1.00 3.91  ? 67  GLY A N   1 
ATOM   578 C CA  . GLY A 1 70 ? -8.127  4.153   6.012   1.00 6.73  ? 67  GLY A CA  1 
ATOM   579 C C   . GLY A 1 70 ? -6.795  3.917   5.320   1.00 6.43  ? 67  GLY A C   1 
ATOM   580 O O   . GLY A 1 70 ? -5.924  4.795   5.321   1.00 3.09  ? 67  GLY A O   1 
ATOM   581 N N   . TRP A 1 71 ? -6.642  2.737   4.722   1.00 5.30  ? 68  TRP A N   1 
ATOM   582 C CA  . TRP A 1 71 ? -5.385  2.348   4.093   1.00 5.10  ? 68  TRP A CA  1 
ATOM   583 C C   . TRP A 1 71 ? -4.953  3.284   2.974   1.00 2.83  ? 68  TRP A C   1 
ATOM   584 O O   . TRP A 1 71 ? -3.757  3.457   2.746   1.00 2.71  ? 68  TRP A O   1 
ATOM   585 C CB  . TRP A 1 71 ? -5.467  0.918   3.551   1.00 3.23  ? 68  TRP A CB  1 
ATOM   586 C CG  . TRP A 1 71 ? -6.408  0.749   2.386   1.00 3.30  ? 68  TRP A CG  1 
ATOM   587 C CD1 . TRP A 1 71 ? -7.738  0.440   2.448   1.00 4.24  ? 68  TRP A CD1 1 
ATOM   588 C CD2 . TRP A 1 71 ? -6.077  0.831   0.988   1.00 3.20  ? 68  TRP A CD2 1 
ATOM   589 N NE1 . TRP A 1 71 ? -8.262  0.342   1.172   1.00 4.18  ? 68  TRP A NE1 1 
ATOM   590 C CE2 . TRP A 1 71 ? -7.267  0.579   0.262   1.00 3.76  ? 68  TRP A CE2 1 
ATOM   591 C CE3 . TRP A 1 71 ? -4.902  1.119   0.282   1.00 3.89  ? 68  TRP A CE3 1 
ATOM   592 C CZ2 . TRP A 1 71 ? -7.306  0.591   -1.133  1.00 4.04  ? 68  TRP A CZ2 1 
ATOM   593 C CZ3 . TRP A 1 71 ? -4.940  1.130   -1.105  1.00 3.27  ? 68  TRP A CZ3 1 
ATOM   594 C CH2 . TRP A 1 71 ? -6.133  0.867   -1.798  1.00 3.49  ? 68  TRP A CH2 1 
ATOM   595 N N   . VAL A 1 72 ? -5.910  3.880   2.263   1.00 2.82  ? 69  VAL A N   1 
ATOM   596 C CA  . VAL A 1 72 ? -5.540  4.765   1.159   1.00 3.29  ? 69  VAL A CA  1 
ATOM   597 C C   . VAL A 1 72 ? -4.711  5.953   1.664   1.00 3.36  ? 69  VAL A C   1 
ATOM   598 O O   . VAL A 1 72 ? -3.660  6.271   1.122   1.00 2.54  ? 69  VAL A O   1 
ATOM   599 C CB  . VAL A 1 72 ? -6.765  5.244   0.356   1.00 3.21  ? 69  VAL A CB  1 
ATOM   600 C CG1 . VAL A 1 72 ? -6.352  6.299   -0.664  1.00 2.80  ? 69  VAL A CG1 1 
ATOM   601 C CG2 . VAL A 1 72 ? -7.436  4.063   -0.347  1.00 2.98  ? 69  VAL A CG2 1 
ATOM   602 N N   . HIS A 1 73 ? -5.177  6.588   2.729   1.00 5.83  ? 70  HIS A N   1 
ATOM   603 C CA  . HIS A 1 73 ? -4.489  7.760   3.267   1.00 3.85  ? 70  HIS A CA  1 
ATOM   604 C C   . HIS A 1 73 ? -3.217  7.381   4.015   1.00 4.35  ? 70  HIS A C   1 
ATOM   605 O O   . HIS A 1 73 ? -2.224  8.124   4.002   1.00 2.80  ? 70  HIS A O   1 
ATOM   606 C CB  . HIS A 1 73 ? -5.481  8.577   4.108   1.00 2.79  ? 70  HIS A CB  1 
ATOM   607 C CG  . HIS A 1 73 ? -6.748  8.831   3.377   1.00 4.54  ? 70  HIS A CG  1 
ATOM   608 N ND1 . HIS A 1 73 ? -6.837  9.734   2.330   1.00 6.47  ? 70  HIS A ND1 1 
ATOM   609 C CD2 . HIS A 1 73 ? -7.975  8.244   3.446   1.00 6.81  ? 70  HIS A CD2 1 
ATOM   610 C CE1 . HIS A 1 73 ? -8.049  9.716   1.821   1.00 2.71  ? 70  HIS A CE1 1 
ATOM   611 N NE2 . HIS A 1 73 ? -8.764  8.812   2.491   1.00 3.26  ? 70  HIS A NE2 1 
ATOM   612 N N   . SER A 1 74 ? -3.236  6.214   4.645   1.00 3.31  ? 71  SER A N   1 
ATOM   613 C CA  . SER A 1 74 ? -2.016  5.657   5.217   1.00 2.90  ? 71  SER A CA  1 
ATOM   614 C C   . SER A 1 74 ? -0.962  5.490   4.117   1.00 5.96  ? 71  SER A C   1 
ATOM   615 O O   . SER A 1 74 ? 0.176   5.940   4.264   1.00 2.85  ? 71  SER A O   1 
ATOM   616 C CB  . SER A 1 74 ? -2.314  4.310   5.890   1.00 3.04  ? 71  SER A CB  1 
ATOM   617 O OG  . SER A 1 74 ? -1.185  3.847   6.617   1.00 4.67  ? 71  SER A OG  1 
ATOM   618 N N   . LEU A 1 75 ? -1.347  4.861   3.005   1.00 3.73  ? 72  LEU A N   1 
ATOM   619 C CA  . LEU A 1 75 ? -0.424  4.646   1.886   1.00 2.59  ? 72  LEU A CA  1 
ATOM   620 C C   . LEU A 1 75 ? 0.103   5.946   1.289   1.00 2.63  ? 72  LEU A C   1 
ATOM   621 O O   . LEU A 1 75 ? 1.294   6.067   1.010   1.00 2.73  ? 72  LEU A O   1 
ATOM   622 C CB  . LEU A 1 75 ? -1.095  3.824   0.795   1.00 2.57  ? 72  LEU A CB  1 
ATOM   623 C CG  . LEU A 1 75 ? -0.323  3.572   -0.503  1.00 2.64  ? 72  LEU A CG  1 
ATOM   624 C CD1 . LEU A 1 75 ? 0.964   2.796   -0.225  1.00 2.67  ? 72  LEU A CD1 1 
ATOM   625 C CD2 . LEU A 1 75 ? -1.241  2.796   -1.470  1.00 2.74  ? 72  LEU A CD2 1 
ATOM   626 N N   . ILE A 1 76 ? -0.785  6.912   1.086   1.00 3.03  ? 73  ILE A N   1 
ATOM   627 C CA  . ILE A 1 76 ? -0.386  8.204   0.542   1.00 2.74  ? 73  ILE A CA  1 
ATOM   628 C C   . ILE A 1 76 ? 0.670   8.837   1.440   1.00 3.68  ? 73  ILE A C   1 
ATOM   629 O O   . ILE A 1 76 ? 1.725   9.266   0.953   1.00 3.10  ? 73  ILE A O   1 
ATOM   630 C CB  . ILE A 1 76 ? -1.597  9.152   0.377   1.00 2.72  ? 73  ILE A CB  1 
ATOM   631 C CG1 . ILE A 1 76 ? -2.459  8.683   -0.800  1.00 2.69  ? 73  ILE A CG1 1 
ATOM   632 C CG2 . ILE A 1 76 ? -1.143  10.615  0.173   1.00 2.93  ? 73  ILE A CG2 1 
ATOM   633 C CD1 . ILE A 1 76 ? -3.851  9.243   -0.799  1.00 2.67  ? 73  ILE A CD1 1 
ATOM   634 N N   . GLY A 1 77 ? 0.402   8.884   2.745   1.00 2.95  ? 74  GLY A N   1 
ATOM   635 C CA  . GLY A 1 77 ? 1.374   9.432   3.689   1.00 3.23  ? 74  GLY A CA  1 
ATOM   636 C C   . GLY A 1 77 ? 2.706   8.695   3.660   1.00 3.32  ? 74  GLY A C   1 
ATOM   637 O O   . GLY A 1 77 ? 3.789   9.301   3.706   1.00 3.61  ? 74  GLY A O   1 
ATOM   638 N N   . ALA A 1 78 ? 2.631   7.372   3.581   1.00 3.98  ? 75  ALA A N   1 
ATOM   639 C CA  . ALA A 1 78 ? 3.823   6.539   3.608   1.00 4.71  ? 75  ALA A CA  1 
ATOM   640 C C   . ALA A 1 78 ? 4.639   6.693   2.326   1.00 5.19  ? 75  ALA A C   1 
ATOM   641 O O   . ALA A 1 78 ? 5.881   6.682   2.361   1.00 6.03  ? 75  ALA A O   1 
ATOM   642 C CB  . ALA A 1 78 ? 3.448   5.078   3.838   1.00 3.05  ? 75  ALA A CB  1 
ATOM   643 N N   . LEU A 1 79 ? 3.952   6.822   1.192   1.00 3.13  ? 76  LEU A N   1 
ATOM   644 C CA  . LEU A 1 79 ? 4.651   7.042   -0.074  1.00 3.31  ? 76  LEU A CA  1 
ATOM   645 C C   . LEU A 1 79 ? 5.458   8.343   -0.034  1.00 3.66  ? 76  LEU A C   1 
ATOM   646 O O   . LEU A 1 79 ? 6.611   8.379   -0.465  1.00 3.96  ? 76  LEU A O   1 
ATOM   647 C CB  . LEU A 1 79 ? 3.673   7.011   -1.260  1.00 3.22  ? 76  LEU A CB  1 
ATOM   648 C CG  . LEU A 1 79 ? 3.143   5.605   -1.576  1.00 3.04  ? 76  LEU A CG  1 
ATOM   649 C CD1 . LEU A 1 79 ? 1.892   5.642   -2.482  1.00 3.02  ? 76  LEU A CD1 1 
ATOM   650 C CD2 . LEU A 1 79 ? 4.249   4.752   -2.201  1.00 3.20  ? 76  LEU A CD2 1 
ATOM   651 N N   . ARG A 1 80 ? 4.858   9.406   0.490   1.00 3.71  ? 77  ARG A N   1 
ATOM   652 C CA  . ARG A 1 80 ? 5.564   10.675  0.660   1.00 4.14  ? 77  ARG A CA  1 
ATOM   653 C C   . ARG A 1 80 ? 6.767   10.509  1.580   1.00 6.48  ? 77  ARG A C   1 
ATOM   654 O O   . ARG A 1 80 ? 7.855   11.029  1.315   1.00 7.17  ? 77  ARG A O   1 
ATOM   655 C CB  . ARG A 1 80 ? 4.616   11.742  1.228   1.00 4.35  ? 77  ARG A CB  1 
ATOM   656 C CG  . ARG A 1 80 ? 3.545   12.189  0.240   1.00 4.98  ? 77  ARG A CG  1 
ATOM   657 C CD  . ARG A 1 80 ? 2.472   13.001  0.923   1.00 8.81  ? 77  ARG A CD  1 
ATOM   658 N NE  . ARG A 1 80 ? 1.438   13.442  -0.014  1.00 10.61 ? 77  ARG A NE  1 
ATOM   659 C CZ  . ARG A 1 80 ? 0.218   13.818  0.356   1.00 14.14 ? 77  ARG A CZ  1 
ATOM   660 N NH1 . ARG A 1 80 ? -0.128  13.780  1.639   1.00 11.53 ? 77  ARG A NH1 1 
ATOM   661 N NH2 . ARG A 1 80 ? -0.658  14.212  -0.554  1.00 19.04 ? 77  ARG A NH2 1 
ATOM   662 N N   . ALA A 1 81 ? 6.576   9.769   2.664   1.00 5.99  ? 78  ALA A N   1 
ATOM   663 C CA  . ALA A 1 81 ? 7.650   9.584   3.642   1.00 6.17  ? 78  ALA A CA  1 
ATOM   664 C C   . ALA A 1 81 ? 8.817   8.747   3.100   1.00 12.07 ? 78  ALA A C   1 
ATOM   665 O O   . ALA A 1 81 ? 9.926   8.771   3.644   1.00 5.07  ? 78  ALA A O   1 
ATOM   666 C CB  . ALA A 1 81 ? 7.096   8.982   4.914   1.00 5.21  ? 78  ALA A CB  1 
ATOM   667 N N   . CYS A 1 82 ? 8.564   8.005   2.023   1.00 4.36  ? 79  CYS A N   1 
ATOM   668 C CA  . CYS A 1 82 ? 9.568   7.132   1.428   1.00 6.97  ? 79  CYS A CA  1 
ATOM   669 C C   . CYS A 1 82 ? 10.018  7.627   0.061   1.00 4.71  ? 79  CYS A C   1 
ATOM   670 O O   . CYS A 1 82 ? 10.421  6.810   -0.772  1.00 9.24  ? 79  CYS A O   1 
ATOM   671 C CB  . CYS A 1 82 ? 9.033   5.695   1.282   1.00 5.07  ? 79  CYS A CB  1 
ATOM   672 S SG  . CYS A 1 82 ? 8.753   4.856   2.859   1.00 12.51 ? 79  CYS A SG  1 
ATOM   673 N N   . GLU A 1 83 ? 9.922   8.940   -0.173  1.00 5.00  ? 80  GLU A N   1 
ATOM   674 C CA  . GLU A 1 83 ? 10.471  9.568   -1.384  1.00 5.44  ? 80  GLU A CA  1 
ATOM   675 C C   . GLU A 1 83 ? 9.806   9.058   -2.660  1.00 5.25  ? 80  GLU A C   1 
ATOM   676 O O   . GLU A 1 83 ? 10.470  8.809   -3.670  1.00 5.58  ? 80  GLU A O   1 
ATOM   677 C CB  . GLU A 1 83 ? 11.983  9.352   -1.461  1.00 5.94  ? 80  GLU A CB  1 
ATOM   678 C CG  . GLU A 1 83 ? 12.710  9.924   -0.272  1.00 9.20  ? 80  GLU A CG  1 
ATOM   679 C CD  . GLU A 1 83 ? 14.216  9.797   -0.341  1.00 11.93 ? 80  GLU A CD  1 
ATOM   680 O OE1 . GLU A 1 83 ? 14.879  10.757  -0.804  1.00 9.99  ? 80  GLU A OE1 1 
ATOM   681 O OE2 . GLU A 1 83 ? 14.732  8.736   0.070   1.00 11.12 ? 80  GLU A OE2 1 
ATOM   682 N N   . LEU A 1 84 ? 8.490   8.898   -2.588  1.00 5.46  ? 81  LEU A N   1 
ATOM   683 C CA  . LEU A 1 84 ? 7.675   8.459   -3.718  1.00 6.18  ? 81  LEU A CA  1 
ATOM   684 C C   . LEU A 1 84 ? 6.421   9.335   -3.804  1.00 6.56  ? 81  LEU A C   1 
ATOM   685 O O   . LEU A 1 84 ? 5.297   8.833   -3.972  1.00 4.91  ? 81  LEU A O   1 
ATOM   686 C CB  . LEU A 1 84 ? 7.332   6.965   -3.584  1.00 4.27  ? 81  LEU A CB  1 
ATOM   687 C CG  . LEU A 1 84 ? 8.509   5.997   -3.810  1.00 4.45  ? 81  LEU A CG  1 
ATOM   688 C CD1 . LEU A 1 84 ? 8.166   4.578   -3.353  1.00 4.07  ? 81  LEU A CD1 1 
ATOM   689 C CD2 . LEU A 1 84 ? 8.978   5.975   -5.273  1.00 4.90  ? 81  LEU A CD2 1 
ATOM   690 N N   . SER A 1 85 ? 6.623   10.648  -3.683  1.00 4.85  ? 82  SER A N   1 
ATOM   691 C CA  . SER A 1 85 ? 5.510   11.594  -3.621  1.00 4.99  ? 82  SER A CA  1 
ATOM   692 C C   . SER A 1 85 ? 4.682   11.629  -4.905  1.00 8.54  ? 82  SER A C   1 
ATOM   693 O O   . SER A 1 85 ? 3.504   11.974  -4.868  1.00 8.55  ? 82  SER A O   1 
ATOM   694 C CB  . SER A 1 85 ? 5.990   13.011  -3.280  1.00 8.99  ? 82  SER A CB  1 
ATOM   695 O OG  . SER A 1 85 ? 6.434   13.094  -1.939  1.00 11.87 ? 82  SER A OG  1 
ATOM   696 N N   . GLY A 1 86 ? 5.299   11.283  -6.034  1.00 5.20  ? 83  GLY A N   1 
ATOM   697 C CA  . GLY A 1 86 ? 4.567   11.195  -7.283  1.00 5.39  ? 83  GLY A CA  1 
ATOM   698 C C   . GLY A 1 86 ? 3.542   10.075  -7.247  1.00 9.32  ? 83  GLY A C   1 
ATOM   699 O O   . GLY A 1 86 ? 2.411   10.236  -7.728  1.00 4.90  ? 83  GLY A O   1 
ATOM   700 N N   . LEU A 1 87 ? 3.925   8.933   -6.677  1.00 8.14  ? 84  LEU A N   1 
ATOM   701 C CA  . LEU A 1 87 ? 2.973   7.845   -6.500  1.00 4.26  ? 84  LEU A CA  1 
ATOM   702 C C   . LEU A 1 87 ? 1.863   8.283   -5.545  1.00 5.05  ? 84  LEU A C   1 
ATOM   703 O O   . LEU A 1 87 ? 0.690   7.971   -5.776  1.00 3.75  ? 84  LEU A O   1 
ATOM   704 C CB  . LEU A 1 87 ? 3.656   6.576   -5.993  1.00 4.07  ? 84  LEU A CB  1 
ATOM   705 C CG  . LEU A 1 87 ? 4.735   5.962   -6.899  1.00 5.70  ? 84  LEU A CG  1 
ATOM   706 C CD1 . LEU A 1 87 ? 5.232   4.636   -6.316  1.00 8.39  ? 84  LEU A CD1 1 
ATOM   707 C CD2 . LEU A 1 87 ? 4.194   5.758   -8.299  1.00 8.41  ? 84  LEU A CD2 1 
ATOM   708 N N   . ALA A 1 88 ? 2.229   9.000   -4.479  1.00 3.75  ? 85  ALA A N   1 
ATOM   709 C CA  . ALA A 1 88 ? 1.226   9.534   -3.562  1.00 3.48  ? 85  ALA A CA  1 
ATOM   710 C C   . ALA A 1 88 ? 0.239   10.446  -4.284  1.00 5.54  ? 85  ALA A C   1 
ATOM   711 O O   . ALA A 1 88 ? -0.967  10.343  -4.054  1.00 3.54  ? 85  ALA A O   1 
ATOM   712 C CB  . ALA A 1 88 ? 1.869   10.276  -2.393  1.00 3.51  ? 85  ALA A CB  1 
ATOM   713 N N   . ASP A 1 89 ? 0.735   11.339  -5.138  1.00 4.02  ? 86  ASP A N   1 
ATOM   714 C CA  . ASP A 1 89 ? -0.162  12.242  -5.864  1.00 4.22  ? 86  ASP A CA  1 
ATOM   715 C C   . ASP A 1 89 ? -1.107  11.489  -6.809  1.00 4.25  ? 86  ASP A C   1 
ATOM   716 O O   . ASP A 1 89 ? -2.277  11.852  -6.949  1.00 4.20  ? 86  ASP A O   1 
ATOM   717 C CB  . ASP A 1 89 ? 0.616   13.305  -6.660  1.00 10.29 ? 86  ASP A CB  1 
ATOM   718 C CG  . ASP A 1 89 ? 1.334   14.314  -5.764  1.00 16.20 ? 86  ASP A CG  1 
ATOM   719 O OD1 . ASP A 1 89 ? 0.938   14.478  -4.587  1.00 13.53 ? 86  ASP A OD1 1 
ATOM   720 O OD2 . ASP A 1 89 ? 2.303   14.946  -6.246  1.00 19.24 ? 86  ASP A OD2 1 
ATOM   721 N N   . GLU A 1 90 ? -0.608  10.446  -7.461  1.00 4.38  ? 87  GLU A N   1 
ATOM   722 C CA  . GLU A 1 90 ? -1.443  9.724   -8.418  1.00 8.14  ? 87  GLU A CA  1 
ATOM   723 C C   . GLU A 1 90 ? -2.547  8.946   -7.701  1.00 9.63  ? 87  GLU A C   1 
ATOM   724 O O   . GLU A 1 90 ? -3.690  8.876   -8.181  1.00 6.74  ? 87  GLU A O   1 
ATOM   725 C CB  . GLU A 1 90 ? -0.599  8.810   -9.316  1.00 4.92  ? 87  GLU A CB  1 
ATOM   726 C CG  . GLU A 1 90 ? 0.244   9.577   -10.345 1.00 14.79 ? 87  GLU A CG  1 
ATOM   727 C CD  . GLU A 1 90 ? -0.592  10.547  -11.182 1.00 22.62 ? 87  GLU A CD  1 
ATOM   728 O OE1 . GLU A 1 90 ? -1.376  10.088  -12.046 1.00 20.60 ? 87  GLU A OE1 1 
ATOM   729 O OE2 . GLU A 1 90 ? -0.469  11.775  -10.971 1.00 31.39 ? 87  GLU A OE2 1 
ATOM   730 N N   . VAL A 1 91 ? -2.202  8.378   -6.548  1.00 3.77  ? 88  VAL A N   1 
ATOM   731 C CA  . VAL A 1 91 ? -3.157  7.622   -5.735  1.00 4.59  ? 88  VAL A CA  1 
ATOM   732 C C   . VAL A 1 91 ? -4.242  8.555   -5.207  1.00 5.48  ? 88  VAL A C   1 
ATOM   733 O O   . VAL A 1 91 ? -5.421  8.225   -5.267  1.00 4.60  ? 88  VAL A O   1 
ATOM   734 C CB  . VAL A 1 91 ? -2.456  6.893   -4.547  1.00 3.18  ? 88  VAL A CB  1 
ATOM   735 C CG1 . VAL A 1 91 ? -3.484  6.336   -3.542  1.00 2.96  ? 88  VAL A CG1 1 
ATOM   736 C CG2 . VAL A 1 91 ? -1.584  5.766   -5.054  1.00 3.30  ? 88  VAL A CG2 1 
ATOM   737 N N   . ALA A 1 92 ? -3.847  9.722   -4.693  1.00 3.28  ? 89  ALA A N   1 
ATOM   738 C CA  . ALA A 1 92 ? -4.826  10.694  -4.215  1.00 3.20  ? 89  ALA A CA  1 
ATOM   739 C C   . ALA A 1 92 ? -5.756  11.157  -5.340  1.00 6.14  ? 89  ALA A C   1 
ATOM   740 O O   . ALA A 1 92 ? -6.952  11.368  -5.124  1.00 3.42  ? 89  ALA A O   1 
ATOM   741 C CB  . ALA A 1 92 ? -4.139  11.889  -3.588  1.00 3.22  ? 89  ALA A CB  1 
ATOM   742 N N   . ARG A 1 93 ? -5.197  11.352  -6.531  1.00 3.83  ? 90  ARG A N   1 
ATOM   743 C CA  . ARG A 1 93 ? -5.998  11.791  -7.671  1.00 5.53  ? 90  ARG A CA  1 
ATOM   744 C C   . ARG A 1 93 ? -7.082  10.755  -8.017  1.00 4.27  ? 90  ARG A C   1 
ATOM   745 O O   . ARG A 1 93 ? -8.241  11.117  -8.255  1.00 4.40  ? 90  ARG A O   1 
ATOM   746 C CB  . ARG A 1 93 ? -5.094  12.094  -8.868  1.00 10.57 ? 90  ARG A CB  1 
ATOM   747 C CG  . ARG A 1 93 ? -5.792  12.695  -10.073 1.00 26.79 ? 90  ARG A CG  1 
ATOM   748 C CD  . ARG A 1 93 ? -4.901  12.542  -11.297 1.00 37.00 ? 90  ARG A CD  1 
ATOM   749 N NE  . ARG A 1 93 ? -4.182  11.270  -11.240 1.00 46.00 ? 90  ARG A NE  1 
ATOM   750 C CZ  . ARG A 1 93 ? -4.580  10.145  -11.832 1.00 46.88 ? 90  ARG A CZ  1 
ATOM   751 N NH1 . ARG A 1 93 ? -3.855  9.040   -11.699 1.00 42.68 ? 90  ARG A NH1 1 
ATOM   752 N NH2 . ARG A 1 93 ? -5.693  10.126  -12.561 1.00 47.16 ? 90  ARG A NH2 1 
ATOM   753 N N   . ILE A 1 94 ? -6.723  9.472   -8.017  1.00 4.24  ? 91  ILE A N   1 
ATOM   754 C CA  . ILE A 1 94 ? -7.715  8.416   -8.284  1.00 4.39  ? 91  ILE A CA  1 
ATOM   755 C C   . ILE A 1 94 ? -8.785  8.366   -7.185  1.00 4.52  ? 91  ILE A C   1 
ATOM   756 O O   . ILE A 1 94 ? -9.979  8.295   -7.472  1.00 4.32  ? 91  ILE A O   1 
ATOM   757 C CB  . ILE A 1 94 ? -7.056  7.023   -8.435  1.00 6.24  ? 91  ILE A CB  1 
ATOM   758 C CG1 . ILE A 1 94 ? -6.180  6.984   -9.691  1.00 7.83  ? 91  ILE A CG1 1 
ATOM   759 C CG2 . ILE A 1 94 ? -8.109  5.931   -8.504  1.00 8.76  ? 91  ILE A CG2 1 
ATOM   760 C CD1 . ILE A 1 94 ? -6.948  7.235   -10.989 1.00 11.37 ? 91  ILE A CD1 1 
ATOM   761 N N   . TYR A 1 95 ? -8.347  8.412   -5.929  1.00 3.67  ? 92  TYR A N   1 
ATOM   762 C CA  . TYR A 1 95 ? -9.255  8.347   -4.790  1.00 3.76  ? 92  TYR A CA  1 
ATOM   763 C C   . TYR A 1 95 ? -10.339 9.421   -4.861  1.00 6.10  ? 92  TYR A C   1 
ATOM   764 O O   . TYR A 1 95 ? -11.505 9.166   -4.544  1.00 7.76  ? 92  TYR A O   1 
ATOM   765 C CB  . TYR A 1 95 ? -8.464  8.497   -3.497  1.00 3.12  ? 92  TYR A CB  1 
ATOM   766 C CG  . TYR A 1 95 ? -9.314  8.506   -2.251  1.00 3.40  ? 92  TYR A CG  1 
ATOM   767 C CD1 . TYR A 1 95 ? -9.683  7.319   -1.638  1.00 6.55  ? 92  TYR A CD1 1 
ATOM   768 C CD2 . TYR A 1 95 ? -9.740  9.704   -1.681  1.00 5.57  ? 92  TYR A CD2 1 
ATOM   769 C CE1 . TYR A 1 95 ? -10.456 7.320   -0.489  1.00 6.57  ? 92  TYR A CE1 1 
ATOM   770 C CE2 . TYR A 1 95 ? -10.514 9.713   -0.530  1.00 2.93  ? 92  TYR A CE2 1 
ATOM   771 C CZ  . TYR A 1 95 ? -10.864 8.521   0.058   1.00 6.98  ? 92  TYR A CZ  1 
ATOM   772 O OH  . TYR A 1 95 ? -11.632 8.520   1.194   1.00 14.99 ? 92  TYR A OH  1 
ATOM   773 N N   . HIS A 1 96 ? -9.950  10.626  -5.268  1.00 3.58  ? 93  HIS A N   1 
ATOM   774 C CA  . HIS A 1 96 ? -10.895 11.745  -5.315  1.00 3.66  ? 93  HIS A CA  1 
ATOM   775 C C   . HIS A 1 96 ? -11.651 11.857  -6.636  1.00 8.42  ? 93  HIS A C   1 
ATOM   776 O O   . HIS A 1 96 ? -12.502 12.738  -6.783  1.00 11.15 ? 93  HIS A O   1 
ATOM   777 C CB  . HIS A 1 96 ? -10.188 13.073  -5.010  1.00 3.57  ? 93  HIS A CB  1 
ATOM   778 C CG  . HIS A 1 96 ? -9.742  13.206  -3.589  1.00 4.48  ? 93  HIS A CG  1 
ATOM   779 N ND1 . HIS A 1 96 ? -10.634 13.331  -2.544  1.00 5.96  ? 93  HIS A ND1 1 
ATOM   780 C CD2 . HIS A 1 96 ? -8.506  13.229  -3.031  1.00 8.95  ? 93  HIS A CD2 1 
ATOM   781 C CE1 . HIS A 1 96 ? -9.968  13.427  -1.407  1.00 9.52  ? 93  HIS A CE1 1 
ATOM   782 N NE2 . HIS A 1 96 ? -8.673  13.368  -1.675  1.00 8.39  ? 93  HIS A NE2 1 
ATOM   783 N N   . SER A 1 97 ? -11.336 10.984  -7.594  1.00 7.89  ? 94  SER A N   1 
ATOM   784 C CA  . SER A 1 97 ? -11.964 11.019  -8.919  1.00 11.45 ? 94  SER A CA  1 
ATOM   785 C C   . SER A 1 97 ? -13.390 10.438  -8.938  1.00 15.38 ? 94  SER A C   1 
ATOM   786 O O   . SER A 1 97 ? -13.827 9.762   -7.990  1.00 15.60 ? 94  SER A O   1 
ATOM   787 C CB  . SER A 1 97 ? -11.091 10.287  -9.956  1.00 16.07 ? 94  SER A CB  1 
ATOM   788 O OG  . SER A 1 97 ? -11.125 8.873   -9.770  1.00 13.76 ? 94  SER A OG  1 
HETATM 789 O O   . HOH B 2 .  ? -9.929  2.382   -10.632 1.00 4.49  ? 101 HOH A O   1 
HETATM 790 O O   . HOH B 2 .  ? -8.488  -1.574  10.412  1.00 5.14  ? 102 HOH A O   1 
HETATM 791 O O   . HOH B 2 .  ? 7.396   2.589   -8.398  1.00 10.15 ? 103 HOH A O   1 
HETATM 792 O O   . HOH B 2 .  ? -0.557  -12.286 -1.999  1.00 4.50  ? 104 HOH A O   1 
HETATM 793 O O   . HOH B 2 .  ? 9.368   -11.195 -5.058  1.00 7.11  ? 105 HOH A O   1 
HETATM 794 O O   . HOH B 2 .  ? 12.388  -9.074  6.384   1.00 8.23  ? 106 HOH A O   1 
HETATM 795 O O   . HOH B 2 .  ? -16.387 6.718   -2.045  1.00 2.61  ? 107 HOH A O   1 
HETATM 796 O O   . HOH B 2 .  ? -10.749 -1.194  1.755   1.00 11.20 ? 108 HOH A O   1 
HETATM 797 O O   . HOH B 2 .  ? -8.642  4.352   2.993   1.00 5.11  ? 109 HOH A O   1 
HETATM 798 O O   . HOH B 2 .  ? 13.886  12.484  -2.434  1.00 8.77  ? 110 HOH A O   1 
HETATM 799 O O   . HOH B 2 .  ? -2.959  15.176  0.321   1.00 8.96  ? 111 HOH A O   1 
HETATM 800 O O   . HOH B 2 .  ? -0.527  6.714   8.171   1.00 14.27 ? 112 HOH A O   1 
HETATM 801 O O   . HOH B 2 .  ? 8.631   -10.905 11.453  1.00 9.40  ? 113 HOH A O   1 
HETATM 802 O O   . HOH B 2 .  ? 8.954   -14.759 -4.790  1.00 14.28 ? 114 HOH A O   1 
HETATM 803 O O   . HOH B 2 .  ? -13.671 6.859   1.054   1.00 10.29 ? 115 HOH A O   1 
HETATM 804 O O   . HOH B 2 .  ? -7.868  -7.697  0.639   1.00 11.78 ? 116 HOH A O   1 
HETATM 805 O O   . HOH B 2 .  ? -1.675  -10.244 9.553   1.00 16.14 ? 117 HOH A O   1 
HETATM 806 O O   . HOH B 2 .  ? 13.071  -7.088  8.192   1.00 11.53 ? 118 HOH A O   1 
HETATM 807 O O   . HOH B 2 .  ? 4.517   -6.721  -7.411  1.00 15.64 ? 119 HOH A O   1 
HETATM 808 O O   . HOH B 2 .  ? 10.306  -18.113 -1.778  1.00 5.47  ? 120 HOH A O   1 
HETATM 809 O O   . HOH B 2 .  ? 2.001   -12.325 -3.050  1.00 7.04  ? 121 HOH A O   1 
HETATM 810 O O   . HOH B 2 .  ? -6.061  -0.703  11.613  1.00 12.29 ? 122 HOH A O   1 
HETATM 811 O O   . HOH B 2 .  ? 1.247   7.516   6.329   1.00 9.23  ? 123 HOH A O   1 
HETATM 812 O O   . HOH B 2 .  ? 8.554   12.579  -0.557  1.00 16.74 ? 124 HOH A O   1 
HETATM 813 O O   . HOH B 2 .  ? 8.253   -3.442  9.962   1.00 13.54 ? 125 HOH A O   1 
HETATM 814 O O   . HOH B 2 .  ? 9.414   2.284   -0.484  1.00 8.73  ? 126 HOH A O   1 
HETATM 815 O O   . HOH B 2 .  ? -18.900 4.345   -0.808  1.00 12.52 ? 127 HOH A O   1 
HETATM 816 O O   . HOH B 2 .  ? -13.642 8.151   -5.822  1.00 16.54 ? 128 HOH A O   1 
HETATM 817 O O   . HOH B 2 .  ? -16.057 7.872   -4.694  1.00 11.01 ? 129 HOH A O   1 
HETATM 818 O O   . HOH B 2 .  ? 11.475  -8.922  -5.814  1.00 15.37 ? 130 HOH A O   1 
HETATM 819 O O   . HOH B 2 .  ? 5.372   15.164  -0.220  1.00 15.69 ? 131 HOH A O   1 
HETATM 820 O O   . HOH B 2 .  ? -15.065 1.548   -7.226  1.00 13.89 ? 132 HOH A O   1 
HETATM 821 O O   . HOH B 2 .  ? -0.624  -2.726  16.585  1.00 25.87 ? 133 HOH A O   1 
HETATM 822 O O   . HOH B 2 .  ? -14.871 8.737   -0.770  1.00 16.58 ? 134 HOH A O   1 
HETATM 823 O O   . HOH B 2 .  ? 2.117   -4.834  -7.414  1.00 20.67 ? 135 HOH A O   1 
HETATM 824 O O   . HOH B 2 .  ? 1.930   -13.303 4.374   1.00 14.65 ? 136 HOH A O   1 
HETATM 825 O O   . HOH B 2 .  ? 7.472   -18.594 5.941   1.00 16.32 ? 137 HOH A O   1 
HETATM 826 O O   . HOH B 2 .  ? 10.336  -15.544 6.937   1.00 16.41 ? 138 HOH A O   1 
HETATM 827 O O   . HOH B 2 .  ? 10.263  -2.946  7.892   1.00 11.12 ? 139 HOH A O   1 
HETATM 828 O O   . HOH B 2 .  ? -2.394  -7.134  -4.718  1.00 14.60 ? 140 HOH A O   1 
HETATM 829 O O   . HOH B 2 .  ? 9.299   -17.891 -4.341  1.00 24.30 ? 141 HOH A O   1 
HETATM 830 O O   . HOH B 2 .  ? 16.105  -11.147 7.636   1.00 19.99 ? 142 HOH A O   1 
HETATM 831 O O   . HOH B 2 .  ? 13.847  -4.683  -2.325  1.00 29.11 ? 143 HOH A O   1 
HETATM 832 O O   . HOH B 2 .  ? 1.387   13.006  4.210   1.00 13.41 ? 144 HOH A O   1 
HETATM 833 O O   . HOH B 2 .  ? 12.409  -17.068 6.064   1.00 18.29 ? 145 HOH A O   1 
HETATM 834 O O   . HOH B 2 .  ? -10.861 7.222   -12.303 1.00 27.40 ? 146 HOH A O   1 
HETATM 835 O O   . HOH B 2 .  ? 2.530   13.946  -2.594  1.00 20.78 ? 147 HOH A O   1 
HETATM 836 O O   . HOH B 2 .  ? -13.245 13.771  -2.669  1.00 28.44 ? 148 HOH A O   1 
HETATM 837 O O   . HOH B 2 .  ? 2.169   -11.960 12.510  1.00 22.16 ? 149 HOH A O   1 
HETATM 838 O O   . HOH B 2 .  ? -3.119  14.483  -5.964  1.00 13.17 ? 150 HOH A O   1 
HETATM 839 O O   . HOH B 2 .  ? 11.599  3.124   6.707   1.00 9.35  ? 151 HOH A O   1 
HETATM 840 O O   . HOH B 2 .  ? -9.140  13.646  -8.550  1.00 22.00 ? 152 HOH A O   1 
HETATM 841 O O   . HOH B 2 .  ? -1.361  -6.705  16.259  1.00 19.36 ? 153 HOH A O   1 
HETATM 842 O O   . HOH B 2 .  ? 5.284   1.180   -15.295 1.00 33.33 ? 154 HOH A O   1 
HETATM 843 O O   . HOH B 2 .  ? 10.378  10.212  5.995   1.00 35.09 ? 155 HOH A O   1 
HETATM 844 O O   . HOH B 2 .  ? 12.651  -4.369  8.558   1.00 28.85 ? 156 HOH A O   1 
HETATM 845 O O   . HOH B 2 .  ? 1.682   -0.469  11.725  1.00 30.65 ? 157 HOH A O   1 
HETATM 846 O O   . HOH B 2 .  ? -14.119 2.194   -9.734  1.00 18.23 ? 158 HOH A O   1 
HETATM 847 O O   . HOH B 2 .  ? -13.404 10.226  -2.780  1.00 15.39 ? 159 HOH A O   1 
HETATM 848 O O   . HOH B 2 .  ? -13.782 1.873   4.639   1.00 10.56 ? 160 HOH A O   1 
HETATM 849 O O   . HOH B 2 .  ? -2.952  15.347  -3.352  1.00 29.26 ? 161 HOH A O   1 
HETATM 850 O O   . HOH B 2 .  ? 11.935  -1.850  -5.236  1.00 28.84 ? 162 HOH A O   1 
HETATM 851 O O   . HOH B 2 .  ? -11.617 2.872   6.322   1.00 24.55 ? 163 HOH A O   1 
HETATM 852 O O   . HOH B 2 .  ? 13.225  0.832   -4.624  1.00 26.48 ? 164 HOH A O   1 
HETATM 853 O O   . HOH B 2 .  ? 14.588  -10.051 5.064   1.00 17.49 ? 165 HOH A O   1 
HETATM 854 O O   . HOH B 2 .  ? 12.556  7.449   -4.534  1.00 21.60 ? 166 HOH A O   1 
HETATM 855 O O   . HOH B 2 .  ? 6.295   -5.045  14.342  1.00 24.06 ? 167 HOH A O   1 
HETATM 856 O O   . HOH B 2 .  ? -4.024  -7.020  6.644   1.00 20.85 ? 168 HOH A O   1 
HETATM 857 O O   . HOH B 2 .  ? -11.097 0.192   4.370   1.00 23.66 ? 169 HOH A O   1 
HETATM 858 O O   . HOH B 2 .  ? -3.869  -8.034  13.290  1.00 22.30 ? 170 HOH A O   1 
HETATM 859 O O   . HOH B 2 .  ? 14.691  7.221   -2.099  1.00 26.91 ? 171 HOH A O   1 
HETATM 860 O O   . HOH B 2 .  ? -4.188  -12.754 5.733   1.00 26.77 ? 172 HOH A O   1 
HETATM 861 O O   . HOH B 2 .  ? 2.261   -14.358 -4.956  1.00 22.21 ? 173 HOH A O   1 
HETATM 862 O O   . HOH B 2 .  ? -12.362 1.213   -11.320 1.00 9.99  ? 174 HOH A O   1 
HETATM 863 O O   . HOH B 2 .  ? -2.445  -10.560 -3.014  1.00 11.34 ? 175 HOH A O   1 
HETATM 864 O O   . HOH B 2 .  ? -15.841 11.251  -6.661  1.00 19.38 ? 176 HOH A O   1 
HETATM 865 O O   . HOH B 2 .  ? 3.928   11.409  5.444   0.50 19.70 ? 177 HOH A O   1 
HETATM 866 O O   . HOH B 2 .  ? 16.061  -3.163  -2.046  1.00 24.14 ? 178 HOH A O   1 
HETATM 867 O O   . HOH B 2 .  ? -5.260  14.955  -1.600  1.00 20.39 ? 179 HOH A O   1 
HETATM 868 O O   . HOH B 2 .  ? 6.542   -18.761 -4.522  1.00 14.37 ? 180 HOH A O   1 
HETATM 869 O O   . HOH B 2 .  ? -9.590  8.883   -13.812 1.00 31.14 ? 181 HOH A O   1 
HETATM 870 O O   . HOH B 2 .  ? 0.827   5.928   -10.742 1.00 27.70 ? 182 HOH A O   1 
HETATM 871 O O   . HOH B 2 .  ? -12.083 0.605   -13.961 1.00 23.67 ? 183 HOH A O   1 
HETATM 872 O O   . HOH B 2 .  ? 4.363   -8.589  -9.531  1.00 31.22 ? 184 HOH A O   1 
HETATM 873 O O   . HOH B 2 .  ? -4.089  -3.150  -5.641  1.00 21.07 ? 185 HOH A O   1 
HETATM 874 O O   . HOH B 2 .  ? 13.682  -2.250  -3.392  1.00 28.66 ? 186 HOH A O   1 
HETATM 875 O O   . HOH B 2 .  ? -11.743 -2.874  7.800   1.00 27.90 ? 187 HOH A O   1 
HETATM 876 O O   . HOH B 2 .  ? -13.781 12.404  -0.448  1.00 32.62 ? 188 HOH A O   1 
HETATM 877 O O   . HOH B 2 .  ? -6.455  0.146   -16.614 1.00 28.84 ? 189 HOH A O   1 
HETATM 878 O O   . HOH B 2 .  ? -7.618  15.510  -7.375  1.00 26.50 ? 190 HOH A O   1 
HETATM 879 O O   . HOH B 2 .  ? 7.254   2.000   -14.153 1.00 31.71 ? 191 HOH A O   1 
HETATM 880 O O   . HOH B 2 .  ? -7.829  -3.717  -11.297 1.00 26.73 ? 192 HOH A O   1 
HETATM 881 O O   . HOH B 2 .  ? 0.207   -8.353  18.155  1.00 39.40 ? 193 HOH A O   1 
HETATM 882 O O   . HOH B 2 .  ? 5.593   1.698   12.882  1.00 28.39 ? 194 HOH A O   1 
HETATM 883 O O   . HOH B 2 .  ? 10.407  -15.404 9.780   1.00 32.66 ? 195 HOH A O   1 
HETATM 884 O O   . HOH B 2 .  ? -12.883 1.400   9.034   1.00 22.79 ? 196 HOH A O   1 
HETATM 885 O O   . HOH B 2 .  ? 12.640  5.676   5.753   1.00 26.90 ? 197 HOH A O   1 
HETATM 886 O O   . HOH B 2 .  ? -1.077  -4.948  -7.283  1.00 29.75 ? 198 HOH A O   1 
HETATM 887 O O   . HOH B 2 .  ? 8.954   -4.454  -6.903  1.00 18.09 ? 199 HOH A O   1 
HETATM 888 O O   . HOH B 2 .  ? -15.888 8.190   -9.891  1.00 23.05 ? 200 HOH A O   1 
HETATM 889 O O   . HOH B 2 .  ? 15.447  -1.280  -2.458  1.00 24.16 ? 201 HOH A O   1 
HETATM 890 O O   . HOH B 2 .  ? -0.460  -10.772 -9.773  1.00 22.85 ? 202 HOH A O   1 
HETATM 891 O O   . HOH B 2 .  ? -8.091  1.364   -12.676 1.00 25.48 ? 203 HOH A O   1 
HETATM 892 O O   . HOH B 2 .  ? -1.402  -6.510  -9.446  1.00 25.40 ? 204 HOH A O   1 
HETATM 893 O O   . HOH B 2 .  ? -15.805 10.640  -4.094  1.00 24.22 ? 205 HOH A O   1 
HETATM 894 O O   . HOH B 2 .  ? 6.887   -5.228  -8.121  1.00 24.99 ? 206 HOH A O   1 
HETATM 895 O O   . HOH B 2 .  ? -2.724  -9.529  -5.740  1.00 29.82 ? 207 HOH A O   1 
HETATM 896 O O   . HOH B 2 .  ? 9.056   11.719  7.547   1.00 38.36 ? 208 HOH A O   1 
HETATM 897 O O   . HOH B 2 .  ? -20.436 2.292   6.530   1.00 27.57 ? 209 HOH A O   1 
HETATM 898 O O   . HOH B 2 .  ? 10.446  6.407   -11.940 1.00 30.97 ? 210 HOH A O   1 
HETATM 899 O O   . HOH B 2 .  ? 6.698   -0.912  13.080  1.00 31.66 ? 211 HOH A O   1 
HETATM 900 O O   . HOH B 2 .  ? -19.707 0.704   7.725   0.50 34.78 ? 212 HOH A O   1 
HETATM 901 O O   . HOH B 2 .  ? 0.529   -8.145  -10.729 1.00 30.96 ? 213 HOH A O   1 
HETATM 902 O O   . HOH B 2 .  ? -7.769  16.736  -4.915  1.00 35.41 ? 214 HOH A O   1 
HETATM 903 O O   . HOH B 2 .  ? -7.948  11.436  -12.514 1.00 32.43 ? 215 HOH A O   1 
HETATM 904 O O   . HOH B 2 .  ? 9.271   -12.564 -7.709  1.00 29.52 ? 216 HOH A O   1 
HETATM 905 O O   . HOH B 2 .  ? -10.029 4.750   -11.695 1.00 33.00 ? 217 HOH A O   1 
HETATM 906 O O   . HOH B 2 .  ? 11.199  3.771   9.606   1.00 36.37 ? 218 HOH A O   1 
HETATM 907 O O   . HOH B 2 .  ? -9.284  -4.462  9.901   1.00 32.48 ? 219 HOH A O   1 
HETATM 908 O O   . HOH B 2 .  ? 12.333  3.656   -3.712  1.00 36.32 ? 220 HOH A O   1 
HETATM 909 O O   . HOH B 2 .  ? 11.310  4.335   -1.116  1.00 15.88 ? 221 HOH A O   1 
HETATM 910 O O   . HOH B 2 .  ? -7.792  18.486  -2.828  1.00 48.24 ? 222 HOH A O   1 
HETATM 911 O O   . HOH B 2 .  ? 10.814  -11.198 9.481   1.00 35.00 ? 223 HOH A O   1 
HETATM 912 O O   . HOH B 2 .  ? -9.794  -7.837  -5.883  1.00 32.95 ? 224 HOH A O   1 
HETATM 913 O O   . HOH B 2 .  ? -10.022 -6.121  1.965   1.00 39.87 ? 225 HOH A O   1 
HETATM 914 O O   . HOH B 2 .  ? 5.979   -15.670 -7.766  1.00 29.05 ? 226 HOH A O   1 
HETATM 915 O O   . HOH B 2 .  ? 14.912  -2.828  7.299   1.00 29.97 ? 227 HOH A O   1 
HETATM 916 O O   . HOH B 2 .  ? 14.854  0.936   -6.493  1.00 38.02 ? 228 HOH A O   1 
HETATM 917 O O   . HOH B 2 .  ? -15.282 13.842  -7.613  1.00 26.44 ? 229 HOH A O   1 
HETATM 918 O O   . HOH B 2 .  ? -6.007  -8.585  -6.408  1.00 28.95 ? 230 HOH A O   1 
HETATM 919 O O   . HOH B 2 .  ? -3.935  -11.348 8.178   1.00 28.63 ? 231 HOH A O   1 
HETATM 920 O O   . HOH B 2 .  ? -12.441 -0.495  6.361   1.00 31.79 ? 232 HOH A O   1 
HETATM 921 O O   . HOH B 2 .  ? -21.567 -1.231  8.812   1.00 29.55 ? 233 HOH A O   1 
HETATM 922 O O   . HOH B 2 .  ? 17.104  11.055  0.405   1.00 32.93 ? 234 HOH A O   1 
HETATM 923 O O   . HOH B 2 .  ? -17.083 10.292  -0.186  1.00 32.27 ? 235 HOH A O   1 
HETATM 924 O O   . HOH B 2 .  ? 14.640  -0.569  5.215   1.00 24.28 ? 236 HOH A O   1 
HETATM 925 O O   . HOH B 2 .  ? 1.254   -10.729 16.993  1.00 32.23 ? 237 HOH A O   1 
HETATM 926 O O   . HOH B 2 .  ? 6.758   -7.226  17.108  1.00 27.48 ? 238 HOH A O   1 
HETATM 927 O O   . HOH B 2 .  ? 10.330  -3.627  13.650  1.00 38.17 ? 239 HOH A O   1 
HETATM 928 O O   . HOH B 2 .  ? 7.752   -23.729 5.451   1.00 23.40 ? 240 HOH A O   1 
HETATM 929 O O   . HOH B 2 .  ? 12.215  -3.861  11.268  1.00 28.50 ? 241 HOH A O   1 
HETATM 930 O O   . HOH B 2 .  ? -20.539 4.585   5.321   1.00 36.25 ? 242 HOH A O   1 
HETATM 931 O O   . HOH B 2 .  ? -1.422  -5.335  -13.258 1.00 33.91 ? 243 HOH A O   1 
HETATM 932 O O   . HOH B 2 .  ? 9.013   -17.186 8.367   1.00 42.42 ? 244 HOH A O   1 
HETATM 933 O O   . HOH B 2 .  ? 12.087  -11.319 -7.463  1.00 41.89 ? 245 HOH A O   1 
HETATM 934 O O   . HOH B 2 .  ? -16.541 12.659  0.250   1.00 31.97 ? 246 HOH A O   1 
HETATM 935 O O   . HOH B 2 .  ? 8.380   -13.612 12.228  1.00 32.18 ? 247 HOH A O   1 
HETATM 936 O O   . HOH B 2 .  ? 1.185   -2.878  -14.726 1.00 29.60 ? 248 HOH A O   1 
HETATM 937 O O   . HOH B 2 .  ? 12.911  -0.048  -11.226 1.00 29.01 ? 249 HOH A O   1 
HETATM 938 O O   . HOH B 2 .  ? 5.151   -5.212  -11.545 1.00 44.64 ? 250 HOH A O   1 
HETATM 939 O O   . HOH B 2 .  ? 9.804   4.468   11.565  1.00 41.06 ? 251 HOH A O   1 
HETATM 940 O O   . HOH B 2 .  ? 4.576   -14.693 9.656   1.00 26.46 ? 252 HOH A O   1 
HETATM 941 O O   . HOH B 2 .  ? -17.774 11.079  -2.573  1.00 36.21 ? 253 HOH A O   1 
HETATM 942 O O   . HOH B 2 .  ? 0.686   -0.750  -16.099 1.00 41.44 ? 254 HOH A O   1 
HETATM 943 O O   . HOH B 2 .  ? 2.051   -15.213 10.881  1.00 37.81 ? 255 HOH A O   1 
HETATM 944 O O   . HOH B 2 .  ? 12.634  8.717   5.351   1.00 40.03 ? 256 HOH A O   1 
# 
loop_
_atom_site_anisotrop.id 
_atom_site_anisotrop.type_symbol 
_atom_site_anisotrop.pdbx_label_atom_id 
_atom_site_anisotrop.pdbx_label_alt_id 
_atom_site_anisotrop.pdbx_label_comp_id 
_atom_site_anisotrop.pdbx_label_asym_id 
_atom_site_anisotrop.pdbx_label_seq_id 
_atom_site_anisotrop.pdbx_PDB_ins_code 
_atom_site_anisotrop.U[1][1] 
_atom_site_anisotrop.U[2][2] 
_atom_site_anisotrop.U[3][3] 
_atom_site_anisotrop.U[1][2] 
_atom_site_anisotrop.U[1][3] 
_atom_site_anisotrop.U[2][3] 
_atom_site_anisotrop.pdbx_auth_seq_id 
_atom_site_anisotrop.pdbx_auth_comp_id 
_atom_site_anisotrop.pdbx_auth_asym_id 
_atom_site_anisotrop.pdbx_auth_atom_id 
1   N N   . PRO A 2  ? 0.2328 0.2404 0.3591 -0.0109 0.0299  0.0316  -1 PRO A N   
2   C CA  . PRO A 2  ? 0.2674 0.2764 0.3892 -0.0135 0.0244  0.0258  -1 PRO A CA  
3   C C   . PRO A 2  ? 0.3303 0.3401 0.4313 -0.0146 0.0238  0.0236  -1 PRO A C   
4   O O   . PRO A 2  ? 0.3502 0.3614 0.4455 -0.0158 0.0211  0.0204  -1 PRO A O   
5   C CB  . PRO A 2  ? 0.2144 0.2248 0.3453 -0.0117 0.0277  0.0293  -1 PRO A CB  
6   C CG  . PRO A 2  ? 0.1760 0.1854 0.3247 -0.0089 0.0323  0.0350  -1 PRO A CG  
7   C CD  . PRO A 2  ? 0.2508 0.2589 0.3907 -0.0074 0.0360  0.0383  -1 PRO A CD  
8   N N   . HIS A 3  ? 0.3562 0.3645 0.4471 -0.0138 0.0260  0.0253  0  HIS A N   
9   C CA  . HIS A 3  ? 0.3679 0.3764 0.4411 -0.0144 0.0253  0.0233  0  HIS A CA  
10  C C   . HIS A 3  ? 0.2641 0.2730 0.3337 -0.0176 0.0188  0.0169  0  HIS A C   
11  O O   . HIS A 3  ? 0.3068 0.3175 0.3706 -0.0180 0.0179  0.0153  0  HIS A O   
12  C CB  . HIS A 3  ? 0.3515 0.3581 0.4179 -0.0131 0.0275  0.0254  0  HIS A CB  
13  N N   . MET A 4  ? 0.1587 0.1658 0.2322 -0.0193 0.0145  0.0134  1  MET A N   
14  C CA  . MET A 4  ? 0.0913 0.0984 0.1581 -0.0210 0.0091  0.0079  1  MET A CA  
15  C C   . MET A 4  ? 0.0710 0.0803 0.1398 -0.0216 0.0055  0.0047  1  MET A C   
16  O O   . MET A 4  ? 0.0683 0.0783 0.1490 -0.0212 0.0035  0.0038  1  MET A O   
17  C CB  . MET A 4  ? 0.1259 0.1305 0.1971 -0.0217 0.0047  0.0041  1  MET A CB  
18  C CG  . MET A 4  ? 0.0572 0.0616 0.1200 -0.0223 -0.0007 -0.0015 1  MET A CG  
19  S SD  . MET A 4  ? 0.2012 0.2020 0.2640 -0.0219 -0.0056 -0.0065 1  MET A SD  
20  C CE  . MET A 4  ? 0.2188 0.2198 0.2956 -0.0203 -0.0122 -0.0117 1  MET A CE  
21  N N   . THR A 5  ? 0.0568 0.0675 0.1153 -0.0219 0.0047  0.0033  2  THR A N   
22  C CA  . THR A 5  ? 0.0417 0.0550 0.1015 -0.0219 0.0017  0.0009  2  THR A CA  
23  C C   . THR A 5  ? 0.0515 0.0645 0.1111 -0.0217 -0.0056 -0.0051 2  THR A C   
24  O O   . THR A 5  ? 0.0437 0.0546 0.0999 -0.0215 -0.0078 -0.0075 2  THR A O   
25  C CB  . THR A 5  ? 0.0729 0.0882 0.1233 -0.0216 0.0048  0.0028  2  THR A CB  
26  O OG1 . THR A 5  ? 0.0355 0.0500 0.0770 -0.0220 0.0039  0.0012  2  THR A OG1 
27  C CG2 . THR A 5  ? 0.1236 0.1386 0.1712 -0.0204 0.0109  0.0074  2  THR A CG2 
28  N N   . VAL A 6  ? 0.0433 0.0585 0.1059 -0.0207 -0.0096 -0.0077 3  VAL A N   
29  C CA  . VAL A 6  ? 0.0466 0.0618 0.1056 -0.0185 -0.0172 -0.0138 3  VAL A CA  
30  C C   . VAL A 6  ? 0.0453 0.0600 0.0894 -0.0173 -0.0166 -0.0143 3  VAL A C   
31  O O   . VAL A 6  ? 0.0497 0.0624 0.0870 -0.0147 -0.0203 -0.0179 3  VAL A O   
32  C CB  . VAL A 6  ? 0.0485 0.0664 0.1109 -0.0168 -0.0212 -0.0159 3  VAL A CB  
33  C CG1 . VAL A 6  ? 0.0539 0.0722 0.1070 -0.0122 -0.0287 -0.0217 3  VAL A CG1 
34  C CG2 . VAL A 6  ? 0.0609 0.0780 0.1377 -0.0167 -0.0223 -0.0162 3  VAL A CG2 
35  N N   . ALA A 7  ? 0.0411 0.0570 0.0782 -0.0178 -0.0109 -0.0096 4  ALA A N   
36  C CA  . ALA A 7  ? 0.0488 0.0635 0.0718 -0.0157 -0.0086 -0.0084 4  ALA A CA  
37  C C   . ALA A 7  ? 0.0688 0.0804 0.0879 -0.0164 -0.0070 -0.0082 4  ALA A C   
38  O O   . ALA A 7  ? 0.0645 0.0747 0.0747 -0.0137 -0.0079 -0.0094 4  ALA A O   
39  C CB  . ALA A 7  ? 0.0433 0.0596 0.0636 -0.0164 -0.0038 -0.0045 4  ALA A CB  
40  N N   . GLU A 8  ? 0.0393 0.0499 0.0652 -0.0191 -0.0041 -0.0062 5  GLU A N   
41  C CA  . GLU A 8  ? 0.0399 0.0476 0.0635 -0.0196 -0.0027 -0.0058 5  GLU A CA  
42  C C   . GLU A 8  ? 0.0444 0.0501 0.0695 -0.0184 -0.0080 -0.0106 5  GLU A C   
43  O O   . GLU A 8  ? 0.0513 0.0548 0.0684 -0.0167 -0.0083 -0.0117 5  GLU A O   
44  C CB  . GLU A 8  ? 0.0386 0.0457 0.0695 -0.0218 0.0016  -0.0019 5  GLU A CB  
45  C CG  . GLU A 8  ? 0.0364 0.0444 0.0604 -0.0213 0.0066  0.0018  5  GLU A CG  
46  C CD  . GLU A 8  ? 0.1309 0.1389 0.1587 -0.0210 0.0110  0.0062  5  GLU A CD  
47  O OE1 . GLU A 8  ? 0.0862 0.0945 0.1228 -0.0211 0.0109  0.0071  5  GLU A OE1 
48  O OE2 . GLU A 8  ? 0.1056 0.1131 0.1262 -0.0193 0.0139  0.0083  5  GLU A OE2 
49  N N   . ASP A 9  ? 0.0467 0.0530 0.0830 -0.0188 -0.0124 -0.0137 6  ASP A N   
50  C CA  . ASP A 9  ? 0.0525 0.0566 0.0919 -0.0169 -0.0190 -0.0198 6  ASP A CA  
51  C C   . ASP A 9  ? 0.0577 0.0618 0.0824 -0.0118 -0.0226 -0.0236 6  ASP A C   
52  O O   . ASP A 9  ? 0.0624 0.0640 0.0808 -0.0091 -0.0248 -0.0267 6  ASP A O   
53  C CB  . ASP A 9  ? 0.0562 0.0610 0.1079 -0.0164 -0.0221 -0.0212 6  ASP A CB  
54  C CG  . ASP A 9  ? 0.1334 0.1364 0.1865 -0.0125 -0.0289 -0.0276 6  ASP A CG  
55  O OD1 . ASP A 9  ? 0.0665 0.0669 0.1224 -0.0126 -0.0288 -0.0284 6  ASP A OD1 
56  O OD2 . ASP A 9  ? 0.1523 0.1563 0.2034 -0.0089 -0.0343 -0.0318 6  ASP A OD2 
57  N N   . LYS A 10 ? 0.0578 0.0646 0.0768 -0.0097 -0.0228 -0.0227 7  LYS A N   
58  C CA  . LYS A 10 ? 0.1055 0.1128 0.1099 -0.0036 -0.0247 -0.0242 7  LYS A CA  
59  C C   . LYS A 10 ? 0.1097 0.1153 0.1031 -0.0025 -0.0191 -0.0207 7  LYS A C   
60  O O   . LYS A 10 ? 0.0701 0.0745 0.0534 0.0027  -0.0206 -0.0227 7  LYS A O   
61  C CB  . LYS A 10 ? 0.1157 0.1264 0.1178 -0.0024 -0.0238 -0.0217 7  LYS A CB  
62  C CG  . LYS A 10 ? 0.1658 0.1773 0.1530 0.0044  -0.0232 -0.0205 7  LYS A CG  
63  C CD  . LYS A 10 ? 0.2105 0.2253 0.1972 0.0055  -0.0222 -0.0174 7  LYS A CD  
64  C CE  . LYS A 10 ? 0.2458 0.2624 0.2412 0.0057  -0.0294 -0.0223 7  LYS A CE  
65  N NZ  . LYS A 10 ? 0.2493 0.2690 0.2492 0.0040  -0.0271 -0.0185 7  LYS A NZ  
66  N N   . THR A 11 ? 0.0651 0.0709 0.0611 -0.0068 -0.0132 -0.0155 8  THR A N   
67  C CA  . THR A 11 ? 0.0540 0.0584 0.0432 -0.0063 -0.0084 -0.0123 8  THR A CA  
68  C C   . THR A 11 ? 0.0567 0.0578 0.0456 -0.0063 -0.0096 -0.0149 8  THR A C   
69  O O   . THR A 11 ? 0.0607 0.0605 0.0415 -0.0027 -0.0087 -0.0149 8  THR A O   
70  C CB  . THR A 11 ? 0.0503 0.0553 0.0429 -0.0103 -0.0033 -0.0077 8  THR A CB  
71  O OG1 . THR A 11 ? 0.0462 0.0540 0.0399 -0.0102 -0.0025 -0.0059 8  THR A OG1 
72  C CG2 . THR A 11 ? 0.0455 0.0492 0.0333 -0.0095 0.0005  -0.0051 8  THR A CG2 
73  N N   . PHE A 12 ? 0.0550 0.0548 0.0537 -0.0099 -0.0113 -0.0163 9  PHE A N   
74  C CA  . PHE A 12 ? 0.0715 0.0683 0.0722 -0.0100 -0.0126 -0.0188 9  PHE A CA  
75  C C   . PHE A 12 ? 0.1073 0.1028 0.1023 -0.0046 -0.0182 -0.0249 9  PHE A C   
76  O O   . PHE A 12 ? 0.0861 0.0795 0.0752 -0.0021 -0.0179 -0.0262 9  PHE A O   
77  C CB  . PHE A 12 ? 0.0553 0.0511 0.0703 -0.0142 -0.0132 -0.0187 9  PHE A CB  
78  C CG  . PHE A 12 ? 0.0732 0.0654 0.0921 -0.0145 -0.0144 -0.0207 9  PHE A CG  
79  C CD1 . PHE A 12 ? 0.0674 0.0582 0.0835 -0.0158 -0.0097 -0.0166 9  PHE A CD1 
80  C CD2 . PHE A 12 ? 0.0769 0.0676 0.1027 -0.0128 -0.0208 -0.0270 9  PHE A CD2 
81  C CE1 . PHE A 12 ? 0.1185 0.1061 0.1386 -0.0159 -0.0106 -0.0182 9  PHE A CE1 
82  C CE2 . PHE A 12 ? 0.1103 0.0980 0.1396 -0.0125 -0.0211 -0.0281 9  PHE A CE2 
83  C CZ  . PHE A 12 ? 0.1348 0.1204 0.1624 -0.0147 -0.0165 -0.0244 9  PHE A CZ  
84  N N   . GLN A 13 ? 0.0916 0.0886 0.0880 -0.0021 -0.0236 -0.0290 10 GLN A N   
85  C CA  . GLN A 13 ? 0.1195 0.1157 0.1095 0.0045  -0.0296 -0.0352 10 GLN A CA  
86  C C   . GLN A 13 ? 0.0869 0.0835 0.0594 0.0110  -0.0266 -0.0334 10 GLN A C   
87  O O   . GLN A 13 ? 0.1200 0.1151 0.0860 0.0162  -0.0273 -0.0352 10 GLN A O   
88  C CB  . GLN A 13 ? 0.1332 0.1313 0.1298 0.0062  -0.0348 -0.0381 10 GLN A CB  
89  C CG  . GLN A 13 ? 0.1668 0.1644 0.1825 0.0011  -0.0366 -0.0389 10 GLN A CG  
90  C CD  . GLN A 13 ? 0.2724 0.2671 0.2955 0.0004  -0.0375 -0.0408 10 GLN A CD  
91  O OE1 . GLN A 13 ? 0.3237 0.3169 0.3399 0.0055  -0.0404 -0.0448 10 GLN A OE1 
92  N NE2 . GLN A 13 ? 0.3050 0.2991 0.3423 -0.0051 -0.0346 -0.0375 10 GLN A NE2 
93  N N   . TYR A 14 ? 0.1283 0.1272 0.0962 0.0104  -0.0211 -0.0273 11 TYR A N   
94  C CA  . TYR A 14 ? 0.1195 0.1192 0.0743 0.0163  -0.0162 -0.0231 11 TYR A CA  
95  C C   . TYR A 14 ? 0.1229 0.1203 0.0758 0.0159  -0.0117 -0.0209 11 TYR A C   
96  O O   . TYR A 14 ? 0.0991 0.0956 0.0427 0.0223  -0.0105 -0.0210 11 TYR A O   
97  C CB  . TYR A 14 ? 0.0808 0.0834 0.0365 0.0147  -0.0108 -0.0163 11 TYR A CB  
98  C CG  . TYR A 14 ? 0.1524 0.1556 0.0995 0.0196  -0.0041 -0.0101 11 TYR A CG  
99  C CD1 . TYR A 14 ? 0.2001 0.2044 0.1382 0.0277  -0.0039 -0.0090 11 TYR A CD1 
100 C CD2 . TYR A 14 ? 0.2798 0.2825 0.2317 0.0159  0.0021  -0.0049 11 TYR A CD2 
101 C CE1 . TYR A 14 ? 0.2916 0.2964 0.2278 0.0315  0.0033  -0.0018 11 TYR A CE1 
102 C CE2 . TYR A 14 ? 0.2820 0.2855 0.2303 0.0203  0.0088  0.0013  11 TYR A CE2 
103 C CZ  . TYR A 14 ? 0.3249 0.3293 0.2672 0.0274  0.0094  0.0032  11 TYR A CZ  
104 O OH  . TYR A 14 ? 0.3570 0.3621 0.3021 0.0307  0.0158  0.0098  11 TYR A OH  
105 N N   . ILE A 15 ? 0.0761 0.0725 0.0383 0.0087  -0.0088 -0.0184 12 ILE A N   
106 C CA  . ILE A 15 ? 0.0745 0.0688 0.0363 0.0078  -0.0050 -0.0163 12 ILE A CA  
107 C C   . ILE A 15 ? 0.1682 0.1596 0.1270 0.0113  -0.0092 -0.0222 12 ILE A C   
108 O O   . ILE A 15 ? 0.1348 0.1250 0.0865 0.0158  -0.0065 -0.0216 12 ILE A O   
109 C CB  . ILE A 15 ? 0.0645 0.0583 0.0363 0.0004  -0.0027 -0.0135 12 ILE A CB  
110 C CG1 . ILE A 15 ? 0.0583 0.0548 0.0320 -0.0016 0.0012  -0.0085 12 ILE A CG1 
111 C CG2 . ILE A 15 ? 0.0958 0.0872 0.0678 -0.0001 -0.0002 -0.0124 12 ILE A CG2 
112 C CD1 . ILE A 15 ? 0.0597 0.0560 0.0410 -0.0073 0.0023  -0.0067 12 ILE A CD1 
113 N N   . ARG A 16 ? 0.1086 0.0989 0.0746 0.0095  -0.0156 -0.0281 13 ARG A N   
114 C CA  . ARG A 16 ? 0.1559 0.1434 0.1222 0.0128  -0.0210 -0.0349 13 ARG A CA  
115 C C   . ARG A 16 ? 0.2060 0.1946 0.1609 0.0213  -0.0215 -0.0356 13 ARG A C   
116 O O   . ARG A 16 ? 0.2238 0.2108 0.1743 0.0249  -0.0205 -0.0363 13 ARG A O   
117 C CB  . ARG A 16 ? 0.2688 0.2567 0.2487 0.0096  -0.0271 -0.0387 13 ARG A CB  
118 C CG  . ARG A 16 ? 0.4432 0.4288 0.4377 0.0031  -0.0270 -0.0385 13 ARG A CG  
119 C CD  . ARG A 16 ? 0.5886 0.5722 0.5888 0.0054  -0.0309 -0.0429 13 ARG A CD  
120 N NE  . ARG A 16 ? 0.6614 0.6466 0.6682 0.0085  -0.0373 -0.0476 13 ARG A NE  
121 C CZ  . ARG A 16 ? 0.6802 0.6657 0.7037 0.0052  -0.0399 -0.0483 13 ARG A CZ  
122 N NH1 . ARG A 16 ? 0.6704 0.6573 0.7001 0.0091  -0.0463 -0.0533 13 ARG A NH1 
123 N NH2 . ARG A 16 ? 0.6762 0.6610 0.7109 -0.0011 -0.0358 -0.0437 13 ARG A NH2 
124 N N   . GLN A 17 ? 0.1719 0.1631 0.1227 0.0249  -0.0229 -0.0351 14 GLN A N   
125 C CA  . GLN A 17 ? 0.2240 0.2163 0.1646 0.0340  -0.0237 -0.0355 14 GLN A CA  
126 C C   . GLN A 17 ? 0.2430 0.2358 0.1740 0.0380  -0.0158 -0.0288 14 GLN A C   
127 O O   . GLN A 17 ? 0.2877 0.2803 0.2113 0.0456  -0.0154 -0.0289 14 GLN A O   
128 C CB  . GLN A 17 ? 0.3132 0.3081 0.2524 0.0372  -0.0269 -0.0362 14 GLN A CB  
129 C CG  . GLN A 17 ? 0.4654 0.4601 0.4160 0.0348  -0.0351 -0.0429 14 GLN A CG  
130 C CD  . GLN A 17 ? 0.5986 0.5960 0.5492 0.0366  -0.0377 -0.0430 14 GLN A CD  
131 O OE1 . GLN A 17 ? 0.6937 0.6930 0.6342 0.0414  -0.0341 -0.0387 14 GLN A OE1 
132 N NE2 . GLN A 17 ? 0.5549 0.5523 0.5185 0.0329  -0.0435 -0.0473 14 GLN A NE2 
133 N N   . HIS A 18 ? 0.1639 0.1572 0.0965 0.0334  -0.0094 -0.0228 15 HIS A N   
134 C CA  . HIS A 18 ? 0.1125 0.1067 0.0410 0.0365  -0.0014 -0.0154 15 HIS A CA  
135 C C   . HIS A 18 ? 0.1056 0.0979 0.0382 0.0322  0.0029  -0.0135 15 HIS A C   
136 O O   . HIS A 18 ? 0.1886 0.1819 0.1240 0.0310  0.0096  -0.0069 15 HIS A O   
137 C CB  . HIS A 18 ? 0.1544 0.1514 0.0843 0.0357  0.0032  -0.0088 15 HIS A CB  
138 C CG  . HIS A 18 ? 0.2495 0.2486 0.1747 0.0411  0.0003  -0.0095 15 HIS A CG  
139 N ND1 . HIS A 18 ? 0.2855 0.2851 0.2124 0.0393  -0.0067 -0.0153 15 HIS A ND1 
140 C CD2 . HIS A 18 ? 0.3534 0.3539 0.2732 0.0486  0.0033  -0.0051 15 HIS A CD2 
141 C CE1 . HIS A 18 ? 0.3680 0.3693 0.2898 0.0457  -0.0080 -0.0146 15 HIS A CE1 
142 N NE2 . HIS A 18 ? 0.3578 0.3598 0.2747 0.0516  -0.0019 -0.0084 15 HIS A NE2 
143 N N   . HIS A 19 ? 0.1722 0.1616 0.1070 0.0299  -0.0013 -0.0194 16 HIS A N   
144 C CA  . HIS A 19 ? 0.2211 0.2079 0.1602 0.0256  0.0018  -0.0186 16 HIS A CA  
145 C C   . HIS A 19 ? 0.1886 0.1760 0.1260 0.0288  0.0092  -0.0124 16 HIS A C   
146 O O   . HIS A 19 ? 0.2309 0.2179 0.1747 0.0248  0.0137  -0.0082 16 HIS A O   
147 C CB  . HIS A 19 ? 0.3124 0.2957 0.2559 0.0234  -0.0042 -0.0258 16 HIS A CB  
148 C CG  . HIS A 19 ? 0.5067 0.4887 0.4462 0.0288  -0.0046 -0.0280 16 HIS A CG  
149 N ND1 . HIS A 19 ? 0.5605 0.5441 0.4930 0.0360  -0.0067 -0.0292 16 HIS A ND1 
150 C CD2 . HIS A 19 ? 0.5817 0.5609 0.5231 0.0285  -0.0034 -0.0291 16 HIS A CD2 
151 C CE1 . HIS A 19 ? 0.5497 0.5316 0.4793 0.0399  -0.0069 -0.0311 16 HIS A CE1 
152 N NE2 . HIS A 19 ? 0.5729 0.5523 0.5083 0.0353  -0.0047 -0.0310 16 HIS A NE2 
153 N N   . SER A 20 ? 0.1593 0.1476 0.0906 0.0359  0.0101  -0.0111 17 SER A N   
154 C CA  . SER A 20 ? 0.1907 0.1792 0.1224 0.0391  0.0169  -0.0050 17 SER A CA  
155 C C   . SER A 20 ? 0.1461 0.1370 0.0845 0.0376  0.0232  0.0033  17 SER A C   
156 O O   . SER A 20 ? 0.2051 0.1959 0.1498 0.0372  0.0287  0.0085  17 SER A O   
157 C CB  . SER A 20 ? 0.2349 0.2230 0.1576 0.0481  0.0164  -0.0053 17 SER A CB  
158 O OG  . SER A 20 ? 0.3423 0.3329 0.2605 0.0535  0.0170  -0.0020 17 SER A OG  
159 N N   . ASN A 21 ? 0.1329 0.1259 0.0718 0.0363  0.0220  0.0042  18 ASN A N   
160 C CA  . ASN A 21 ? 0.1214 0.1162 0.0693 0.0338  0.0266  0.0109  18 ASN A CA  
161 C C   . ASN A 21 ? 0.1424 0.1371 0.1009 0.0263  0.0281  0.0116  18 ASN A C   
162 O O   . ASN A 21 ? 0.1442 0.1400 0.1134 0.0243  0.0317  0.0167  18 ASN A O   
163 C CB  . ASN A 21 ? 0.1804 0.1774 0.1267 0.0335  0.0244  0.0107  18 ASN A CB  
164 C CG  . ASN A 21 ? 0.3094 0.3074 0.2472 0.0419  0.0237  0.0115  18 ASN A CG  
165 O OD1 . ASN A 21 ? 0.3289 0.3258 0.2602 0.0483  0.0243  0.0116  18 ASN A OD1 
166 N ND2 . ASN A 21 ? 0.3137 0.3137 0.2508 0.0425  0.0225  0.0124  18 ASN A ND2 
167 N N   . PHE A 22 ? 0.1307 0.1232 0.0868 0.0226  0.0248  0.0061  19 PHE A N   
168 C CA  . PHE A 22 ? 0.1275 0.1194 0.0943 0.0151  0.0238  0.0060  19 PHE A CA  
169 C C   . PHE A 22 ? 0.1748 0.1645 0.1459 0.0140  0.0249  0.0058  19 PHE A C   
170 O O   . PHE A 22 ? 0.1087 0.0979 0.0878 0.0086  0.0230  0.0052  19 PHE A O   
171 C CB  . PHE A 22 ? 0.1060 0.0974 0.0729 0.0099  0.0172  0.0010  19 PHE A CB  
172 C CG  . PHE A 22 ? 0.0669 0.0607 0.0328 0.0096  0.0164  0.0018  19 PHE A CG  
173 C CD1 . PHE A 22 ? 0.0745 0.0701 0.0486 0.0056  0.0176  0.0047  19 PHE A CD1 
174 C CD2 . PHE A 22 ? 0.1029 0.0972 0.0599 0.0142  0.0140  -0.0007 19 PHE A CD2 
175 C CE1 . PHE A 22 ? 0.1422 0.1400 0.1161 0.0055  0.0172  0.0056  19 PHE A CE1 
176 C CE2 . PHE A 22 ? 0.1524 0.1493 0.1091 0.0143  0.0132  0.0003  19 PHE A CE2 
177 C CZ  . PHE A 22 ? 0.1756 0.1741 0.1409 0.0096  0.0152  0.0037  19 PHE A CZ  
178 N N   . SER A 23 ? 0.1344 0.1233 0.0996 0.0202  0.0281  0.0067  20 SER A N   
179 C CA  . SER A 23 ? 0.1382 0.1247 0.1065 0.0198  0.0287  0.0056  20 SER A CA  
180 C C   . SER A 23 ? 0.1142 0.1017 0.0960 0.0170  0.0324  0.0104  20 SER A C   
181 O O   . SER A 23 ? 0.1576 0.1432 0.1442 0.0151  0.0316  0.0092  20 SER A O   
182 C CB  . SER A 23 ? 0.1534 0.1389 0.1115 0.0280  0.0311  0.0048  20 SER A CB  
183 O OG  . SER A 23 ? 0.1856 0.1733 0.1471 0.0318  0.0358  0.0117  20 SER A OG  
184 N N   . ARG A 24 ? 0.0703 0.0603 0.0597 0.0168  0.0360  0.0154  21 ARG A N   
185 C CA  . ARG A 24 ? 0.0648 0.0556 0.0703 0.0144  0.0383  0.0190  21 ARG A CA  
186 C C   . ARG A 24 ? 0.0689 0.0598 0.0828 0.0077  0.0329  0.0163  21 ARG A C   
187 O O   . ARG A 24 ? 0.1298 0.1214 0.1576 0.0059  0.0330  0.0178  21 ARG A O   
188 C CB  . ARG A 24 ? 0.1427 0.1346 0.1553 0.0180  0.0413  0.0246  21 ARG A CB  
189 C CG  . ARG A 24 ? 0.2761 0.2663 0.2858 0.0242  0.0457  0.0284  21 ARG A CG  
190 C CD  . ARG A 24 ? 0.3132 0.3036 0.3256 0.0292  0.0493  0.0347  21 ARG A CD  
191 N NE  . ARG A 24 ? 0.3474 0.3393 0.3488 0.0313  0.0478  0.0337  21 ARG A NE  
192 C CZ  . ARG A 24 ? 0.3369 0.3286 0.3227 0.0366  0.0474  0.0322  21 ARG A CZ  
193 N NH1 . ARG A 24 ? 0.3460 0.3392 0.3237 0.0384  0.0452  0.0311  21 ARG A NH1 
194 N NH2 . ARG A 24 ? 0.3119 0.3019 0.2909 0.0404  0.0486  0.0315  21 ARG A NH2 
195 N N   . ILE A 25 ? 0.0540 0.0444 0.0599 0.0047  0.0276  0.0119  22 ILE A N   
196 C CA  . ILE A 25 ? 0.0507 0.0407 0.0611 -0.0002 0.0225  0.0090  22 ILE A CA  
197 C C   . ILE A 25 ? 0.1165 0.1044 0.1297 -0.0009 0.0210  0.0076  22 ILE A C   
198 O O   . ILE A 25 ? 0.1169 0.1028 0.1238 0.0008  0.0217  0.0067  22 ILE A O   
199 C CB  . ILE A 25 ? 0.0476 0.0371 0.0488 -0.0025 0.0185  0.0056  22 ILE A CB  
200 C CG1 . ILE A 25 ? 0.0777 0.0693 0.0767 -0.0017 0.0195  0.0068  22 ILE A CG1 
201 C CG2 . ILE A 25 ? 0.0438 0.0326 0.0475 -0.0061 0.0142  0.0034  22 ILE A CG2 
202 C CD1 . ILE A 25 ? 0.0626 0.0540 0.0547 -0.0036 0.0160  0.0037  22 ILE A CD1 
203 N N   . HIS A 26 ? 0.0447 0.0327 0.0672 -0.0028 0.0184  0.0072  23 HIS A N   
204 C CA  . HIS A 26 ? 0.0974 0.0836 0.1217 -0.0034 0.0159  0.0056  23 HIS A CA  
205 C C   . HIS A 26 ? 0.0879 0.0732 0.1063 -0.0057 0.0110  0.0028  23 HIS A C   
206 O O   . HIS A 26 ? 0.0810 0.0675 0.1023 -0.0064 0.0080  0.0017  23 HIS A O   
207 C CB  . HIS A 26 ? 0.1238 0.1109 0.1629 -0.0029 0.0156  0.0066  23 HIS A CB  
208 C CG  . HIS A 26 ? 0.2211 0.2064 0.2622 -0.0030 0.0126  0.0051  23 HIS A CG  
209 N ND1 . HIS A 26 ? 0.2468 0.2328 0.3004 -0.0027 0.0090  0.0039  23 HIS A ND1 
210 C CD2 . HIS A 26 ? 0.2769 0.2596 0.3103 -0.0028 0.0124  0.0043  23 HIS A CD2 
211 C CE1 . HIS A 26 ? 0.2190 0.2030 0.2709 -0.0024 0.0069  0.0029  23 HIS A CE1 
212 N NE2 . HIS A 26 ? 0.2730 0.2552 0.3132 -0.0026 0.0092  0.0034  23 HIS A NE2 
213 N N   . VAL A 27 ? 0.0462 0.0292 0.0571 -0.0062 0.0103  0.0019  24 VAL A N   
214 C CA  . VAL A 27 ? 0.0891 0.0715 0.0947 -0.0077 0.0074  0.0008  24 VAL A CA  
215 C C   . VAL A 27 ? 0.0601 0.0429 0.0683 -0.0071 0.0038  0.0003  24 VAL A C   
216 O O   . VAL A 27 ? 0.0651 0.0490 0.0702 -0.0070 0.0020  -0.0004 24 VAL A O   
217 C CB  . VAL A 27 ? 0.1155 0.0951 0.1170 -0.0082 0.0076  0.0005  24 VAL A CB  
218 C CG1 . VAL A 27 ? 0.0504 0.0293 0.0493 -0.0089 0.0058  0.0013  24 VAL A CG1 
219 C CG2 . VAL A 27 ? 0.1140 0.0932 0.1117 -0.0081 0.0089  -0.0007 24 VAL A CG2 
220 N N   . LEU A 28 ? 0.0473 0.0293 0.0609 -0.0059 0.0027  0.0001  25 LEU A N   
221 C CA  . LEU A 28 ? 0.0494 0.0315 0.0644 -0.0041 -0.0019 -0.0012 25 LEU A CA  
222 C C   . LEU A 28 ? 0.0750 0.0595 0.0950 -0.0033 -0.0049 -0.0034 25 LEU A C   
223 O O   . LEU A 28 ? 0.0921 0.0771 0.1079 -0.0012 -0.0089 -0.0054 25 LEU A O   
224 C CB  . LEU A 28 ? 0.1208 0.1018 0.1423 -0.0028 -0.0031 -0.0012 25 LEU A CB  
225 C CG  . LEU A 28 ? 0.0968 0.0751 0.1135 -0.0026 -0.0019 0.0004  25 LEU A CG  
226 C CD1 . LEU A 28 ? 0.1245 0.1020 0.1479 -0.0007 -0.0046 -0.0001 25 LEU A CD1 
227 C CD2 . LEU A 28 ? 0.0567 0.0341 0.0638 -0.0022 -0.0024 0.0017  25 LEU A CD2 
228 N N   . ARG A 29 ? 0.0660 0.0521 0.0949 -0.0043 -0.0027 -0.0030 26 ARG A N   
229 C CA  . ARG A 29 ? 0.0955 0.0837 0.1326 -0.0038 -0.0053 -0.0052 26 ARG A CA  
230 C C   . ARG A 29 ? 0.0819 0.0709 0.1106 -0.0044 -0.0053 -0.0058 26 ARG A C   
231 O O   . ARG A 29 ? 0.0748 0.0650 0.1053 -0.0029 -0.0095 -0.0090 26 ARG A O   
232 C CB  . ARG A 29 ? 0.1299 0.1194 0.1810 -0.0044 -0.0014 -0.0029 26 ARG A CB  
233 C CG  . ARG A 29 ? 0.1353 0.1268 0.1986 -0.0041 -0.0038 -0.0048 26 ARG A CG  
234 C CD  . ARG A 29 ? 0.1467 0.1406 0.2246 -0.0036 0.0012  -0.0009 26 ARG A CD  
235 N NE  . ARG A 29 ? 0.0916 0.0886 0.1813 -0.0022 -0.0017 -0.0028 26 ARG A NE  
236 C CZ  . ARG A 29 ? 0.1071 0.1066 0.2086 -0.0004 0.0026  0.0008  26 ARG A CZ  
237 N NH1 . ARG A 29 ? 0.1189 0.1190 0.2281 0.0003  -0.0005 -0.0012 26 ARG A NH1 
238 N NH2 . ARG A 29 ? 0.1178 0.1173 0.2192 0.0006  0.0100  0.0063  26 ARG A NH2 
239 N N   . ILE A 30 ? 0.0451 0.0337 0.0654 -0.0062 -0.0010 -0.0033 27 ILE A N   
240 C CA  . ILE A 30 ? 0.0412 0.0311 0.0558 -0.0069 -0.0006 -0.0035 27 ILE A CA  
241 C C   . ILE A 30 ? 0.0738 0.0632 0.0786 -0.0057 -0.0026 -0.0043 27 ILE A C   
242 O O   . ILE A 30 ? 0.0454 0.0361 0.0475 -0.0049 -0.0039 -0.0056 27 ILE A O   
243 C CB  . ILE A 30 ? 0.0394 0.0296 0.0507 -0.0086 0.0039  -0.0011 27 ILE A CB  
244 C CG1 . ILE A 30 ? 0.0717 0.0638 0.0816 -0.0092 0.0041  -0.0015 27 ILE A CG1 
245 C CG2 . ILE A 30 ? 0.0442 0.0324 0.0474 -0.0093 0.0051  -0.0004 27 ILE A CG2 
246 C CD1 . ILE A 30 ? 0.0895 0.0823 0.0972 -0.0099 0.0078  0.0006  27 ILE A CD1 
247 N N   . LEU A 31 ? 0.0477 0.0351 0.0476 -0.0051 -0.0025 -0.0030 28 LEU A N   
248 C CA  . LEU A 31 ? 0.0683 0.0551 0.0593 -0.0033 -0.0027 -0.0018 28 LEU A CA  
249 C C   . LEU A 31 ? 0.0860 0.0742 0.0726 0.0008  -0.0061 -0.0040 28 LEU A C   
250 O O   . LEU A 31 ? 0.0828 0.0717 0.0631 0.0017  -0.0044 -0.0027 28 LEU A O   
251 C CB  . LEU A 31 ? 0.0558 0.0403 0.0446 -0.0022 -0.0023 0.0003  28 LEU A CB  
252 C CG  . LEU A 31 ? 0.0555 0.0382 0.0457 -0.0052 0.0013  0.0026  28 LEU A CG  
253 C CD1 . LEU A 31 ? 0.0579 0.0382 0.0478 -0.0037 0.0011  0.0044  28 LEU A CD1 
254 C CD2 . LEU A 31 ? 0.0976 0.0804 0.0852 -0.0067 0.0041  0.0047  28 LEU A CD2 
255 N N   . PRO A 32 ? 0.0592 0.0476 0.0497 0.0038  -0.0114 -0.0078 29 PRO A N   
256 C CA  . PRO A 32 ? 0.0914 0.0809 0.0759 0.0090  -0.0158 -0.0111 29 PRO A CA  
257 C C   . PRO A 32 ? 0.0911 0.0824 0.0772 0.0083  -0.0158 -0.0132 29 PRO A C   
258 O O   . PRO A 32 ? 0.1460 0.1380 0.1247 0.0130  -0.0182 -0.0156 29 PRO A O   
259 C CB  . PRO A 32 ? 0.0762 0.0655 0.0682 0.0120  -0.0227 -0.0161 29 PRO A CB  
260 C CG  . PRO A 32 ? 0.1039 0.0919 0.1037 0.0086  -0.0206 -0.0137 29 PRO A CG  
261 C CD  . PRO A 32 ? 0.0606 0.0486 0.0616 0.0031  -0.0138 -0.0096 29 PRO A CD  
262 N N   . TYR A 33 ? 0.0559 0.0479 0.0508 0.0034  -0.0131 -0.0124 30 TYR A N   
263 C CA  . TYR A 33 ? 0.1051 0.0990 0.1027 0.0026  -0.0128 -0.0139 30 TYR A CA  
264 C C   . TYR A 33 ? 0.0764 0.0707 0.0656 0.0012  -0.0081 -0.0104 30 TYR A C   
265 O O   . TYR A 33 ? 0.0964 0.0923 0.0851 0.0017  -0.0081 -0.0117 30 TYR A O   
266 C CB  . TYR A 33 ? 0.0908 0.0854 0.1020 -0.0011 -0.0117 -0.0137 30 TYR A CB  
267 C CG  . TYR A 33 ? 0.0910 0.0856 0.1157 0.0003  -0.0164 -0.0173 30 TYR A CG  
268 C CD1 . TYR A 33 ? 0.0882 0.0836 0.1196 0.0033  -0.0224 -0.0230 30 TYR A CD1 
269 C CD2 . TYR A 33 ? 0.0621 0.0558 0.0944 -0.0010 -0.0152 -0.0155 30 TYR A CD2 
270 C CE1 . TYR A 33 ? 0.1120 0.1074 0.1593 0.0046  -0.0276 -0.0271 30 TYR A CE1 
271 C CE2 . TYR A 33 ? 0.0892 0.0831 0.1370 0.0002  -0.0195 -0.0186 30 TYR A CE2 
272 C CZ  . TYR A 33 ? 0.1393 0.1341 0.1954 0.0029  -0.0258 -0.0243 30 TYR A CZ  
273 O OH  . TYR A 33 ? 0.2465 0.2425 0.3178 0.0053  -0.0289 -0.0258 30 TYR A OH  
274 N N   . LEU A 34 ? 0.0528 0.0461 0.0375 -0.0005 -0.0042 -0.0062 31 LEU A N   
275 C CA  . LEU A 34 ? 0.0521 0.0458 0.0328 -0.0023 0.0001  -0.0029 31 LEU A CA  
276 C C   . LEU A 34 ? 0.0592 0.0534 0.0311 0.0021  0.0011  -0.0013 31 LEU A C   
277 O O   . LEU A 34 ? 0.0974 0.0902 0.0653 0.0033  0.0036  0.0024  31 LEU A O   
278 C CB  . LEU A 34 ? 0.0497 0.0418 0.0320 -0.0057 0.0031  0.0002  31 LEU A CB  
279 C CG  . LEU A 34 ? 0.0445 0.0366 0.0331 -0.0086 0.0032  -0.0008 31 LEU A CG  
280 C CD1 . LEU A 34 ? 0.0675 0.0575 0.0566 -0.0101 0.0047  0.0007  31 LEU A CD1 
281 C CD2 . LEU A 34 ? 0.0712 0.0650 0.0616 -0.0105 0.0046  -0.0008 31 LEU A CD2 
282 N N   . SER A 35 ? 0.0618 0.0575 0.0310 0.0050  -0.0004 -0.0038 32 SER A N   
283 C CA  . SER A 35 ? 0.0710 0.0672 0.0300 0.0112  0.0005  -0.0026 32 SER A CA  
284 C C   . SER A 35 ? 0.0724 0.0690 0.0290 0.0105  0.0073  0.0039  32 SER A C   
285 O O   . SER A 35 ? 0.0811 0.0781 0.0294 0.0162  0.0101  0.0071  32 SER A O   
286 C CB  . SER A 35 ? 0.0758 0.0736 0.0330 0.0148  -0.0030 -0.0078 32 SER A CB  
287 O OG  . SER A 35 ? 0.0678 0.0672 0.0312 0.0104  -0.0008 -0.0075 32 SER A OG  
288 N N   . CYS A 36 ? 0.0648 0.0614 0.0295 0.0042  0.0099  0.0060  33 CYS A N   
289 C CA  . CYS A 36 ? 0.0656 0.0626 0.0327 0.0030  0.0155  0.0116  33 CYS A CA  
290 C C   . CYS A 36 ? 0.1204 0.1153 0.0885 0.0033  0.0182  0.0162  33 CYS A C   
291 O O   . CYS A 36 ? 0.0861 0.0812 0.0576 0.0038  0.0230  0.0214  33 CYS A O   
292 C CB  . CYS A 36 ? 0.0577 0.0555 0.0337 -0.0029 0.0159  0.0109  33 CYS A CB  
293 S SG  . CYS A 36 ? 0.0999 0.0958 0.0822 -0.0080 0.0133  0.0086  33 CYS A SG  
294 N N   . LEU A 37 ? 0.1105 0.1035 0.0780 0.0030  0.0150  0.0142  34 LEU A N   
295 C CA  . LEU A 37 ? 0.0945 0.0854 0.0631 0.0037  0.0171  0.0183  34 LEU A CA  
296 C C   . LEU A 37 ? 0.1599 0.1506 0.1185 0.0114  0.0193  0.0223  34 LEU A C   
297 O O   . LEU A 37 ? 0.1602 0.1521 0.1096 0.0166  0.0161  0.0191  34 LEU A O   
298 C CB  . LEU A 37 ? 0.0793 0.0682 0.0504 0.0013  0.0131  0.0148  34 LEU A CB  
299 C CG  . LEU A 37 ? 0.0690 0.0578 0.0479 -0.0045 0.0117  0.0116  34 LEU A CG  
300 C CD1 . LEU A 37 ? 0.1018 0.0887 0.0825 -0.0057 0.0089  0.0089  34 LEU A CD1 
301 C CD2 . LEU A 37 ? 0.1522 0.1403 0.1384 -0.0077 0.0149  0.0144  34 LEU A CD2 
302 N N   . THR A 38 ? 0.1203 0.1105 0.0835 0.0122  0.0234  0.0278  35 THR A N   
303 C CA  . THR A 38 ? 0.1911 0.1819 0.1476 0.0196  0.0247  0.0308  35 THR A CA  
304 C C   . THR A 38 ? 0.2727 0.2612 0.2235 0.0221  0.0214  0.0299  35 THR A C   
305 O O   . THR A 38 ? 0.0937 0.0799 0.0480 0.0176  0.0195  0.0285  35 THR A O   
306 C CB  . THR A 38 ? 0.2146 0.2058 0.1797 0.0201  0.0305  0.0371  35 THR A CB  
307 O OG1 . THR A 38 ? 0.2058 0.1949 0.1816 0.0149  0.0312  0.0386  35 THR A OG1 
308 C CG2 . THR A 38 ? 0.1387 0.1321 0.1099 0.0184  0.0333  0.0378  35 THR A CG2 
309 N N   . THR A 39 ? 0.2486 0.2378 0.1908 0.0298  0.0207  0.0305  36 THR A N   
310 C CA  . THR A 39 ? 0.2628 0.2500 0.2000 0.0328  0.0171  0.0296  36 THR A CA  
311 C C   . THR A 39 ? 0.2117 0.1967 0.1581 0.0288  0.0206  0.0348  36 THR A C   
312 O O   . THR A 39 ? 0.2292 0.2117 0.1762 0.0271  0.0175  0.0335  36 THR A O   
313 C CB  . THR A 39 ? 0.3921 0.3807 0.3194 0.0425  0.0163  0.0297  36 THR A CB  
314 O OG1 . THR A 39 ? 0.4821 0.4723 0.4112 0.0456  0.0236  0.0359  36 THR A OG1 
315 C CG2 . THR A 39 ? 0.3331 0.3229 0.2523 0.0469  0.0098  0.0220  36 THR A CG2 
316 N N   . SER A 40 ? 0.2072 0.1931 0.1624 0.0274  0.0268  0.0400  37 SER A N   
317 C CA  . SER A 40 ? 0.2319 0.2160 0.1994 0.0230  0.0296  0.0438  37 SER A CA  
318 C C   . SER A 40 ? 0.2204 0.2023 0.1963 0.0148  0.0271  0.0403  37 SER A C   
319 O O   . SER A 40 ? 0.1919 0.1709 0.1732 0.0122  0.0261  0.0403  37 SER A O   
320 C CB  . SER A 40 ? 0.2745 0.2605 0.2518 0.0237  0.0359  0.0491  37 SER A CB  
321 O OG  . SER A 40 ? 0.3253 0.3098 0.3173 0.0187  0.0374  0.0510  37 SER A OG  
322 N N   . ASP A 41 ? 0.1961 0.1792 0.1733 0.0112  0.0262  0.0370  38 ASP A N   
323 C CA  . ASP A 41 ? 0.1509 0.1320 0.1343 0.0044  0.0238  0.0329  38 ASP A CA  
324 C C   . ASP A 41 ? 0.1414 0.1216 0.1203 0.0044  0.0183  0.0275  38 ASP A C   
325 O O   . ASP A 41 ? 0.1077 0.0859 0.0932 0.0006  0.0166  0.0251  38 ASP A O   
326 C CB  . ASP A 41 ? 0.1845 0.1681 0.1673 0.0022  0.0231  0.0296  38 ASP A CB  
327 C CG  . ASP A 41 ? 0.2110 0.1967 0.2029 0.0006  0.0261  0.0316  38 ASP A CG  
328 O OD1 . ASP A 41 ? 0.2447 0.2300 0.2462 0.0003  0.0283  0.0345  38 ASP A OD1 
329 O OD2 . ASP A 41 ? 0.1884 0.1764 0.1785 0.0002  0.0259  0.0299  38 ASP A OD2 
330 N N   . GLN A 42 ? 0.0832 0.0647 0.0519 0.0088  0.0151  0.0249  39 GLN A N   
331 C CA  . GLN A 42 ? 0.0812 0.0623 0.0483 0.0090  0.0093  0.0194  39 GLN A CA  
332 C C   . GLN A 42 ? 0.1251 0.1037 0.0944 0.0099  0.0093  0.0218  39 GLN A C   
333 O O   . GLN A 42 ? 0.0787 0.0561 0.0540 0.0064  0.0071  0.0186  39 GLN A O   
334 C CB  . GLN A 42 ? 0.2206 0.2036 0.1780 0.0152  0.0051  0.0163  39 GLN A CB  
335 C CG  . GLN A 42 ? 0.2450 0.2304 0.2005 0.0148  0.0044  0.0132  39 GLN A CG  
336 C CD  . GLN A 42 ? 0.2549 0.2410 0.2178 0.0101  0.0005  0.0071  39 GLN A CD  
337 O OE1 . GLN A 42 ? 0.3339 0.3188 0.3032 0.0071  -0.0011 0.0056  39 GLN A OE1 
338 N NE2 . GLN A 42 ? 0.2107 0.1988 0.1731 0.0099  -0.0006 0.0042  39 GLN A NE2 
339 N N   . ASP A 43 ? 0.0928 0.0708 0.0573 0.0152  0.0124  0.0279  40 ASP A N   
340 C CA  . ASP A 43 ? 0.1967 0.1722 0.1630 0.0171  0.0127  0.0311  40 ASP A CA  
341 C C   . ASP A 43 ? 0.1510 0.1242 0.1300 0.0105  0.0148  0.0314  40 ASP A C   
342 O O   . ASP A 43 ? 0.0880 0.0595 0.0708 0.0089  0.0121  0.0290  40 ASP A O   
343 C CB  . ASP A 43 ? 0.1952 0.1705 0.1548 0.0242  0.0178  0.0396  40 ASP A CB  
344 C CG  . ASP A 43 ? 0.2914 0.2693 0.2371 0.0325  0.0141  0.0373  40 ASP A CG  
345 O OD1 . ASP A 43 ? 0.3409 0.3190 0.2821 0.0337  0.0071  0.0306  40 ASP A OD1 
346 O OD2 . ASP A 43 ? 0.3320 0.3123 0.2743 0.0375  0.0178  0.0407  40 ASP A OD2 
347 N N   . ARG A 44 ? 0.1366 0.1098 0.1230 0.0070  0.0189  0.0340  41 ARG A N   
348 C CA  . ARG A 44 ? 0.1089 0.0796 0.1082 0.0016  0.0198  0.0332  41 ARG A CA  
349 C C   . ARG A 44 ? 0.0757 0.0463 0.0767 -0.0027 0.0153  0.0253  41 ARG A C   
350 O O   . ARG A 44 ? 0.0740 0.0423 0.0812 -0.0047 0.0141  0.0231  41 ARG A O   
351 C CB  . ARG A 44 ? 0.0938 0.0663 0.1017 -0.0006 0.0229  0.0349  41 ARG A CB  
352 C CG  . ARG A 44 ? 0.0969 0.0681 0.1180 -0.0053 0.0215  0.0313  41 ARG A CG  
353 C CD  . ARG A 44 ? 0.0877 0.0613 0.1187 -0.0064 0.0233  0.0323  41 ARG A CD  
354 N NE  . ARG A 44 ? 0.0762 0.0521 0.1034 -0.0075 0.0231  0.0306  41 ARG A NE  
355 C CZ  . ARG A 44 ? 0.1024 0.0780 0.1308 -0.0110 0.0198  0.0249  41 ARG A CZ  
356 N NH1 . ARG A 44 ? 0.1087 0.0820 0.1410 -0.0135 0.0163  0.0199  41 ARG A NH1 
357 N NH2 . ARG A 44 ? 0.0783 0.0564 0.1034 -0.0116 0.0199  0.0242  41 ARG A NH2 
358 N N   . LEU A 45 ? 0.0881 0.0614 0.0841 -0.0035 0.0132  0.0213  42 LEU A N   
359 C CA  . LEU A 45 ? 0.0658 0.0393 0.0632 -0.0065 0.0103  0.0153  42 LEU A CA  
360 C C   . LEU A 45 ? 0.0758 0.0487 0.0715 -0.0051 0.0075  0.0130  42 LEU A C   
361 O O   . LEU A 45 ? 0.0628 0.0346 0.0622 -0.0069 0.0068  0.0100  42 LEU A O   
362 C CB  . LEU A 45 ? 0.0621 0.0384 0.0563 -0.0076 0.0095  0.0127  42 LEU A CB  
363 C CG  . LEU A 45 ? 0.0611 0.0379 0.0597 -0.0100 0.0116  0.0135  42 LEU A CG  
364 C CD1 . LEU A 45 ? 0.0586 0.0385 0.0530 -0.0100 0.0111  0.0122  42 LEU A CD1 
365 C CD2 . LEU A 45 ? 0.0589 0.0341 0.0643 -0.0128 0.0102  0.0099  42 LEU A CD2 
366 N N   . ARG A 46 ? 0.0692 0.0429 0.0597 -0.0012 0.0059  0.0142  43 ARG A N   
367 C CA  . ARG A 46 ? 0.0698 0.0428 0.0615 0.0003  0.0028  0.0121  43 ARG A CA  
368 C C   . ARG A 46 ? 0.0712 0.0412 0.0678 -0.0002 0.0042  0.0141  43 ARG A C   
369 O O   . ARG A 46 ? 0.0688 0.0379 0.0699 -0.0012 0.0031  0.0116  43 ARG A O   
370 C CB  . ARG A 46 ? 0.0900 0.0644 0.0757 0.0055  -0.0007 0.0120  43 ARG A CB  
371 C CG  . ARG A 46 ? 0.0965 0.0737 0.0804 0.0059  -0.0037 0.0078  43 ARG A CG  
372 C CD  . ARG A 46 ? 0.1389 0.1171 0.1188 0.0117  -0.0093 0.0055  43 ARG A CD  
373 N NE  . ARG A 46 ? 0.2126 0.1900 0.1831 0.0175  -0.0088 0.0096  43 ARG A NE  
374 C CZ  . ARG A 46 ? 0.3099 0.2884 0.2706 0.0219  -0.0075 0.0117  43 ARG A CZ  
375 N NH1 . ARG A 46 ? 0.2913 0.2689 0.2431 0.0283  -0.0061 0.0167  43 ARG A NH1 
376 N NH2 . ARG A 46 ? 0.3215 0.3019 0.2809 0.0207  -0.0072 0.0095  43 ARG A NH2 
377 N N   . ALA A 47 ? 0.0757 0.0441 0.0727 0.0008  0.0071  0.0189  44 ALA A N   
378 C CA  . ALA A 47 ? 0.0779 0.0431 0.0813 0.0004  0.0085  0.0211  44 ALA A CA  
379 C C   . ALA A 47 ? 0.0736 0.0372 0.0850 -0.0039 0.0091  0.0175  44 ALA A C   
380 O O   . ALA A 47 ? 0.0738 0.0350 0.0899 -0.0045 0.0085  0.0160  44 ALA A O   
381 C CB  . ALA A 47 ? 0.0845 0.0486 0.0886 0.0030  0.0123  0.0283  44 ALA A CB  
382 N N   . THR A 48 ? 0.0871 0.0519 0.0990 -0.0064 0.0097  0.0158  45 THR A N   
383 C CA  . THR A 48 ? 0.0910 0.0546 0.1080 -0.0091 0.0090  0.0112  45 THR A CA  
384 C C   . THR A 48 ? 0.0659 0.0301 0.0797 -0.0088 0.0072  0.0066  45 THR A C   
385 O O   . THR A 48 ? 0.0670 0.0291 0.0841 -0.0088 0.0068  0.0035  45 THR A O   
386 C CB  . THR A 48 ? 0.0770 0.0422 0.0944 -0.0111 0.0092  0.0099  45 THR A CB  
387 O OG1 . THR A 48 ? 0.0691 0.0342 0.0915 -0.0111 0.0118  0.0151  45 THR A OG1 
388 C CG2 . THR A 48 ? 0.1126 0.0766 0.1346 -0.0126 0.0072  0.0042  45 THR A CG2 
389 N N   . TYR A 49 ? 0.0634 0.0303 0.0717 -0.0080 0.0067  0.0063  46 TYR A N   
390 C CA  . TYR A 49 ? 0.0613 0.0292 0.0692 -0.0072 0.0062  0.0037  46 TYR A CA  
391 C C   . TYR A 49 ? 0.0668 0.0326 0.0785 -0.0059 0.0060  0.0038  46 TYR A C   
392 O O   . TYR A 49 ? 0.0637 0.0285 0.0772 -0.0053 0.0069  0.0015  46 TYR A O   
393 C CB  . TYR A 49 ? 0.0587 0.0297 0.0644 -0.0064 0.0051  0.0039  46 TYR A CB  
394 C CG  . TYR A 49 ? 0.0599 0.0321 0.0688 -0.0057 0.0055  0.0023  46 TYR A CG  
395 C CD1 . TYR A 49 ? 0.0689 0.0425 0.0769 -0.0059 0.0074  0.0011  46 TYR A CD1 
396 C CD2 . TYR A 49 ? 0.0571 0.0291 0.0711 -0.0041 0.0045  0.0026  46 TYR A CD2 
397 C CE1 . TYR A 49 ? 0.0670 0.0420 0.0793 -0.0045 0.0093  0.0012  46 TYR A CE1 
398 C CE2 . TYR A 49 ? 0.0555 0.0287 0.0754 -0.0033 0.0060  0.0021  46 TYR A CE2 
399 C CZ  . TYR A 49 ? 0.0859 0.0606 0.1051 -0.0033 0.0089  0.0019  46 TYR A CZ  
400 O OH  . TYR A 49 ? 0.1201 0.0961 0.1464 -0.0017 0.0117  0.0030  46 TYR A OH  
401 N N   . GLU A 50 ? 0.0654 0.0306 0.0777 -0.0046 0.0051  0.0067  47 GLU A N   
402 C CA  . GLU A 50 ? 0.0674 0.0307 0.0837 -0.0031 0.0045  0.0071  47 GLU A CA  
403 C C   . GLU A 50 ? 0.0692 0.0294 0.0898 -0.0038 0.0060  0.0057  47 GLU A C   
404 O O   . GLU A 50 ? 0.0697 0.0289 0.0932 -0.0027 0.0065  0.0040  47 GLU A O   
405 C CB  . GLU A 50 ? 0.0711 0.0343 0.0862 -0.0007 0.0029  0.0108  47 GLU A CB  
406 C CG  . GLU A 50 ? 0.1214 0.0826 0.1412 0.0012  0.0021  0.0114  47 GLU A CG  
407 C CD  . GLU A 50 ? 0.1722 0.1333 0.1891 0.0048  0.0001  0.0152  47 GLU A CD  
408 O OE1 . GLU A 50 ? 0.2277 0.1911 0.2389 0.0073  -0.0025 0.0152  47 GLU A OE1 
409 O OE2 . GLU A 50 ? 0.1988 0.1572 0.2187 0.0059  0.0012  0.0182  47 GLU A OE2 
410 N N   . ARG A 51 ? 0.0709 0.0293 0.0929 -0.0052 0.0066  0.0063  48 ARG A N   
411 C CA  . ARG A 51 ? 0.0738 0.0288 0.1019 -0.0056 0.0069  0.0042  48 ARG A CA  
412 C C   . ARG A 51 ? 0.0740 0.0287 0.1005 -0.0054 0.0064  -0.0017 48 ARG A C   
413 O O   . ARG A 51 ? 0.0770 0.0295 0.1053 -0.0038 0.0063  -0.0051 48 ARG A O   
414 C CB  . ARG A 51 ? 0.0761 0.0298 0.1099 -0.0069 0.0074  0.0071  48 ARG A CB  
415 C CG  . ARG A 51 ? 0.0796 0.0318 0.1209 -0.0071 0.0065  0.0043  48 ARG A CG  
416 C CD  . ARG A 51 ? 0.0824 0.0355 0.1313 -0.0075 0.0077  0.0087  48 ARG A CD  
417 N NE  . ARG A 51 ? 0.0861 0.0378 0.1444 -0.0076 0.0063  0.0056  48 ARG A NE  
418 C CZ  . ARG A 51 ? 0.1798 0.1320 0.2477 -0.0073 0.0077  0.0092  48 ARG A CZ  
419 N NH1 . ARG A 51 ? 0.1909 0.1444 0.2585 -0.0065 0.0108  0.0167  48 ARG A NH1 
420 N NH2 . ARG A 51 ? 0.1456 0.0970 0.2233 -0.0074 0.0059  0.0056  48 ARG A NH2 
421 N N   . TRP A 52 ? 0.0755 0.0325 0.0977 -0.0064 0.0061  -0.0031 49 TRP A N   
422 C CA  . TRP A 52 ? 0.0741 0.0310 0.0934 -0.0052 0.0051  -0.0086 49 TRP A CA  
423 C C   . TRP A 52 ? 0.0980 0.0578 0.1098 -0.0030 0.0067  -0.0093 49 TRP A C   
424 O O   . TRP A 52 ? 0.0988 0.0584 0.1062 -0.0001 0.0066  -0.0133 49 TRP A O   
425 C CB  . TRP A 52 ? 0.0742 0.0314 0.0957 -0.0071 0.0032  -0.0101 49 TRP A CB  
426 C CG  . TRP A 52 ? 0.0773 0.0311 0.1101 -0.0084 0.0015  -0.0109 49 TRP A CG  
427 C CD1 . TRP A 52 ? 0.0826 0.0346 0.1195 -0.0068 -0.0014 -0.0164 49 TRP A CD1 
428 C CD2 . TRP A 52 ? 0.0766 0.0315 0.1157 -0.0103 0.0030  -0.0050 49 TRP A CD2 
429 N NE1 . TRP A 52 ? 0.0864 0.0391 0.1336 -0.0083 -0.0020 -0.0142 49 TRP A NE1 
430 C CE2 . TRP A 52 ? 0.0807 0.0351 0.1294 -0.0102 0.0011  -0.0068 49 TRP A CE2 
431 C CE3 . TRP A 52 ? 0.0740 0.0308 0.1113 -0.0110 0.0056  0.0017  49 TRP A CE3 
432 C CZ2 . TRP A 52 ? 0.0819 0.0376 0.1396 -0.0111 0.0028  -0.0016 49 TRP A CZ2 
433 C CZ3 . TRP A 52 ? 0.0763 0.0339 0.1200 -0.0112 0.0073  0.0067  49 TRP A CZ3 
434 C CH2 . TRP A 52 ? 0.1278 0.0851 0.1825 -0.0113 0.0063  0.0053  49 TRP A CH2 
435 N N   . GLY A 53 ? 0.0686 0.0311 0.0794 -0.0036 0.0081  -0.0055 50 GLY A N   
436 C CA  . GLY A 53 ? 0.0792 0.0442 0.0867 -0.0016 0.0104  -0.0052 50 GLY A CA  
437 C C   . GLY A 53 ? 0.1070 0.0746 0.1099 -0.0022 0.0104  -0.0054 50 GLY A C   
438 O O   . GLY A 53 ? 0.0650 0.0325 0.0672 -0.0043 0.0084  -0.0063 50 GLY A O   
439 N N   . ASN A 54 ? 0.0647 0.0349 0.0663 -0.0002 0.0131  -0.0040 51 ASN A N   
440 C CA  . ASN A 54 ? 0.0622 0.0353 0.0610 -0.0009 0.0134  -0.0033 51 ASN A CA  
441 C C   . ASN A 54 ? 0.0908 0.0635 0.0832 0.0001  0.0121  -0.0065 51 ASN A C   
442 O O   . ASN A 54 ? 0.0662 0.0401 0.0578 -0.0023 0.0101  -0.0068 51 ASN A O   
443 C CB  . ASN A 54 ? 0.1167 0.0923 0.1180 0.0015  0.0173  -0.0004 51 ASN A CB  
444 C CG  . ASN A 54 ? 0.0862 0.0647 0.0883 0.0000  0.0173  0.0012  51 ASN A CG  
445 O OD1 . ASN A 54 ? 0.0990 0.0784 0.1056 -0.0027 0.0149  0.0018  51 ASN A OD1 
446 N ND2 . ASN A 54 ? 0.0599 0.0400 0.0572 0.0025  0.0197  0.0018  51 ASN A ND2 
447 N N   . GLN A 55 ? 0.0723 0.0437 0.0601 0.0043  0.0128  -0.0092 52 GLN A N   
448 C CA  . GLN A 55 ? 0.1015 0.0728 0.0823 0.0070  0.0107  -0.0131 52 GLN A CA  
449 C C   . GLN A 55 ? 0.1102 0.0799 0.0947 0.0036  0.0056  -0.0168 52 GLN A C   
450 O O   . GLN A 55 ? 0.0759 0.0472 0.0592 0.0025  0.0036  -0.0177 52 GLN A O   
451 C CB  . GLN A 55 ? 0.1554 0.1253 0.1294 0.0138  0.0120  -0.0160 52 GLN A CB  
452 C CG  . GLN A 55 ? 0.3319 0.3013 0.2974 0.0184  0.0084  -0.0218 52 GLN A CG  
453 C CD  . GLN A 55 ? 0.4138 0.3815 0.3709 0.0266  0.0091  -0.0254 52 GLN A CD  
454 O OE1 . GLN A 55 ? 0.4381 0.4025 0.3978 0.0273  0.0060  -0.0303 52 GLN A OE1 
455 N NE2 . GLN A 55 ? 0.4356 0.4056 0.3829 0.0336  0.0137  -0.0228 52 GLN A NE2 
456 N N   . ASP A 56 ? 0.0861 0.0528 0.0767 0.0018  0.0038  -0.0182 53 ASP A N   
457 C CA  . ASP A 56 ? 0.1083 0.0734 0.1061 -0.0014 -0.0001 -0.0205 53 ASP A CA  
458 C C   . ASP A 56 ? 0.1167 0.0837 0.1187 -0.0061 0.0010  -0.0155 53 ASP A C   
459 O O   . ASP A 56 ? 0.1344 0.1019 0.1407 -0.0080 -0.0010 -0.0163 53 ASP A O   
460 C CB  . ASP A 56 ? 0.1030 0.0642 0.1084 -0.0017 -0.0017 -0.0225 53 ASP A CB  
461 C CG  . ASP A 56 ? 0.1990 0.1577 0.2012 0.0033  -0.0047 -0.0297 53 ASP A CG  
462 O OD1 . ASP A 56 ? 0.1877 0.1473 0.1842 0.0066  -0.0076 -0.0343 53 ASP A OD1 
463 O OD2 . ASP A 56 ? 0.3311 0.2871 0.3361 0.0049  -0.0046 -0.0311 53 ASP A OD2 
464 N N   . THR A 57 ? 0.1081 0.0764 0.1093 -0.0071 0.0039  -0.0108 54 THR A N   
465 C CA  . THR A 57 ? 0.0615 0.0316 0.0643 -0.0098 0.0048  -0.0065 54 THR A CA  
466 C C   . THR A 57 ? 0.0590 0.0323 0.0578 -0.0102 0.0049  -0.0065 54 THR A C   
467 O O   . THR A 57 ? 0.0569 0.0314 0.0572 -0.0121 0.0049  -0.0047 54 THR A O   
468 C CB  . THR A 57 ? 0.0594 0.0299 0.0622 -0.0096 0.0063  -0.0030 54 THR A CB  
469 O OG1 . THR A 57 ? 0.0622 0.0296 0.0687 -0.0090 0.0062  -0.0030 54 THR A OG1 
470 C CG2 . THR A 57 ? 0.0953 0.0671 0.0981 -0.0108 0.0065  0.0006  54 THR A CG2 
471 N N   . LEU A 58 ? 0.0600 0.0345 0.0538 -0.0077 0.0056  -0.0080 55 LEU A N   
472 C CA  . LEU A 58 ? 0.0890 0.0665 0.0794 -0.0074 0.0059  -0.0079 55 LEU A CA  
473 C C   . LEU A 58 ? 0.0900 0.0674 0.0815 -0.0082 0.0029  -0.0109 55 LEU A C   
474 O O   . LEU A 58 ? 0.0883 0.0676 0.0805 -0.0100 0.0027  -0.0098 55 LEU A O   
475 C CB  . LEU A 58 ? 0.1135 0.0921 0.0989 -0.0035 0.0082  -0.0077 55 LEU A CB  
476 C CG  . LEU A 58 ? 0.1863 0.1683 0.1691 -0.0029 0.0095  -0.0061 55 LEU A CG  
477 C CD1 . LEU A 58 ? 0.1264 0.1100 0.1138 -0.0061 0.0101  -0.0030 55 LEU A CD1 
478 C CD2 . LEU A 58 ? 0.2491 0.2319 0.2276 0.0021  0.0132  -0.0045 55 LEU A CD2 
479 N N   . LEU A 59 ? 0.0899 0.0646 0.0828 -0.0067 0.0002  -0.0152 56 LEU A N   
480 C CA  . LEU A 59 ? 0.0944 0.0687 0.0922 -0.0074 -0.0039 -0.0190 56 LEU A CA  
481 C C   . LEU A 59 ? 0.0853 0.0597 0.0926 -0.0120 -0.0031 -0.0155 56 LEU A C   
482 O O   . LEU A 59 ? 0.0747 0.0510 0.0856 -0.0136 -0.0039 -0.0151 56 LEU A O   
483 C CB  . LEU A 59 ? 0.1313 0.1023 0.1315 -0.0048 -0.0079 -0.0252 56 LEU A CB  
484 C CG  . LEU A 59 ? 0.2400 0.2111 0.2292 0.0017  -0.0092 -0.0296 56 LEU A CG  
485 C CD1 . LEU A 59 ? 0.2683 0.2357 0.2597 0.0049  -0.0133 -0.0362 56 LEU A CD1 
486 C CD2 . LEU A 59 ? 0.2535 0.2269 0.2372 0.0043  -0.0120 -0.0323 56 LEU A CD2 
487 N N   . GLU A 60 ? 0.0626 0.0353 0.0739 -0.0133 -0.0010 -0.0122 57 GLU A N   
488 C CA  . GLU A 60 ? 0.0606 0.0333 0.0798 -0.0160 0.0010  -0.0075 57 GLU A CA  
489 C C   . GLU A 60 ? 0.0567 0.0326 0.0706 -0.0166 0.0036  -0.0033 57 GLU A C   
490 O O   . GLU A 60 ? 0.0712 0.0482 0.0898 -0.0180 0.0051  -0.0003 57 GLU A O   
491 C CB  . GLU A 60 ? 0.0621 0.0319 0.0849 -0.0160 0.0028  -0.0045 57 GLU A CB  
492 C CG  . GLU A 60 ? 0.0620 0.0320 0.0912 -0.0172 0.0061  0.0020  57 GLU A CG  
493 C CD  . GLU A 60 ? 0.1200 0.0913 0.1596 -0.0181 0.0055  0.0024  57 GLU A CD  
494 O OE1 . GLU A 60 ? 0.1289 0.0996 0.1744 -0.0181 0.0015  -0.0030 57 GLU A OE1 
495 O OE2 . GLU A 60 ? 0.1413 0.1149 0.1829 -0.0179 0.0088  0.0078  57 GLU A OE2 
496 N N   . LEU A 61 ? 0.0911 0.0685 0.0963 -0.0152 0.0043  -0.0032 58 LEU A N   
497 C CA  . LEU A 61 ? 0.0982 0.0785 0.0991 -0.0154 0.0060  -0.0006 58 LEU A CA  
498 C C   . LEU A 61 ? 0.0713 0.0539 0.0731 -0.0163 0.0053  -0.0016 58 LEU A C   
499 O O   . LEU A 61 ? 0.0805 0.0647 0.0832 -0.0170 0.0068  0.0011  58 LEU A O   
500 C CB  . LEU A 61 ? 0.0499 0.0313 0.0454 -0.0138 0.0062  -0.0010 58 LEU A CB  
501 C CG  . LEU A 61 ? 0.0645 0.0486 0.0577 -0.0136 0.0069  0.0003  58 LEU A CG  
502 C CD1 . LEU A 61 ? 0.0992 0.0833 0.0917 -0.0132 0.0074  0.0031  58 LEU A CD1 
503 C CD2 . LEU A 61 ? 0.0840 0.0689 0.0764 -0.0123 0.0070  -0.0001 58 LEU A CD2 
504 N N   . PHE A 62 ? 0.0517 0.0343 0.0527 -0.0155 0.0030  -0.0055 59 PHE A N   
505 C CA  . PHE A 62 ? 0.0510 0.0359 0.0527 -0.0159 0.0017  -0.0068 59 PHE A CA  
506 C C   . PHE A 62 ? 0.0516 0.0363 0.0635 -0.0181 0.0010  -0.0063 59 PHE A C   
507 O O   . PHE A 62 ? 0.0518 0.0388 0.0660 -0.0192 0.0022  -0.0043 59 PHE A O   
508 C CB  . PHE A 62 ? 0.0912 0.0764 0.0879 -0.0131 -0.0010 -0.0110 59 PHE A CB  
509 C CG  . PHE A 62 ? 0.1134 0.0998 0.1022 -0.0107 0.0015  -0.0095 59 PHE A CG  
510 C CD1 . PHE A 62 ? 0.0492 0.0381 0.0372 -0.0116 0.0038  -0.0063 59 PHE A CD1 
511 C CD2 . PHE A 62 ? 0.1357 0.1211 0.1193 -0.0070 0.0016  -0.0111 59 PHE A CD2 
512 C CE1 . PHE A 62 ? 0.0485 0.0385 0.0333 -0.0096 0.0062  -0.0045 59 PHE A CE1 
513 C CE2 . PHE A 62 ? 0.0975 0.0842 0.0768 -0.0045 0.0051  -0.0083 59 PHE A CE2 
514 C CZ  . PHE A 62 ? 0.0750 0.0640 0.0563 -0.0062 0.0073  -0.0049 59 PHE A CZ  
515 N N   . THR A 63 ? 0.0546 0.0366 0.0743 -0.0186 -0.0005 -0.0077 60 THR A N   
516 C CA  . THR A 63 ? 0.0874 0.0690 0.1210 -0.0207 -0.0004 -0.0063 60 THR A CA  
517 C C   . THR A 63 ? 0.0706 0.0533 0.1052 -0.0211 0.0051  0.0012  60 THR A C   
518 O O   . THR A 63 ? 0.0653 0.0501 0.1054 -0.0211 0.0069  0.0042  60 THR A O   
519 C CB  . THR A 63 ? 0.1323 0.1117 0.1749 -0.0199 -0.0039 -0.0097 60 THR A CB  
520 O OG1 . THR A 63 ? 0.1518 0.1286 0.1934 -0.0196 -0.0020 -0.0077 60 THR A OG1 
521 C CG2 . THR A 63 ? 0.1719 0.1506 0.2109 -0.0176 -0.0099 -0.0177 60 THR A CG2 
522 N N   . SER A 64 ? 0.0537 0.0355 0.0805 -0.0201 0.0076  0.0039  61 SER A N   
523 C CA  . SER A 64 ? 0.0545 0.0373 0.0788 -0.0189 0.0123  0.0103  61 SER A CA  
524 C C   . SER A 64 ? 0.0525 0.0384 0.0703 -0.0182 0.0135  0.0111  61 SER A C   
525 O O   . SER A 64 ? 0.0836 0.0714 0.1026 -0.0169 0.0165  0.0153  61 SER A O   
526 C CB  . SER A 64 ? 0.0749 0.0560 0.0915 -0.0169 0.0132  0.0118  61 SER A CB  
527 O OG  . SER A 64 ? 0.1110 0.0892 0.1349 -0.0173 0.0130  0.0124  61 SER A OG  
528 N N   . LEU A 65 ? 0.0495 0.0367 0.0600 -0.0182 0.0109  0.0071  62 LEU A N   
529 C CA  . LEU A 65 ? 0.0665 0.0567 0.0721 -0.0176 0.0114  0.0073  62 LEU A CA  
530 C C   . LEU A 65 ? 0.0471 0.0389 0.0603 -0.0190 0.0120  0.0079  62 LEU A C   
531 O O   . LEU A 65 ? 0.0510 0.0448 0.0638 -0.0182 0.0149  0.0110  62 LEU A O   
532 C CB  . LEU A 65 ? 0.0448 0.0356 0.0445 -0.0174 0.0088  0.0035  62 LEU A CB  
533 C CG  . LEU A 65 ? 0.0444 0.0347 0.0385 -0.0158 0.0086  0.0032  62 LEU A CG  
534 C CD1 . LEU A 65 ? 0.0530 0.0438 0.0452 -0.0154 0.0073  0.0007  62 LEU A CD1 
535 C CD2 . LEU A 65 ? 0.0450 0.0368 0.0353 -0.0138 0.0096  0.0048  62 LEU A CD2 
536 N N   . ARG A 66 ? 0.0472 0.0382 0.0681 -0.0207 0.0091  0.0048  63 ARG A N   
537 C CA  . ARG A 66 ? 0.0468 0.0397 0.0770 -0.0220 0.0080  0.0041  63 ARG A CA  
538 C C   . ARG A 66 ? 0.1124 0.1064 0.1487 -0.0209 0.0114  0.0090  63 ARG A C   
539 O O   . ARG A 66 ? 0.0567 0.0529 0.0976 -0.0209 0.0119  0.0097  63 ARG A O   
540 C CB  . ARG A 66 ? 0.0487 0.0400 0.0854 -0.0225 0.0025  -0.0017 63 ARG A CB  
541 C CG  . ARG A 66 ? 0.1908 0.1841 0.2358 -0.0225 -0.0005 -0.0038 63 ARG A CG  
542 C CD  . ARG A 66 ? 0.2756 0.2671 0.3271 -0.0214 -0.0061 -0.0094 63 ARG A CD  
543 N NE  . ARG A 66 ? 0.4407 0.4341 0.4963 -0.0204 -0.0108 -0.0134 63 ARG A NE  
544 C CZ  . ARG A 66 ? 0.5535 0.5462 0.6144 -0.0182 -0.0168 -0.0192 63 ARG A CZ  
545 N NH1 . ARG A 66 ? 0.5951 0.5895 0.6589 -0.0166 -0.0211 -0.0227 63 ARG A NH1 
546 N NH2 . ARG A 66 ? 0.5856 0.5756 0.6486 -0.0171 -0.0186 -0.0216 63 ARG A NH2 
547 N N   . ARG A 67 ? 0.0529 0.0453 0.0895 -0.0195 0.0142  0.0127  64 ARG A N   
548 C CA  . ARG A 67 ? 0.0572 0.0507 0.0992 -0.0172 0.0187  0.0180  64 ARG A CA  
549 C C   . ARG A 67 ? 0.0586 0.0539 0.0910 -0.0144 0.0226  0.0217  64 ARG A C   
550 O O   . ARG A 67 ? 0.1048 0.1013 0.1403 -0.0116 0.0266  0.0261  64 ARG A O   
551 C CB  . ARG A 67 ? 0.1454 0.1367 0.1912 -0.0159 0.0204  0.0209  64 ARG A CB  
552 C CG  . ARG A 67 ? 0.2320 0.2215 0.2899 -0.0177 0.0169  0.0176  64 ARG A CG  
553 C CD  . ARG A 67 ? 0.1935 0.1813 0.2572 -0.0160 0.0195  0.0214  64 ARG A CD  
554 N NE  . ARG A 67 ? 0.2711 0.2562 0.3275 -0.0165 0.0176  0.0193  64 ARG A NE  
555 C CZ  . ARG A 67 ? 0.2788 0.2618 0.3396 -0.0182 0.0131  0.0139  64 ARG A CZ  
556 N NH1 . ARG A 67 ? 0.2914 0.2718 0.3454 -0.0182 0.0119  0.0124  64 ARG A NH1 
557 N NH2 . ARG A 67 ? 0.2230 0.2066 0.2949 -0.0190 0.0094  0.0099  64 ARG A NH2 
558 N N   . ARG A 68 ? 0.0555 0.0513 0.0768 -0.0144 0.0215  0.0196  65 ARG A N   
559 C CA  . ARG A 68 ? 0.0582 0.0555 0.0696 -0.0107 0.0242  0.0220  65 ARG A CA  
560 C C   . ARG A 68 ? 0.0552 0.0551 0.0643 -0.0112 0.0236  0.0199  65 ARG A C   
561 O O   . ARG A 68 ? 0.0499 0.0503 0.0608 -0.0142 0.0205  0.0162  65 ARG A O   
562 C CB  . ARG A 68 ? 0.0591 0.0550 0.0598 -0.0088 0.0236  0.0214  65 ARG A CB  
563 C CG  . ARG A 68 ? 0.0629 0.0563 0.0647 -0.0076 0.0245  0.0240  65 ARG A CG  
564 C CD  . ARG A 68 ? 0.0707 0.0645 0.0731 -0.0031 0.0287  0.0293  65 ARG A CD  
565 N NE  . ARG A 68 ? 0.1581 0.1499 0.1623 -0.0017 0.0297  0.0320  65 ARG A NE  
566 C CZ  . ARG A 68 ? 0.2264 0.2176 0.2420 -0.0019 0.0320  0.0352  65 ARG A CZ  
567 N NH1 . ARG A 68 ? 0.1907 0.1802 0.2077 -0.0004 0.0329  0.0376  65 ARG A NH1 
568 N NH2 . ARG A 68 ? 0.1895 0.1821 0.2161 -0.0032 0.0333  0.0360  65 ARG A NH2 
569 N N   . ASN A 69 ? 0.0595 0.0610 0.0643 -0.0074 0.0266  0.0223  66 ASN A N   
570 C CA  . ASN A 69 ? 0.0932 0.0970 0.0947 -0.0069 0.0264  0.0205  66 ASN A CA  
571 C C   . ASN A 69 ? 0.0740 0.0780 0.0693 -0.0081 0.0234  0.0163  66 ASN A C   
572 O O   . ASN A 69 ? 0.1268 0.1291 0.1142 -0.0061 0.0225  0.0153  66 ASN A O   
573 C CB  . ASN A 69 ? 0.1615 0.1663 0.1563 -0.0010 0.0297  0.0233  66 ASN A CB  
574 C CG  . ASN A 69 ? 0.2550 0.2619 0.2443 0.0004  0.0290  0.0204  66 ASN A CG  
575 O OD1 . ASN A 69 ? 0.2048 0.2115 0.1854 0.0023  0.0268  0.0171  66 ASN A OD1 
576 N ND2 . ASN A 69 ? 0.2274 0.2360 0.2227 0.0000  0.0308  0.0216  66 ASN A ND2 
577 N N   . GLY A 70 ? 0.0478 0.0534 0.0473 -0.0109 0.0216  0.0138  67 GLY A N   
578 C CA  . GLY A 70 ? 0.0850 0.0908 0.0799 -0.0113 0.0183  0.0095  67 GLY A CA  
579 C C   . GLY A 70 ? 0.0825 0.0863 0.0754 -0.0124 0.0149  0.0068  67 GLY A C   
580 O O   . GLY A 70 ? 0.0413 0.0451 0.0310 -0.0114 0.0126  0.0040  67 GLY A O   
581 N N   . TRP A 71 ? 0.0677 0.0698 0.0640 -0.0145 0.0146  0.0075  68 TRP A N   
582 C CA  . TRP A 71 ? 0.0665 0.0666 0.0608 -0.0150 0.0121  0.0054  68 TRP A CA  
583 C C   . TRP A 71 ? 0.0375 0.0383 0.0316 -0.0158 0.0098  0.0026  68 TRP A C   
584 O O   . TRP A 71 ? 0.0370 0.0368 0.0293 -0.0151 0.0087  0.0015  68 TRP A O   
585 C CB  . TRP A 71 ? 0.0418 0.0399 0.0408 -0.0167 0.0120  0.0061  68 TRP A CB  
586 C CG  . TRP A 71 ? 0.0405 0.0392 0.0457 -0.0188 0.0102  0.0043  68 TRP A CG  
587 C CD1 . TRP A 71 ? 0.0493 0.0492 0.0627 -0.0199 0.0109  0.0055  68 TRP A CD1 
588 C CD2 . TRP A 71 ? 0.0399 0.0381 0.0437 -0.0190 0.0069  0.0008  68 TRP A CD2 
589 N NE1 . TRP A 71 ? 0.0470 0.0472 0.0648 -0.0209 0.0072  0.0019  68 TRP A NE1 
590 C CE2 . TRP A 71 ? 0.0445 0.0435 0.0549 -0.0198 0.0047  -0.0010 68 TRP A CE2 
591 C CE3 . TRP A 71 ? 0.0508 0.0482 0.0490 -0.0176 0.0059  -0.0009 68 TRP A CE3 
592 C CZ2 . TRP A 71 ? 0.0485 0.0476 0.0574 -0.0187 0.0008  -0.0049 68 TRP A CZ2 
593 C CZ3 . TRP A 71 ? 0.0434 0.0408 0.0401 -0.0165 0.0035  -0.0035 68 TRP A CZ3 
594 C CH2 . TRP A 71 ? 0.0446 0.0429 0.0453 -0.0166 0.0006  -0.0058 68 TRP A CH2 
595 N N   . VAL A 72 ? 0.0359 0.0385 0.0327 -0.0167 0.0094  0.0022  69 VAL A N   
596 C CA  . VAL A 72 ? 0.0418 0.0452 0.0380 -0.0163 0.0081  0.0008  69 VAL A CA  
597 C C   . VAL A 72 ? 0.0426 0.0467 0.0385 -0.0151 0.0084  0.0006  69 VAL A C   
598 O O   . VAL A 72 ? 0.0321 0.0356 0.0287 -0.0144 0.0082  0.0004  69 VAL A O   
599 C CB  . VAL A 72 ? 0.0392 0.0448 0.0379 -0.0168 0.0073  0.0005  69 VAL A CB  
600 C CG1 . VAL A 72 ? 0.0342 0.0408 0.0315 -0.0153 0.0071  0.0005  69 VAL A CG1 
601 C CG2 . VAL A 72 ? 0.0357 0.0405 0.0370 -0.0175 0.0054  -0.0008 69 VAL A CG2 
602 N N   . HIS A 73 ? 0.0735 0.0787 0.0693 -0.0143 0.0088  0.0004  70 HIS A N   
603 C CA  . HIS A 73 ? 0.0478 0.0533 0.0453 -0.0128 0.0078  -0.0012 70 HIS A CA  
604 C C   . HIS A 73 ? 0.0551 0.0590 0.0512 -0.0112 0.0062  -0.0026 70 HIS A C   
605 O O   . HIS A 73 ? 0.0339 0.0376 0.0348 -0.0103 0.0045  -0.0043 70 HIS A O   
606 C CB  . HIS A 73 ? 0.0337 0.0411 0.0311 -0.0115 0.0081  -0.0019 70 HIS A CB  
607 C CG  . HIS A 73 ? 0.0545 0.0638 0.0543 -0.0132 0.0095  -0.0004 70 HIS A CG  
608 N ND1 . HIS A 73 ? 0.0772 0.0876 0.0808 -0.0138 0.0091  -0.0002 70 HIS A ND1 
609 C CD2 . HIS A 73 ? 0.0829 0.0931 0.0828 -0.0140 0.0110  0.0012  70 HIS A CD2 
610 C CE1 . HIS A 73 ? 0.0287 0.0407 0.0335 -0.0147 0.0096  0.0009  70 HIS A CE1 
611 N NE2 . HIS A 73 ? 0.0361 0.0480 0.0397 -0.0152 0.0106  0.0015  70 HIS A NE2 
612 N N   . SER A 74 ? 0.0439 0.0465 0.0353 -0.0106 0.0069  -0.0017 71 SER A N   
613 C CA  . SER A 74 ? 0.0400 0.0407 0.0295 -0.0090 0.0052  -0.0026 71 SER A CA  
614 C C   . SER A 74 ? 0.0775 0.0773 0.0716 -0.0107 0.0047  -0.0026 71 SER A C   
615 O O   . SER A 74 ? 0.0369 0.0362 0.0351 -0.0096 0.0028  -0.0043 71 SER A O   
616 C CB  . SER A 74 ? 0.0439 0.0433 0.0282 -0.0081 0.0069  -0.0002 71 SER A CB  
617 O OG  . SER A 74 ? 0.0661 0.0639 0.0476 -0.0056 0.0050  -0.0011 71 SER A OG  
618 N N   . LEU A 75 ? 0.0495 0.0489 0.0434 -0.0126 0.0065  -0.0009 72 LEU A N   
619 C CA  . LEU A 75 ? 0.0345 0.0331 0.0307 -0.0129 0.0070  -0.0004 72 LEU A CA  
620 C C   . LEU A 75 ? 0.0326 0.0325 0.0349 -0.0122 0.0075  -0.0001 72 LEU A C   
621 O O   . LEU A 75 ? 0.0323 0.0317 0.0396 -0.0114 0.0080  0.0004  72 LEU A O   
622 C CB  . LEU A 75 ? 0.0354 0.0334 0.0289 -0.0137 0.0079  0.0003  72 LEU A CB  
623 C CG  . LEU A 75 ? 0.0366 0.0339 0.0297 -0.0125 0.0089  0.0007  72 LEU A CG  
624 C CD1 . LEU A 75 ? 0.0375 0.0327 0.0314 -0.0120 0.0090  0.0006  72 LEU A CD1 
625 C CD2 . LEU A 75 ? 0.0392 0.0363 0.0288 -0.0122 0.0080  -0.0004 72 LEU A CD2 
626 N N   . ILE A 76 ? 0.0365 0.0383 0.0402 -0.0124 0.0080  0.0002  73 ILE A N   
627 C CA  . ILE A 76 ? 0.0299 0.0330 0.0412 -0.0116 0.0092  0.0014  73 ILE A CA  
628 C C   . ILE A 76 ? 0.0391 0.0419 0.0589 -0.0109 0.0070  -0.0006 73 ILE A C   
629 O O   . ILE A 76 ? 0.0287 0.0315 0.0578 -0.0102 0.0082  0.0009  73 ILE A O   
630 C CB  . ILE A 76 ? 0.0289 0.0340 0.0406 -0.0118 0.0096  0.0019  73 ILE A CB  
631 C CG1 . ILE A 76 ? 0.0302 0.0360 0.0361 -0.0116 0.0109  0.0037  73 ILE A CG1 
632 C CG2 . ILE A 76 ? 0.0274 0.0338 0.0500 -0.0109 0.0104  0.0030  73 ILE A CG2 
633 C CD1 . ILE A 76 ? 0.0296 0.0373 0.0346 -0.0121 0.0105  0.0034  73 ILE A CD1 
634 N N   . GLY A 77 ? 0.0307 0.0332 0.0480 -0.0104 0.0038  -0.0040 74 GLY A N   
635 C CA  . GLY A 77 ? 0.0319 0.0340 0.0566 -0.0086 -0.0001 -0.0077 74 GLY A CA  
636 C C   . GLY A 77 ? 0.0325 0.0331 0.0604 -0.0082 -0.0009 -0.0077 74 GLY A C   
637 O O   . GLY A 77 ? 0.0321 0.0326 0.0726 -0.0075 -0.0028 -0.0090 74 GLY A O   
638 N N   . ALA A 78 ? 0.0445 0.0439 0.0630 -0.0088 0.0003  -0.0062 75 ALA A N   
639 C CA  . ALA A 78 ? 0.0536 0.0514 0.0739 -0.0083 -0.0004 -0.0061 75 ALA A CA  
640 C C   . ALA A 78 ? 0.0568 0.0547 0.0857 -0.0090 0.0031  -0.0029 75 ALA A C   
641 O O   . ALA A 78 ? 0.0645 0.0620 0.1026 -0.0082 0.0023  -0.0031 75 ALA A O   
642 C CB  . ALA A 78 ? 0.0369 0.0331 0.0459 -0.0086 0.0004  -0.0052 75 ALA A CB  
643 N N   . LEU A 79 ? 0.0315 0.0302 0.0573 -0.0096 0.0072  0.0004  76 LEU A N   
644 C CA  . LEU A 79 ? 0.0315 0.0306 0.0635 -0.0085 0.0117  0.0045  76 LEU A CA  
645 C C   . LEU A 79 ? 0.0303 0.0306 0.0784 -0.0075 0.0119  0.0053  76 LEU A C   
646 O O   . LEU A 79 ? 0.0316 0.0316 0.0872 -0.0055 0.0135  0.0073  76 LEU A O   
647 C CB  . LEU A 79 ? 0.0329 0.0328 0.0566 -0.0078 0.0152  0.0073  76 LEU A CB  
648 C CG  . LEU A 79 ? 0.0353 0.0338 0.0465 -0.0080 0.0147  0.0061  76 LEU A CG  
649 C CD1 . LEU A 79 ? 0.0373 0.0367 0.0407 -0.0071 0.0154  0.0067  76 LEU A CD1 
650 C CD2 . LEU A 79 ? 0.0379 0.0348 0.0489 -0.0062 0.0168  0.0075  76 LEU A CD2 
651 N N   . ARG A 80 ? 0.0292 0.0305 0.0811 -0.0078 0.0095  0.0033  77 ARG A N   
652 C CA  . ARG A 80 ? 0.0300 0.0316 0.0957 -0.0055 0.0082  0.0029  77 ARG A CA  
653 C C   . ARG A 80 ? 0.0568 0.0576 0.1317 -0.0047 0.0038  -0.0009 77 ARG A C   
654 O O   . ARG A 80 ? 0.0614 0.0620 0.1491 -0.0023 0.0045  0.0006  77 ARG A O   
655 C CB  . ARG A 80 ? 0.0319 0.0343 0.0990 -0.0059 0.0058  0.0003  77 ARG A CB  
656 C CG  . ARG A 80 ? 0.0415 0.0449 0.1030 -0.0059 0.0098  0.0043  77 ARG A CG  
657 C CD  . ARG A 80 ? 0.0897 0.0941 0.1508 -0.0067 0.0072  0.0013  77 ARG A CD  
658 N NE  . ARG A 80 ? 0.1139 0.1193 0.1699 -0.0065 0.0106  0.0050  77 ARG A NE  
659 C CZ  . ARG A 80 ? 0.1594 0.1662 0.2115 -0.0077 0.0095  0.0034  77 ARG A CZ  
660 N NH1 . ARG A 80 ? 0.1263 0.1334 0.1785 -0.0088 0.0057  -0.0019 77 ARG A NH1 
661 N NH2 . ARG A 80 ? 0.2225 0.2303 0.2705 -0.0071 0.0122  0.0068  77 ARG A NH2 
662 N N   . ALA A 81 ? 0.0529 0.0533 0.1213 -0.0059 -0.0010 -0.0056 78 ALA A N   
663 C CA  . ALA A 81 ? 0.0533 0.0531 0.1279 -0.0040 -0.0066 -0.0099 78 ALA A CA  
664 C C   . ALA A 81 ? 0.1269 0.1260 0.2056 -0.0038 -0.0041 -0.0070 78 ALA A C   
665 O O   . ALA A 81 ? 0.0350 0.0343 0.1233 -0.0017 -0.0079 -0.0095 78 ALA A O   
666 C CB  . ALA A 81 ? 0.0454 0.0440 0.1085 -0.0037 -0.0122 -0.0155 78 ALA A CB  
667 N N   . CYS A 82 ? 0.0319 0.0305 0.1033 -0.0053 0.0019  -0.0021 79 CYS A N   
668 C CA  . CYS A 82 ? 0.0645 0.0624 0.1380 -0.0047 0.0048  0.0007  79 CYS A CA  
669 C C   . CYS A 82 ? 0.0336 0.0324 0.1130 -0.0023 0.0114  0.0065  79 CYS A C   
670 O O   . CYS A 82 ? 0.0925 0.0907 0.1680 -0.0015 0.0157  0.0099  79 CYS A O   
671 C CB  . CYS A 82 ? 0.0461 0.0418 0.1047 -0.0067 0.0063  0.0013  79 CYS A CB  
672 S SG  . CYS A 82 ? 0.1446 0.1388 0.1920 -0.0065 -0.0008 -0.0043 79 CYS A SG  
673 N N   . GLU A 83 ? 0.0343 0.0336 0.1222 -0.0006 0.0122  0.0078  80 GLU A N   
674 C CA  . GLU A 83 ? 0.0378 0.0364 0.1327 0.0025  0.0179  0.0137  80 GLU A CA  
675 C C   . GLU A 83 ? 0.0400 0.0384 0.1210 0.0037  0.0236  0.0183  80 GLU A C   
676 O O   . GLU A 83 ? 0.0444 0.0416 0.1260 0.0069  0.0285  0.0230  80 GLU A O   
677 C CB  . GLU A 83 ? 0.0411 0.0398 0.1446 0.0030  0.0182  0.0146  80 GLU A CB  
678 C CG  . GLU A 83 ? 0.0787 0.0779 0.1931 0.0018  0.0118  0.0096  80 GLU A CG  
679 C CD  . GLU A 83 ? 0.1099 0.1090 0.2344 0.0023  0.0120  0.0105  80 GLU A CD  
680 O OE1 . GLU A 83 ? 0.0823 0.0806 0.2167 0.0032  0.0142  0.0133  80 GLU A OE1 
681 O OE2 . GLU A 83 ? 0.0999 0.0995 0.2230 0.0020  0.0101  0.0086  80 GLU A OE2 
682 N N   . LEU A 84 ? 0.0465 0.0459 0.1150 0.0015  0.0225  0.0167  81 LEU A N   
683 C CA  . LEU A 84 ? 0.0603 0.0598 0.1147 0.0029  0.0262  0.0196  81 LEU A CA  
684 C C   . LEU A 84 ? 0.0661 0.0668 0.1166 0.0023  0.0254  0.0195  81 LEU A C   
685 O O   . LEU A 84 ? 0.0491 0.0504 0.0872 0.0012  0.0249  0.0183  81 LEU A O   
686 C CB  . LEU A 84 ? 0.0406 0.0394 0.0824 0.0009  0.0255  0.0172  81 LEU A CB  
687 C CG  . LEU A 84 ? 0.0426 0.0402 0.0862 0.0024  0.0274  0.0183  81 LEU A CG  
688 C CD1 . LEU A 84 ? 0.0417 0.0378 0.0754 -0.0003 0.0257  0.0152  81 LEU A CD1 
689 C CD2 . LEU A 84 ? 0.0495 0.0466 0.0901 0.0077  0.0329  0.0232  81 LEU A CD2 
690 N N   . SER A 85 ? 0.0404 0.0411 0.1028 0.0035  0.0254  0.0207  82 SER A N   
691 C CA  . SER A 85 ? 0.0423 0.0439 0.1034 0.0028  0.0243  0.0204  82 SER A CA  
692 C C   . SER A 85 ? 0.0904 0.0931 0.1410 0.0055  0.0279  0.0243  82 SER A C   
693 O O   . SER A 85 ? 0.0921 0.0958 0.1371 0.0044  0.0266  0.0232  82 SER A O   
694 C CB  . SER A 85 ? 0.0879 0.0885 0.1653 0.0040  0.0237  0.0210  82 SER A CB  
695 O OG  . SER A 85 ? 0.1217 0.1218 0.2074 0.0019  0.0186  0.0155  82 SER A OG  
696 N N   . GLY A 86 ? 0.0493 0.0512 0.0972 0.0098  0.0321  0.0286  83 GLY A N   
697 C CA  . GLY A 86 ? 0.0551 0.0580 0.0916 0.0137  0.0347  0.0316  83 GLY A CA  
698 C C   . GLY A 86 ? 0.1097 0.1135 0.1310 0.0117  0.0320  0.0275  83 GLY A C   
699 O O   . GLY A 86 ? 0.0561 0.0611 0.0691 0.0128  0.0314  0.0273  83 GLY A O   
700 N N   . LEU A 87 ? 0.0962 0.0989 0.1144 0.0091  0.0304  0.0242  84 LEU A N   
701 C CA  . LEU A 87 ? 0.0510 0.0538 0.0571 0.0071  0.0278  0.0203  84 LEU A CA  
702 C C   . LEU A 87 ? 0.0602 0.0640 0.0674 0.0027  0.0247  0.0175  84 LEU A C   
703 O O   . LEU A 87 ? 0.0466 0.0510 0.0450 0.0026  0.0234  0.0160  84 LEU A O   
704 C CB  . LEU A 87 ? 0.0499 0.0509 0.0542 0.0053  0.0273  0.0180  84 LEU A CB  
705 C CG  . LEU A 87 ? 0.0715 0.0712 0.0738 0.0098  0.0304  0.0202  84 LEU A CG  
706 C CD1 . LEU A 87 ? 0.1070 0.1048 0.1070 0.0076  0.0296  0.0173  84 LEU A CD1 
707 C CD2 . LEU A 87 ? 0.1098 0.1097 0.1001 0.0155  0.0314  0.0212  84 LEU A CD2 
708 N N   . ALA A 88 ? 0.0402 0.0440 0.0583 -0.0002 0.0232  0.0166  85 ALA A N   
709 C CA  . ALA A 88 ? 0.0359 0.0408 0.0556 -0.0036 0.0203  0.0140  85 ALA A CA  
710 C C   . ALA A 88 ? 0.0621 0.0687 0.0798 -0.0017 0.0213  0.0160  85 ALA A C   
711 O O   . ALA A 88 ? 0.0380 0.0457 0.0507 -0.0034 0.0197  0.0143  85 ALA A O   
712 C CB  . ALA A 88 ? 0.0324 0.0369 0.0639 -0.0053 0.0180  0.0119  85 ALA A CB  
713 N N   . ASP A 89 ? 0.0410 0.0477 0.0639 0.0019  0.0240  0.0200  86 ASP A N   
714 C CA  . ASP A 89 ? 0.0435 0.0517 0.0649 0.0042  0.0251  0.0226  86 ASP A CA  
715 C C   . ASP A 89 ? 0.0482 0.0574 0.0558 0.0067  0.0252  0.0226  86 ASP A C   
716 O O   . ASP A 89 ? 0.0483 0.0590 0.0524 0.0067  0.0241  0.0223  86 ASP A O   
717 C CB  . ASP A 89 ? 0.1179 0.1254 0.1479 0.0087  0.0287  0.0279  86 ASP A CB  
718 C CG  . ASP A 89 ? 0.1879 0.1942 0.2335 0.0070  0.0279  0.0274  86 ASP A CG  
719 O OD1 . ASP A 89 ? 0.1531 0.1595 0.2015 0.0030  0.0242  0.0229  86 ASP A OD1 
720 O OD2 . ASP A 89 ? 0.2235 0.2286 0.2790 0.0104  0.0309  0.0318  86 ASP A OD2 
721 N N   . GLU A 90 ? 0.0530 0.0610 0.0526 0.0093  0.0260  0.0225  87 GLU A N   
722 C CA  . GLU A 90 ? 0.1048 0.1135 0.0909 0.0131  0.0248  0.0214  87 GLU A CA  
723 C C   . GLU A 90 ? 0.1254 0.1345 0.1061 0.0093  0.0207  0.0165  87 GLU A C   
724 O O   . GLU A 90 ? 0.0907 0.1007 0.0650 0.0109  0.0174  0.0142  87 GLU A O   
725 C CB  . GLU A 90 ? 0.0669 0.0740 0.0461 0.0178  0.0260  0.0216  87 GLU A CB  
726 C CG  . GLU A 90 ? 0.1907 0.1980 0.1734 0.0239  0.0305  0.0274  87 GLU A CG  
727 C CD  . GLU A 90 ? 0.2899 0.2992 0.2700 0.0285  0.0313  0.0304  87 GLU A CD  
728 O OE1 . GLU A 90 ? 0.2683 0.2783 0.2364 0.0331  0.0290  0.0283  87 GLU A OE1 
729 O OE2 . GLU A 90 ? 0.3973 0.4073 0.3882 0.0279  0.0337  0.0342  87 GLU A OE2 
730 N N   . VAL A 91 ? 0.0500 0.0575 0.0357 0.0040  0.0188  0.0134  88 VAL A N   
731 C CA  . VAL A 91 ? 0.0610 0.0678 0.0456 -0.0003 0.0138  0.0082  88 VAL A CA  
732 C C   . VAL A 91 ? 0.0702 0.0789 0.0592 -0.0026 0.0126  0.0081  88 VAL A C   
733 O O   . VAL A 91 ? 0.0596 0.0690 0.0464 -0.0034 0.0093  0.0055  88 VAL A O   
734 C CB  . VAL A 91 ? 0.0424 0.0472 0.0310 -0.0043 0.0130  0.0063  88 VAL A CB  
735 C CG1 . VAL A 91 ? 0.0395 0.0440 0.0288 -0.0082 0.0097  0.0030  88 VAL A CG1 
736 C CG2 . VAL A 91 ? 0.0463 0.0489 0.0304 -0.0024 0.0133  0.0055  88 VAL A CG2 
737 N N   . ALA A 92 ? 0.0393 0.0489 0.0363 -0.0036 0.0151  0.0107  89 ALA A N   
738 C CA  . ALA A 92 ? 0.0362 0.0478 0.0377 -0.0052 0.0143  0.0106  89 ALA A CA  
739 C C   . ALA A 92 ? 0.0741 0.0877 0.0715 -0.0018 0.0143  0.0123  89 ALA A C   
740 O O   . ALA A 92 ? 0.0391 0.0540 0.0369 -0.0033 0.0118  0.0106  89 ALA A O   
741 C CB  . ALA A 92 ? 0.0328 0.0447 0.0447 -0.0060 0.0165  0.0124  89 ALA A CB  
742 N N   . ARG A 93 ? 0.0460 0.0598 0.0394 0.0032  0.0172  0.0162  90 ARG A N   
743 C CA  . ARG A 93 ? 0.0689 0.0847 0.0563 0.0081  0.0170  0.0182  90 ARG A CA  
744 C C   . ARG A 93 ? 0.0558 0.0715 0.0351 0.0086  0.0109  0.0126  90 ARG A C   
745 O O   . ARG A 93 ? 0.0568 0.0743 0.0360 0.0092  0.0080  0.0114  90 ARG A O   
746 C CB  . ARG A 93 ? 0.1341 0.1497 0.1179 0.0147  0.0216  0.0235  90 ARG A CB  
747 C CG  . ARG A 93 ? 0.3409 0.3583 0.3185 0.0213  0.0217  0.0261  90 ARG A CG  
748 C CD  . ARG A 93 ? 0.4723 0.4886 0.4452 0.0283  0.0242  0.0286  90 ARG A CD  
749 N NE  . ARG A 93 ? 0.5887 0.6028 0.5566 0.0277  0.0230  0.0253  90 ARG A NE  
750 C CZ  . ARG A 93 ? 0.6039 0.6172 0.5601 0.0309  0.0187  0.0204  90 ARG A CZ  
751 N NH1 . ARG A 93 ? 0.5523 0.5634 0.5059 0.0300  0.0180  0.0176  90 ARG A NH1 
752 N NH2 . ARG A 93 ? 0.6097 0.6243 0.5579 0.0352  0.0145  0.0178  90 ARG A NH2 
753 N N   . ILE A 94 ? 0.0575 0.0710 0.0325 0.0082  0.0087  0.0089  91 ILE A N   
754 C CA  . ILE A 94 ? 0.0608 0.0741 0.0321 0.0083  0.0023  0.0029  91 ILE A CA  
755 C C   . ILE A 94 ? 0.0592 0.0731 0.0395 0.0021  -0.0004 0.0003  91 ILE A C   
756 O O   . ILE A 94 ? 0.0557 0.0709 0.0374 0.0025  -0.0046 -0.0024 91 ILE A O   
757 C CB  . ILE A 94 ? 0.0865 0.0969 0.0536 0.0089  0.0005  -0.0007 91 ILE A CB  
758 C CG1 . ILE A 94 ? 0.1105 0.1204 0.0667 0.0167  0.0027  0.0013  91 ILE A CG1 
759 C CG2 . ILE A 94 ? 0.1181 0.1278 0.0866 0.0078  -0.0065 -0.0073 91 ILE A CG2 
760 C CD1 . ILE A 94 ? 0.1579 0.1695 0.1045 0.0244  -0.0005 0.0002  91 ILE A CD1 
761 N N   . TYR A 95 ? 0.0467 0.0597 0.0332 -0.0029 0.0023  0.0014  92 TYR A N   
762 C CA  . TYR A 95 ? 0.0451 0.0587 0.0389 -0.0075 0.0014  0.0000  92 TYR A CA  
763 C C   . TYR A 95 ? 0.0727 0.0891 0.0701 -0.0073 0.0010  0.0010  92 TYR A C   
764 O O   . TYR A 95 ? 0.0916 0.1092 0.0941 -0.0092 -0.0013 -0.0008 92 TYR A O   
765 C CB  . TYR A 95 ? 0.0364 0.0489 0.0334 -0.0106 0.0046  0.0014  92 TYR A CB  
766 C CG  . TYR A 95 ? 0.0380 0.0512 0.0403 -0.0138 0.0049  0.0010  92 TYR A CG  
767 C CD1 . TYR A 95 ? 0.0775 0.0895 0.0819 -0.0157 0.0041  -0.0003 92 TYR A CD1 
768 C CD2 . TYR A 95 ? 0.0636 0.0787 0.0694 -0.0141 0.0064  0.0022  92 TYR A CD2 
769 C CE1 . TYR A 95 ? 0.0759 0.0887 0.0850 -0.0174 0.0057  0.0006  92 TYR A CE1 
770 C CE2 . TYR A 95 ? 0.0288 0.0445 0.0382 -0.0158 0.0074  0.0020  92 TYR A CE2 
771 C CZ  . TYR A 95 ? 0.0800 0.0948 0.0905 -0.0171 0.0074  0.0017  92 TYR A CZ  
772 O OH  . TYR A 95 ? 0.1800 0.1957 0.1938 -0.0177 0.0097  0.0028  92 TYR A OH  
773 N N   . HIS A 96 ? 0.0407 0.0582 0.0371 -0.0049 0.0037  0.0045  93 HIS A N   
774 C CA  . HIS A 96 ? 0.0395 0.0595 0.0401 -0.0047 0.0038  0.0059  93 HIS A CA  
775 C C   . HIS A 96 ? 0.1008 0.1225 0.0965 0.0000  0.0006  0.0056  93 HIS A C   
776 O O   . HIS A 96 ? 0.1335 0.1575 0.1325 0.0007  0.0002  0.0069  93 HIS A O   
777 C CB  . HIS A 96 ? 0.0367 0.0572 0.0415 -0.0044 0.0081  0.0098  93 HIS A CB  
778 C CG  . HIS A 96 ? 0.0468 0.0663 0.0572 -0.0081 0.0095  0.0086  93 HIS A CG  
779 N ND1 . HIS A 96 ? 0.0640 0.0843 0.0782 -0.0107 0.0087  0.0067  93 HIS A ND1 
780 C CD2 . HIS A 96 ? 0.1034 0.1210 0.1157 -0.0089 0.0113  0.0089  93 HIS A CD2 
781 C CE1 . HIS A 96 ? 0.1088 0.1278 0.1251 -0.0122 0.0098  0.0055  93 HIS A CE1 
782 N NE2 . HIS A 96 ? 0.0952 0.1126 0.1110 -0.0113 0.0108  0.0065  93 HIS A NE2 
783 N N   . SER A 97 ? 0.0971 0.1178 0.0848 0.0038  -0.0018 0.0038  94 SER A N   
784 C CA  . SER A 97 ? 0.1441 0.1662 0.1247 0.0102  -0.0059 0.0026  94 SER A CA  
785 C C   . SER A 97 ? 0.1918 0.2151 0.1776 0.0090  -0.0129 -0.0030 94 SER A C   
786 O O   . SER A 97 ? 0.1917 0.2144 0.1864 0.0032  -0.0141 -0.0056 94 SER A O   
787 C CB  . SER A 97 ? 0.2070 0.2275 0.1761 0.0163  -0.0065 0.0018  94 SER A CB  
788 O OG  . SER A 97 ? 0.1784 0.1967 0.1478 0.0143  -0.0110 -0.0042 94 SER A OG  
# 
loop_
_pdbx_poly_seq_scheme.asym_id 
_pdbx_poly_seq_scheme.entity_id 
_pdbx_poly_seq_scheme.seq_id 
_pdbx_poly_seq_scheme.mon_id 
_pdbx_poly_seq_scheme.ndb_seq_num 
_pdbx_poly_seq_scheme.pdb_seq_num 
_pdbx_poly_seq_scheme.auth_seq_num 
_pdbx_poly_seq_scheme.pdb_mon_id 
_pdbx_poly_seq_scheme.auth_mon_id 
_pdbx_poly_seq_scheme.pdb_strand_id 
_pdbx_poly_seq_scheme.pdb_ins_code 
_pdbx_poly_seq_scheme.hetero 
A 1 1  GLY 1  -2 ?  ?   ?   A . n 
A 1 2  PRO 2  -1 -1 PRO PRO A . n 
A 1 3  HIS 3  0  0  HIS ALA A . n 
A 1 4  MET 4  1  1  MET MET A . n 
A 1 5  THR 5  2  2  THR THR A . n 
A 1 6  VAL 6  3  3  VAL VAL A . n 
A 1 7  ALA 7  4  4  ALA ALA A . n 
A 1 8  GLU 8  5  5  GLU GLU A . n 
A 1 9  ASP 9  6  6  ASP ASP A . n 
A 1 10 LYS 10 7  7  LYS LYS A . n 
A 1 11 THR 11 8  8  THR THR A . n 
A 1 12 PHE 12 9  9  PHE PHE A . n 
A 1 13 GLN 13 10 10 GLN GLN A . n 
A 1 14 TYR 14 11 11 TYR TYR A . n 
A 1 15 ILE 15 12 12 ILE ILE A . n 
A 1 16 ARG 16 13 13 ARG ARG A . n 
A 1 17 GLN 17 14 14 GLN GLN A . n 
A 1 18 HIS 18 15 15 HIS HIS A . n 
A 1 19 HIS 19 16 16 HIS HIS A . n 
A 1 20 SER 20 17 17 SER SER A . n 
A 1 21 ASN 21 18 18 ASN ASN A . n 
A 1 22 PHE 22 19 19 PHE PHE A . n 
A 1 23 SER 23 20 20 SER SER A . n 
A 1 24 ARG 24 21 21 ARG ARG A . n 
A 1 25 ILE 25 22 22 ILE ILE A . n 
A 1 26 HIS 26 23 23 HIS HIS A . n 
A 1 27 VAL 27 24 24 VAL VAL A . n 
A 1 28 LEU 28 25 25 LEU LEU A . n 
A 1 29 ARG 29 26 26 ARG ARG A . n 
A 1 30 ILE 30 27 27 ILE ILE A . n 
A 1 31 LEU 31 28 28 LEU LEU A . n 
A 1 32 PRO 32 29 29 PRO PRO A . n 
A 1 33 TYR 33 30 30 TYR TYR A . n 
A 1 34 LEU 34 31 31 LEU LEU A . n 
A 1 35 SER 35 32 32 SER SER A . n 
A 1 36 CYS 36 33 33 CYS CYS A . n 
A 1 37 LEU 37 34 34 LEU LEU A . n 
A 1 38 THR 38 35 35 THR THR A . n 
A 1 39 THR 39 36 36 THR THR A . n 
A 1 40 SER 40 37 37 SER SER A . n 
A 1 41 ASP 41 38 38 ASP ASP A . n 
A 1 42 GLN 42 39 39 GLN GLN A . n 
A 1 43 ASP 43 40 40 ASP ASP A . n 
A 1 44 ARG 44 41 41 ARG ARG A . n 
A 1 45 LEU 45 42 42 LEU LEU A . n 
A 1 46 ARG 46 43 43 ARG ARG A . n 
A 1 47 ALA 47 44 44 ALA ALA A . n 
A 1 48 THR 48 45 45 THR THR A . n 
A 1 49 TYR 49 46 46 TYR TYR A . n 
A 1 50 GLU 50 47 47 GLU GLU A . n 
A 1 51 ARG 51 48 48 ARG ARG A . n 
A 1 52 TRP 52 49 49 TRP TRP A . n 
A 1 53 GLY 53 50 50 GLY GLY A . n 
A 1 54 ASN 54 51 51 ASN ASN A . n 
A 1 55 GLN 55 52 52 GLN GLN A . n 
A 1 56 ASP 56 53 53 ASP ASP A . n 
A 1 57 THR 57 54 54 THR THR A . n 
A 1 58 LEU 58 55 55 LEU LEU A . n 
A 1 59 LEU 59 56 56 LEU LEU A . n 
A 1 60 GLU 60 57 57 GLU GLU A . n 
A 1 61 LEU 61 58 58 LEU LEU A . n 
A 1 62 PHE 62 59 59 PHE PHE A . n 
A 1 63 THR 63 60 60 THR THR A . n 
A 1 64 SER 64 61 61 SER SER A . n 
A 1 65 LEU 65 62 62 LEU LEU A . n 
A 1 66 ARG 66 63 63 ARG ARG A . n 
A 1 67 ARG 67 64 64 ARG ARG A . n 
A 1 68 ARG 68 65 65 ARG ARG A . n 
A 1 69 ASN 69 66 66 ASN ASN A . n 
A 1 70 GLY 70 67 67 GLY GLY A . n 
A 1 71 TRP 71 68 68 TRP TRP A . n 
A 1 72 VAL 72 69 69 VAL VAL A . n 
A 1 73 HIS 73 70 70 HIS HIS A . n 
A 1 74 SER 74 71 71 SER SER A . n 
A 1 75 LEU 75 72 72 LEU LEU A . n 
A 1 76 ILE 76 73 73 ILE ILE A . n 
A 1 77 GLY 77 74 74 GLY GLY A . n 
A 1 78 ALA 78 75 75 ALA ALA A . n 
A 1 79 LEU 79 76 76 LEU LEU A . n 
A 1 80 ARG 80 77 77 ARG ARG A . n 
A 1 81 ALA 81 78 78 ALA ALA A . n 
A 1 82 CYS 82 79 79 CYS CYS A . n 
A 1 83 GLU 83 80 80 GLU GLU A . n 
A 1 84 LEU 84 81 81 LEU LEU A . n 
A 1 85 SER 85 82 82 SER SER A . n 
A 1 86 GLY 86 83 83 GLY GLY A . n 
A 1 87 LEU 87 84 84 LEU LEU A . n 
A 1 88 ALA 88 85 85 ALA ALA A . n 
A 1 89 ASP 89 86 86 ASP ASP A . n 
A 1 90 GLU 90 87 87 GLU GLU A . n 
A 1 91 VAL 91 88 88 VAL VAL A . n 
A 1 92 ALA 92 89 89 ALA ALA A . n 
A 1 93 ARG 93 90 90 ARG ARG A . n 
A 1 94 ILE 94 91 91 ILE ILE A . n 
A 1 95 TYR 95 92 92 TYR TYR A . n 
A 1 96 HIS 96 93 93 HIS HIS A . n 
A 1 97 SER 97 94 94 SER SER A . n 
# 
loop_
_pdbx_nonpoly_scheme.asym_id 
_pdbx_nonpoly_scheme.entity_id 
_pdbx_nonpoly_scheme.mon_id 
_pdbx_nonpoly_scheme.ndb_seq_num 
_pdbx_nonpoly_scheme.pdb_seq_num 
_pdbx_nonpoly_scheme.auth_seq_num 
_pdbx_nonpoly_scheme.pdb_mon_id 
_pdbx_nonpoly_scheme.auth_mon_id 
_pdbx_nonpoly_scheme.pdb_strand_id 
_pdbx_nonpoly_scheme.pdb_ins_code 
B 2 HOH 1   101 1   HOH HOH A . 
B 2 HOH 2   102 2   HOH HOH A . 
B 2 HOH 3   103 3   HOH HOH A . 
B 2 HOH 4   104 4   HOH HOH A . 
B 2 HOH 5   105 5   HOH HOH A . 
B 2 HOH 6   106 6   HOH HOH A . 
B 2 HOH 7   107 7   HOH HOH A . 
B 2 HOH 8   108 8   HOH HOH A . 
B 2 HOH 9   109 9   HOH HOH A . 
B 2 HOH 10  110 10  HOH HOH A . 
B 2 HOH 11  111 11  HOH HOH A . 
B 2 HOH 12  112 12  HOH HOH A . 
B 2 HOH 13  113 13  HOH HOH A . 
B 2 HOH 14  114 14  HOH HOH A . 
B 2 HOH 15  115 15  HOH HOH A . 
B 2 HOH 16  116 16  HOH HOH A . 
B 2 HOH 17  117 17  HOH HOH A . 
B 2 HOH 18  118 18  HOH HOH A . 
B 2 HOH 19  119 19  HOH HOH A . 
B 2 HOH 20  120 20  HOH HOH A . 
B 2 HOH 21  121 21  HOH HOH A . 
B 2 HOH 22  122 22  HOH HOH A . 
B 2 HOH 23  123 23  HOH HOH A . 
B 2 HOH 24  124 24  HOH HOH A . 
B 2 HOH 25  125 25  HOH HOH A . 
B 2 HOH 26  126 26  HOH HOH A . 
B 2 HOH 27  127 27  HOH HOH A . 
B 2 HOH 28  128 28  HOH HOH A . 
B 2 HOH 29  129 29  HOH HOH A . 
B 2 HOH 30  130 30  HOH HOH A . 
B 2 HOH 31  131 31  HOH HOH A . 
B 2 HOH 32  132 32  HOH HOH A . 
B 2 HOH 33  133 33  HOH HOH A . 
B 2 HOH 34  134 34  HOH HOH A . 
B 2 HOH 35  135 35  HOH HOH A . 
B 2 HOH 36  136 36  HOH HOH A . 
B 2 HOH 37  137 37  HOH HOH A . 
B 2 HOH 38  138 38  HOH HOH A . 
B 2 HOH 39  139 39  HOH HOH A . 
B 2 HOH 40  140 40  HOH HOH A . 
B 2 HOH 41  141 41  HOH HOH A . 
B 2 HOH 42  142 42  HOH HOH A . 
B 2 HOH 43  143 43  HOH HOH A . 
B 2 HOH 44  144 44  HOH HOH A . 
B 2 HOH 45  145 45  HOH HOH A . 
B 2 HOH 46  146 46  HOH HOH A . 
B 2 HOH 47  147 47  HOH HOH A . 
B 2 HOH 48  148 48  HOH HOH A . 
B 2 HOH 49  149 49  HOH HOH A . 
B 2 HOH 50  150 50  HOH HOH A . 
B 2 HOH 51  151 51  HOH HOH A . 
B 2 HOH 52  152 52  HOH HOH A . 
B 2 HOH 53  153 53  HOH HOH A . 
B 2 HOH 54  154 54  HOH HOH A . 
B 2 HOH 55  155 55  HOH HOH A . 
B 2 HOH 56  156 56  HOH HOH A . 
B 2 HOH 57  157 57  HOH HOH A . 
B 2 HOH 58  158 58  HOH HOH A . 
B 2 HOH 59  159 59  HOH HOH A . 
B 2 HOH 60  160 60  HOH HOH A . 
B 2 HOH 61  161 61  HOH HOH A . 
B 2 HOH 62  162 62  HOH HOH A . 
B 2 HOH 63  163 63  HOH HOH A . 
B 2 HOH 64  164 64  HOH HOH A . 
B 2 HOH 65  165 65  HOH HOH A . 
B 2 HOH 66  166 66  HOH HOH A . 
B 2 HOH 67  167 67  HOH HOH A . 
B 2 HOH 68  168 68  HOH HOH A . 
B 2 HOH 69  169 69  HOH HOH A . 
B 2 HOH 70  170 70  HOH HOH A . 
B 2 HOH 71  171 71  HOH HOH A . 
B 2 HOH 72  172 72  HOH HOH A . 
B 2 HOH 73  173 73  HOH HOH A . 
B 2 HOH 74  174 74  HOH HOH A . 
B 2 HOH 75  175 75  HOH HOH A . 
B 2 HOH 76  176 76  HOH HOH A . 
B 2 HOH 77  177 177 HOH HOH A . 
B 2 HOH 78  178 78  HOH HOH A . 
B 2 HOH 79  179 79  HOH HOH A . 
B 2 HOH 80  180 80  HOH HOH A . 
B 2 HOH 81  181 81  HOH HOH A . 
B 2 HOH 82  182 82  HOH HOH A . 
B 2 HOH 83  183 83  HOH HOH A . 
B 2 HOH 84  184 84  HOH HOH A . 
B 2 HOH 85  185 85  HOH HOH A . 
B 2 HOH 86  186 86  HOH HOH A . 
B 2 HOH 87  187 87  HOH HOH A . 
B 2 HOH 88  188 88  HOH HOH A . 
B 2 HOH 89  189 89  HOH HOH A . 
B 2 HOH 90  190 90  HOH HOH A . 
B 2 HOH 91  191 91  HOH HOH A . 
B 2 HOH 92  192 92  HOH HOH A . 
B 2 HOH 93  193 93  HOH HOH A . 
B 2 HOH 94  194 94  HOH HOH A . 
B 2 HOH 95  195 95  HOH HOH A . 
B 2 HOH 96  196 96  HOH HOH A . 
B 2 HOH 97  197 97  HOH HOH A . 
B 2 HOH 98  198 98  HOH HOH A . 
B 2 HOH 99  199 99  HOH HOH A . 
B 2 HOH 100 200 100 HOH HOH A . 
B 2 HOH 101 201 101 HOH HOH A . 
B 2 HOH 102 202 102 HOH HOH A . 
B 2 HOH 103 203 103 HOH HOH A . 
B 2 HOH 104 204 104 HOH HOH A . 
B 2 HOH 105 205 105 HOH HOH A . 
B 2 HOH 106 206 106 HOH HOH A . 
B 2 HOH 107 207 107 HOH HOH A . 
B 2 HOH 108 208 108 HOH HOH A . 
B 2 HOH 109 209 109 HOH HOH A . 
B 2 HOH 110 210 110 HOH HOH A . 
B 2 HOH 111 211 111 HOH HOH A . 
B 2 HOH 112 212 212 HOH HOH A . 
B 2 HOH 113 213 113 HOH HOH A . 
B 2 HOH 114 214 114 HOH HOH A . 
B 2 HOH 115 215 115 HOH HOH A . 
B 2 HOH 116 216 116 HOH HOH A . 
B 2 HOH 117 217 117 HOH HOH A . 
B 2 HOH 118 218 118 HOH HOH A . 
B 2 HOH 119 219 119 HOH HOH A . 
B 2 HOH 120 220 120 HOH HOH A . 
B 2 HOH 121 221 121 HOH HOH A . 
B 2 HOH 122 222 122 HOH HOH A . 
B 2 HOH 123 223 123 HOH HOH A . 
B 2 HOH 124 224 124 HOH HOH A . 
B 2 HOH 125 225 125 HOH HOH A . 
B 2 HOH 126 226 126 HOH HOH A . 
B 2 HOH 127 227 127 HOH HOH A . 
B 2 HOH 128 228 128 HOH HOH A . 
B 2 HOH 129 229 129 HOH HOH A . 
B 2 HOH 130 230 130 HOH HOH A . 
B 2 HOH 131 231 131 HOH HOH A . 
B 2 HOH 132 232 132 HOH HOH A . 
B 2 HOH 133 233 133 HOH HOH A . 
B 2 HOH 134 234 134 HOH HOH A . 
B 2 HOH 135 235 135 HOH HOH A . 
B 2 HOH 136 236 136 HOH HOH A . 
B 2 HOH 137 237 137 HOH HOH A . 
B 2 HOH 138 238 138 HOH HOH A . 
B 2 HOH 139 239 139 HOH HOH A . 
B 2 HOH 140 240 140 HOH HOH A . 
B 2 HOH 141 241 141 HOH HOH A . 
B 2 HOH 142 242 142 HOH HOH A . 
B 2 HOH 143 243 143 HOH HOH A . 
B 2 HOH 144 244 144 HOH HOH A . 
B 2 HOH 145 245 145 HOH HOH A . 
B 2 HOH 146 246 146 HOH HOH A . 
B 2 HOH 147 247 147 HOH HOH A . 
B 2 HOH 148 248 148 HOH HOH A . 
B 2 HOH 149 249 149 HOH HOH A . 
B 2 HOH 150 250 150 HOH HOH A . 
B 2 HOH 151 251 151 HOH HOH A . 
B 2 HOH 152 252 152 HOH HOH A . 
B 2 HOH 153 253 153 HOH HOH A . 
B 2 HOH 154 254 154 HOH HOH A . 
B 2 HOH 155 255 155 HOH HOH A . 
B 2 HOH 156 256 156 HOH HOH A . 
# 
_pdbx_struct_assembly.id                   1 
_pdbx_struct_assembly.details              author_and_software_defined_assembly 
_pdbx_struct_assembly.method_details       PISA 
_pdbx_struct_assembly.oligomeric_details   monomeric 
_pdbx_struct_assembly.oligomeric_count     1 
# 
_pdbx_struct_assembly_gen.assembly_id       1 
_pdbx_struct_assembly_gen.oper_expression   1 
_pdbx_struct_assembly_gen.asym_id_list      A,B 
# 
_pdbx_struct_oper_list.id                   1 
_pdbx_struct_oper_list.type                 'identity operation' 
_pdbx_struct_oper_list.name                 1_555 
_pdbx_struct_oper_list.symmetry_operation   x,y,z 
_pdbx_struct_oper_list.matrix[1][1]         1.0000000000 
_pdbx_struct_oper_list.matrix[1][2]         0.0000000000 
_pdbx_struct_oper_list.matrix[1][3]         0.0000000000 
_pdbx_struct_oper_list.vector[1]            0.0000000000 
_pdbx_struct_oper_list.matrix[2][1]         0.0000000000 
_pdbx_struct_oper_list.matrix[2][2]         1.0000000000 
_pdbx_struct_oper_list.matrix[2][3]         0.0000000000 
_pdbx_struct_oper_list.vector[2]            0.0000000000 
_pdbx_struct_oper_list.matrix[3][1]         0.0000000000 
_pdbx_struct_oper_list.matrix[3][2]         0.0000000000 
_pdbx_struct_oper_list.matrix[3][3]         1.0000000000 
_pdbx_struct_oper_list.vector[3]            0.0000000000 
# 
loop_
_pdbx_struct_special_symmetry.id 
_pdbx_struct_special_symmetry.PDB_model_num 
_pdbx_struct_special_symmetry.auth_asym_id 
_pdbx_struct_special_symmetry.auth_comp_id 
_pdbx_struct_special_symmetry.auth_seq_id 
_pdbx_struct_special_symmetry.PDB_ins_code 
_pdbx_struct_special_symmetry.label_asym_id 
_pdbx_struct_special_symmetry.label_comp_id 
_pdbx_struct_special_symmetry.label_seq_id 
1 1 A HOH 177 ? B HOH . 
2 1 A HOH 212 ? B HOH . 
# 
loop_
_pdbx_audit_revision_history.ordinal 
_pdbx_audit_revision_history.data_content_type 
_pdbx_audit_revision_history.major_revision 
_pdbx_audit_revision_history.minor_revision 
_pdbx_audit_revision_history.revision_date 
1 'Structure model' 1 0 2014-03-12 
2 'Structure model' 1 1 2017-11-22 
3 'Structure model' 1 2 2023-09-20 
# 
_pdbx_audit_revision_details.ordinal             1 
_pdbx_audit_revision_details.revision_ordinal    1 
_pdbx_audit_revision_details.data_content_type   'Structure model' 
_pdbx_audit_revision_details.provider            repository 
_pdbx_audit_revision_details.type                'Initial release' 
_pdbx_audit_revision_details.description         ? 
_pdbx_audit_revision_details.details             ? 
# 
loop_
_pdbx_audit_revision_group.ordinal 
_pdbx_audit_revision_group.revision_ordinal 
_pdbx_audit_revision_group.data_content_type 
_pdbx_audit_revision_group.group 
1 2 'Structure model' 'Refinement description' 
2 3 'Structure model' 'Data collection'        
3 3 'Structure model' 'Database references'    
4 3 'Structure model' 'Refinement description' 
# 
loop_
_pdbx_audit_revision_category.ordinal 
_pdbx_audit_revision_category.revision_ordinal 
_pdbx_audit_revision_category.data_content_type 
_pdbx_audit_revision_category.category 
1 2 'Structure model' software                      
2 3 'Structure model' chem_comp_atom                
3 3 'Structure model' chem_comp_bond                
4 3 'Structure model' database_2                    
5 3 'Structure model' pdbx_initial_refinement_model 
6 3 'Structure model' struct_ref_seq_dif            
# 
loop_
_pdbx_audit_revision_item.ordinal 
_pdbx_audit_revision_item.revision_ordinal 
_pdbx_audit_revision_item.data_content_type 
_pdbx_audit_revision_item.item 
1 2 'Structure model' '_software.name'                      
2 3 'Structure model' '_database_2.pdbx_DOI'                
3 3 'Structure model' '_database_2.pdbx_database_accession' 
4 3 'Structure model' '_struct_ref_seq_dif.details'         
# 
_pdbx_refine_tls.pdbx_refine_id   'X-RAY DIFFRACTION' 
_pdbx_refine_tls.id               1 
_pdbx_refine_tls.details          ? 
_pdbx_refine_tls.method           refined 
_pdbx_refine_tls.origin_x         0.0310 
_pdbx_refine_tls.origin_y         -0.4043 
_pdbx_refine_tls.origin_z         -0.3627 
_pdbx_refine_tls.T[1][1]          0.0428 
_pdbx_refine_tls.T[2][2]          0.0335 
_pdbx_refine_tls.T[3][3]          0.0329 
_pdbx_refine_tls.T[1][2]          -0.0137 
_pdbx_refine_tls.T[1][3]          0.0067 
_pdbx_refine_tls.T[2][3]          -0.0017 
_pdbx_refine_tls.L[1][1]          1.2890 
_pdbx_refine_tls.L[2][2]          1.2544 
_pdbx_refine_tls.L[3][3]          0.1060 
_pdbx_refine_tls.L[1][2]          -0.9278 
_pdbx_refine_tls.L[1][3]          0.0282 
_pdbx_refine_tls.L[2][3]          -0.0683 
_pdbx_refine_tls.S[1][1]          0.0086 
_pdbx_refine_tls.S[1][2]          0.0254 
_pdbx_refine_tls.S[1][3]          -0.0613 
_pdbx_refine_tls.S[2][1]          -0.0445 
_pdbx_refine_tls.S[2][2]          -0.0297 
_pdbx_refine_tls.S[2][3]          0.0151 
_pdbx_refine_tls.S[3][1]          0.0515 
_pdbx_refine_tls.S[3][2]          -0.0189 
_pdbx_refine_tls.S[3][3]          -0.0043 
# 
_pdbx_refine_tls_group.pdbx_refine_id      'X-RAY DIFFRACTION' 
_pdbx_refine_tls_group.id                  1 
_pdbx_refine_tls_group.refine_tls_id       1 
_pdbx_refine_tls_group.beg_auth_asym_id    ? 
_pdbx_refine_tls_group.beg_auth_seq_id     ? 
_pdbx_refine_tls_group.beg_label_asym_id   ? 
_pdbx_refine_tls_group.beg_label_seq_id    ? 
_pdbx_refine_tls_group.end_auth_asym_id    ? 
_pdbx_refine_tls_group.end_auth_seq_id     ? 
_pdbx_refine_tls_group.end_label_asym_id   ? 
_pdbx_refine_tls_group.end_label_seq_id    ? 
_pdbx_refine_tls_group.selection           ? 
_pdbx_refine_tls_group.selection_details   'chain A' 
# 
loop_
_software.name 
_software.classification 
_software.version 
_software.citation_id 
_software.pdbx_ordinal 
HKL-3000 'data collection' .                             ? 1 
CCP4     'model building'  .                             ? 2 
PHENIX   refinement        '(phenix.refine: 1.8.2_1309)' ? 3 
HKL-3000 'data reduction'  .                             ? 4 
HKL-3000 'data scaling'    .                             ? 5 
CCP4     phasing           .                             ? 6 
# 
_pdbx_validate_close_contact.id               1 
_pdbx_validate_close_contact.PDB_model_num    1 
_pdbx_validate_close_contact.auth_atom_id_1   O 
_pdbx_validate_close_contact.auth_asym_id_1   A 
_pdbx_validate_close_contact.auth_comp_id_1   HOH 
_pdbx_validate_close_contact.auth_seq_id_1    178 
_pdbx_validate_close_contact.PDB_ins_code_1   ? 
_pdbx_validate_close_contact.label_alt_id_1   ? 
_pdbx_validate_close_contact.auth_atom_id_2   O 
_pdbx_validate_close_contact.auth_asym_id_2   A 
_pdbx_validate_close_contact.auth_comp_id_2   HOH 
_pdbx_validate_close_contact.auth_seq_id_2    201 
_pdbx_validate_close_contact.PDB_ins_code_2   ? 
_pdbx_validate_close_contact.label_alt_id_2   ? 
_pdbx_validate_close_contact.dist             2.02 
# 
loop_
_pdbx_unobs_or_zero_occ_atoms.id 
_pdbx_unobs_or_zero_occ_atoms.PDB_model_num 
_pdbx_unobs_or_zero_occ_atoms.polymer_flag 
_pdbx_unobs_or_zero_occ_atoms.occupancy_flag 
_pdbx_unobs_or_zero_occ_atoms.auth_asym_id 
_pdbx_unobs_or_zero_occ_atoms.auth_comp_id 
_pdbx_unobs_or_zero_occ_atoms.auth_seq_id 
_pdbx_unobs_or_zero_occ_atoms.PDB_ins_code 
_pdbx_unobs_or_zero_occ_atoms.auth_atom_id 
_pdbx_unobs_or_zero_occ_atoms.label_alt_id 
_pdbx_unobs_or_zero_occ_atoms.label_asym_id 
_pdbx_unobs_or_zero_occ_atoms.label_comp_id 
_pdbx_unobs_or_zero_occ_atoms.label_seq_id 
_pdbx_unobs_or_zero_occ_atoms.label_atom_id 
1 1 Y 1 A HIS 0 ? CG  ? A HIS 3 CG  
2 1 Y 1 A HIS 0 ? ND1 ? A HIS 3 ND1 
3 1 Y 1 A HIS 0 ? CD2 ? A HIS 3 CD2 
4 1 Y 1 A HIS 0 ? CE1 ? A HIS 3 CE1 
5 1 Y 1 A HIS 0 ? NE2 ? A HIS 3 NE2 
# 
_pdbx_unobs_or_zero_occ_residues.id               1 
_pdbx_unobs_or_zero_occ_residues.PDB_model_num    1 
_pdbx_unobs_or_zero_occ_residues.polymer_flag     Y 
_pdbx_unobs_or_zero_occ_residues.occupancy_flag   1 
_pdbx_unobs_or_zero_occ_residues.auth_asym_id     A 
_pdbx_unobs_or_zero_occ_residues.auth_comp_id     GLY 
_pdbx_unobs_or_zero_occ_residues.auth_seq_id      -2 
_pdbx_unobs_or_zero_occ_residues.PDB_ins_code     ? 
_pdbx_unobs_or_zero_occ_residues.label_asym_id    A 
_pdbx_unobs_or_zero_occ_residues.label_comp_id    GLY 
_pdbx_unobs_or_zero_occ_residues.label_seq_id     1 
# 
loop_
_chem_comp_atom.comp_id 
_chem_comp_atom.atom_id 
_chem_comp_atom.type_symbol 
_chem_comp_atom.pdbx_aromatic_flag 
_chem_comp_atom.pdbx_stereo_config 
_chem_comp_atom.pdbx_ordinal 
ALA N    N N N 1   
ALA CA   C N S 2   
ALA C    C N N 3   
ALA O    O N N 4   
ALA CB   C N N 5   
ALA OXT  O N N 6   
ALA H    H N N 7   
ALA H2   H N N 8   
ALA HA   H N N 9   
ALA HB1  H N N 10  
ALA HB2  H N N 11  
ALA HB3  H N N 12  
ALA HXT  H N N 13  
ARG N    N N N 14  
ARG CA   C N S 15  
ARG C    C N N 16  
ARG O    O N N 17  
ARG CB   C N N 18  
ARG CG   C N N 19  
ARG CD   C N N 20  
ARG NE   N N N 21  
ARG CZ   C N N 22  
ARG NH1  N N N 23  
ARG NH2  N N N 24  
ARG OXT  O N N 25  
ARG H    H N N 26  
ARG H2   H N N 27  
ARG HA   H N N 28  
ARG HB2  H N N 29  
ARG HB3  H N N 30  
ARG HG2  H N N 31  
ARG HG3  H N N 32  
ARG HD2  H N N 33  
ARG HD3  H N N 34  
ARG HE   H N N 35  
ARG HH11 H N N 36  
ARG HH12 H N N 37  
ARG HH21 H N N 38  
ARG HH22 H N N 39  
ARG HXT  H N N 40  
ASN N    N N N 41  
ASN CA   C N S 42  
ASN C    C N N 43  
ASN O    O N N 44  
ASN CB   C N N 45  
ASN CG   C N N 46  
ASN OD1  O N N 47  
ASN ND2  N N N 48  
ASN OXT  O N N 49  
ASN H    H N N 50  
ASN H2   H N N 51  
ASN HA   H N N 52  
ASN HB2  H N N 53  
ASN HB3  H N N 54  
ASN HD21 H N N 55  
ASN HD22 H N N 56  
ASN HXT  H N N 57  
ASP N    N N N 58  
ASP CA   C N S 59  
ASP C    C N N 60  
ASP O    O N N 61  
ASP CB   C N N 62  
ASP CG   C N N 63  
ASP OD1  O N N 64  
ASP OD2  O N N 65  
ASP OXT  O N N 66  
ASP H    H N N 67  
ASP H2   H N N 68  
ASP HA   H N N 69  
ASP HB2  H N N 70  
ASP HB3  H N N 71  
ASP HD2  H N N 72  
ASP HXT  H N N 73  
CYS N    N N N 74  
CYS CA   C N R 75  
CYS C    C N N 76  
CYS O    O N N 77  
CYS CB   C N N 78  
CYS SG   S N N 79  
CYS OXT  O N N 80  
CYS H    H N N 81  
CYS H2   H N N 82  
CYS HA   H N N 83  
CYS HB2  H N N 84  
CYS HB3  H N N 85  
CYS HG   H N N 86  
CYS HXT  H N N 87  
GLN N    N N N 88  
GLN CA   C N S 89  
GLN C    C N N 90  
GLN O    O N N 91  
GLN CB   C N N 92  
GLN CG   C N N 93  
GLN CD   C N N 94  
GLN OE1  O N N 95  
GLN NE2  N N N 96  
GLN OXT  O N N 97  
GLN H    H N N 98  
GLN H2   H N N 99  
GLN HA   H N N 100 
GLN HB2  H N N 101 
GLN HB3  H N N 102 
GLN HG2  H N N 103 
GLN HG3  H N N 104 
GLN HE21 H N N 105 
GLN HE22 H N N 106 
GLN HXT  H N N 107 
GLU N    N N N 108 
GLU CA   C N S 109 
GLU C    C N N 110 
GLU O    O N N 111 
GLU CB   C N N 112 
GLU CG   C N N 113 
GLU CD   C N N 114 
GLU OE1  O N N 115 
GLU OE2  O N N 116 
GLU OXT  O N N 117 
GLU H    H N N 118 
GLU H2   H N N 119 
GLU HA   H N N 120 
GLU HB2  H N N 121 
GLU HB3  H N N 122 
GLU HG2  H N N 123 
GLU HG3  H N N 124 
GLU HE2  H N N 125 
GLU HXT  H N N 126 
GLY N    N N N 127 
GLY CA   C N N 128 
GLY C    C N N 129 
GLY O    O N N 130 
GLY OXT  O N N 131 
GLY H    H N N 132 
GLY H2   H N N 133 
GLY HA2  H N N 134 
GLY HA3  H N N 135 
GLY HXT  H N N 136 
HIS N    N N N 137 
HIS CA   C N S 138 
HIS C    C N N 139 
HIS O    O N N 140 
HIS CB   C N N 141 
HIS CG   C Y N 142 
HIS ND1  N Y N 143 
HIS CD2  C Y N 144 
HIS CE1  C Y N 145 
HIS NE2  N Y N 146 
HIS OXT  O N N 147 
HIS H    H N N 148 
HIS H2   H N N 149 
HIS HA   H N N 150 
HIS HB2  H N N 151 
HIS HB3  H N N 152 
HIS HD1  H N N 153 
HIS HD2  H N N 154 
HIS HE1  H N N 155 
HIS HE2  H N N 156 
HIS HXT  H N N 157 
HOH O    O N N 158 
HOH H1   H N N 159 
HOH H2   H N N 160 
ILE N    N N N 161 
ILE CA   C N S 162 
ILE C    C N N 163 
ILE O    O N N 164 
ILE CB   C N S 165 
ILE CG1  C N N 166 
ILE CG2  C N N 167 
ILE CD1  C N N 168 
ILE OXT  O N N 169 
ILE H    H N N 170 
ILE H2   H N N 171 
ILE HA   H N N 172 
ILE HB   H N N 173 
ILE HG12 H N N 174 
ILE HG13 H N N 175 
ILE HG21 H N N 176 
ILE HG22 H N N 177 
ILE HG23 H N N 178 
ILE HD11 H N N 179 
ILE HD12 H N N 180 
ILE HD13 H N N 181 
ILE HXT  H N N 182 
LEU N    N N N 183 
LEU CA   C N S 184 
LEU C    C N N 185 
LEU O    O N N 186 
LEU CB   C N N 187 
LEU CG   C N N 188 
LEU CD1  C N N 189 
LEU CD2  C N N 190 
LEU OXT  O N N 191 
LEU H    H N N 192 
LEU H2   H N N 193 
LEU HA   H N N 194 
LEU HB2  H N N 195 
LEU HB3  H N N 196 
LEU HG   H N N 197 
LEU HD11 H N N 198 
LEU HD12 H N N 199 
LEU HD13 H N N 200 
LEU HD21 H N N 201 
LEU HD22 H N N 202 
LEU HD23 H N N 203 
LEU HXT  H N N 204 
LYS N    N N N 205 
LYS CA   C N S 206 
LYS C    C N N 207 
LYS O    O N N 208 
LYS CB   C N N 209 
LYS CG   C N N 210 
LYS CD   C N N 211 
LYS CE   C N N 212 
LYS NZ   N N N 213 
LYS OXT  O N N 214 
LYS H    H N N 215 
LYS H2   H N N 216 
LYS HA   H N N 217 
LYS HB2  H N N 218 
LYS HB3  H N N 219 
LYS HG2  H N N 220 
LYS HG3  H N N 221 
LYS HD2  H N N 222 
LYS HD3  H N N 223 
LYS HE2  H N N 224 
LYS HE3  H N N 225 
LYS HZ1  H N N 226 
LYS HZ2  H N N 227 
LYS HZ3  H N N 228 
LYS HXT  H N N 229 
MET N    N N N 230 
MET CA   C N S 231 
MET C    C N N 232 
MET O    O N N 233 
MET CB   C N N 234 
MET CG   C N N 235 
MET SD   S N N 236 
MET CE   C N N 237 
MET OXT  O N N 238 
MET H    H N N 239 
MET H2   H N N 240 
MET HA   H N N 241 
MET HB2  H N N 242 
MET HB3  H N N 243 
MET HG2  H N N 244 
MET HG3  H N N 245 
MET HE1  H N N 246 
MET HE2  H N N 247 
MET HE3  H N N 248 
MET HXT  H N N 249 
PHE N    N N N 250 
PHE CA   C N S 251 
PHE C    C N N 252 
PHE O    O N N 253 
PHE CB   C N N 254 
PHE CG   C Y N 255 
PHE CD1  C Y N 256 
PHE CD2  C Y N 257 
PHE CE1  C Y N 258 
PHE CE2  C Y N 259 
PHE CZ   C Y N 260 
PHE OXT  O N N 261 
PHE H    H N N 262 
PHE H2   H N N 263 
PHE HA   H N N 264 
PHE HB2  H N N 265 
PHE HB3  H N N 266 
PHE HD1  H N N 267 
PHE HD2  H N N 268 
PHE HE1  H N N 269 
PHE HE2  H N N 270 
PHE HZ   H N N 271 
PHE HXT  H N N 272 
PRO N    N N N 273 
PRO CA   C N S 274 
PRO C    C N N 275 
PRO O    O N N 276 
PRO CB   C N N 277 
PRO CG   C N N 278 
PRO CD   C N N 279 
PRO OXT  O N N 280 
PRO H    H N N 281 
PRO HA   H N N 282 
PRO HB2  H N N 283 
PRO HB3  H N N 284 
PRO HG2  H N N 285 
PRO HG3  H N N 286 
PRO HD2  H N N 287 
PRO HD3  H N N 288 
PRO HXT  H N N 289 
SER N    N N N 290 
SER CA   C N S 291 
SER C    C N N 292 
SER O    O N N 293 
SER CB   C N N 294 
SER OG   O N N 295 
SER OXT  O N N 296 
SER H    H N N 297 
SER H2   H N N 298 
SER HA   H N N 299 
SER HB2  H N N 300 
SER HB3  H N N 301 
SER HG   H N N 302 
SER HXT  H N N 303 
THR N    N N N 304 
THR CA   C N S 305 
THR C    C N N 306 
THR O    O N N 307 
THR CB   C N R 308 
THR OG1  O N N 309 
THR CG2  C N N 310 
THR OXT  O N N 311 
THR H    H N N 312 
THR H2   H N N 313 
THR HA   H N N 314 
THR HB   H N N 315 
THR HG1  H N N 316 
THR HG21 H N N 317 
THR HG22 H N N 318 
THR HG23 H N N 319 
THR HXT  H N N 320 
TRP N    N N N 321 
TRP CA   C N S 322 
TRP C    C N N 323 
TRP O    O N N 324 
TRP CB   C N N 325 
TRP CG   C Y N 326 
TRP CD1  C Y N 327 
TRP CD2  C Y N 328 
TRP NE1  N Y N 329 
TRP CE2  C Y N 330 
TRP CE3  C Y N 331 
TRP CZ2  C Y N 332 
TRP CZ3  C Y N 333 
TRP CH2  C Y N 334 
TRP OXT  O N N 335 
TRP H    H N N 336 
TRP H2   H N N 337 
TRP HA   H N N 338 
TRP HB2  H N N 339 
TRP HB3  H N N 340 
TRP HD1  H N N 341 
TRP HE1  H N N 342 
TRP HE3  H N N 343 
TRP HZ2  H N N 344 
TRP HZ3  H N N 345 
TRP HH2  H N N 346 
TRP HXT  H N N 347 
TYR N    N N N 348 
TYR CA   C N S 349 
TYR C    C N N 350 
TYR O    O N N 351 
TYR CB   C N N 352 
TYR CG   C Y N 353 
TYR CD1  C Y N 354 
TYR CD2  C Y N 355 
TYR CE1  C Y N 356 
TYR CE2  C Y N 357 
TYR CZ   C Y N 358 
TYR OH   O N N 359 
TYR OXT  O N N 360 
TYR H    H N N 361 
TYR H2   H N N 362 
TYR HA   H N N 363 
TYR HB2  H N N 364 
TYR HB3  H N N 365 
TYR HD1  H N N 366 
TYR HD2  H N N 367 
TYR HE1  H N N 368 
TYR HE2  H N N 369 
TYR HH   H N N 370 
TYR HXT  H N N 371 
VAL N    N N N 372 
VAL CA   C N S 373 
VAL C    C N N 374 
VAL O    O N N 375 
VAL CB   C N N 376 
VAL CG1  C N N 377 
VAL CG2  C N N 378 
VAL OXT  O N N 379 
VAL H    H N N 380 
VAL H2   H N N 381 
VAL HA   H N N 382 
VAL HB   H N N 383 
VAL HG11 H N N 384 
VAL HG12 H N N 385 
VAL HG13 H N N 386 
VAL HG21 H N N 387 
VAL HG22 H N N 388 
VAL HG23 H N N 389 
VAL HXT  H N N 390 
# 
loop_
_chem_comp_bond.comp_id 
_chem_comp_bond.atom_id_1 
_chem_comp_bond.atom_id_2 
_chem_comp_bond.value_order 
_chem_comp_bond.pdbx_aromatic_flag 
_chem_comp_bond.pdbx_stereo_config 
_chem_comp_bond.pdbx_ordinal 
ALA N   CA   sing N N 1   
ALA N   H    sing N N 2   
ALA N   H2   sing N N 3   
ALA CA  C    sing N N 4   
ALA CA  CB   sing N N 5   
ALA CA  HA   sing N N 6   
ALA C   O    doub N N 7   
ALA C   OXT  sing N N 8   
ALA CB  HB1  sing N N 9   
ALA CB  HB2  sing N N 10  
ALA CB  HB3  sing N N 11  
ALA OXT HXT  sing N N 12  
ARG N   CA   sing N N 13  
ARG N   H    sing N N 14  
ARG N   H2   sing N N 15  
ARG CA  C    sing N N 16  
ARG CA  CB   sing N N 17  
ARG CA  HA   sing N N 18  
ARG C   O    doub N N 19  
ARG C   OXT  sing N N 20  
ARG CB  CG   sing N N 21  
ARG CB  HB2  sing N N 22  
ARG CB  HB3  sing N N 23  
ARG CG  CD   sing N N 24  
ARG CG  HG2  sing N N 25  
ARG CG  HG3  sing N N 26  
ARG CD  NE   sing N N 27  
ARG CD  HD2  sing N N 28  
ARG CD  HD3  sing N N 29  
ARG NE  CZ   sing N N 30  
ARG NE  HE   sing N N 31  
ARG CZ  NH1  sing N N 32  
ARG CZ  NH2  doub N N 33  
ARG NH1 HH11 sing N N 34  
ARG NH1 HH12 sing N N 35  
ARG NH2 HH21 sing N N 36  
ARG NH2 HH22 sing N N 37  
ARG OXT HXT  sing N N 38  
ASN N   CA   sing N N 39  
ASN N   H    sing N N 40  
ASN N   H2   sing N N 41  
ASN CA  C    sing N N 42  
ASN CA  CB   sing N N 43  
ASN CA  HA   sing N N 44  
ASN C   O    doub N N 45  
ASN C   OXT  sing N N 46  
ASN CB  CG   sing N N 47  
ASN CB  HB2  sing N N 48  
ASN CB  HB3  sing N N 49  
ASN CG  OD1  doub N N 50  
ASN CG  ND2  sing N N 51  
ASN ND2 HD21 sing N N 52  
ASN ND2 HD22 sing N N 53  
ASN OXT HXT  sing N N 54  
ASP N   CA   sing N N 55  
ASP N   H    sing N N 56  
ASP N   H2   sing N N 57  
ASP CA  C    sing N N 58  
ASP CA  CB   sing N N 59  
ASP CA  HA   sing N N 60  
ASP C   O    doub N N 61  
ASP C   OXT  sing N N 62  
ASP CB  CG   sing N N 63  
ASP CB  HB2  sing N N 64  
ASP CB  HB3  sing N N 65  
ASP CG  OD1  doub N N 66  
ASP CG  OD2  sing N N 67  
ASP OD2 HD2  sing N N 68  
ASP OXT HXT  sing N N 69  
CYS N   CA   sing N N 70  
CYS N   H    sing N N 71  
CYS N   H2   sing N N 72  
CYS CA  C    sing N N 73  
CYS CA  CB   sing N N 74  
CYS CA  HA   sing N N 75  
CYS C   O    doub N N 76  
CYS C   OXT  sing N N 77  
CYS CB  SG   sing N N 78  
CYS CB  HB2  sing N N 79  
CYS CB  HB3  sing N N 80  
CYS SG  HG   sing N N 81  
CYS OXT HXT  sing N N 82  
GLN N   CA   sing N N 83  
GLN N   H    sing N N 84  
GLN N   H2   sing N N 85  
GLN CA  C    sing N N 86  
GLN CA  CB   sing N N 87  
GLN CA  HA   sing N N 88  
GLN C   O    doub N N 89  
GLN C   OXT  sing N N 90  
GLN CB  CG   sing N N 91  
GLN CB  HB2  sing N N 92  
GLN CB  HB3  sing N N 93  
GLN CG  CD   sing N N 94  
GLN CG  HG2  sing N N 95  
GLN CG  HG3  sing N N 96  
GLN CD  OE1  doub N N 97  
GLN CD  NE2  sing N N 98  
GLN NE2 HE21 sing N N 99  
GLN NE2 HE22 sing N N 100 
GLN OXT HXT  sing N N 101 
GLU N   CA   sing N N 102 
GLU N   H    sing N N 103 
GLU N   H2   sing N N 104 
GLU CA  C    sing N N 105 
GLU CA  CB   sing N N 106 
GLU CA  HA   sing N N 107 
GLU C   O    doub N N 108 
GLU C   OXT  sing N N 109 
GLU CB  CG   sing N N 110 
GLU CB  HB2  sing N N 111 
GLU CB  HB3  sing N N 112 
GLU CG  CD   sing N N 113 
GLU CG  HG2  sing N N 114 
GLU CG  HG3  sing N N 115 
GLU CD  OE1  doub N N 116 
GLU CD  OE2  sing N N 117 
GLU OE2 HE2  sing N N 118 
GLU OXT HXT  sing N N 119 
GLY N   CA   sing N N 120 
GLY N   H    sing N N 121 
GLY N   H2   sing N N 122 
GLY CA  C    sing N N 123 
GLY CA  HA2  sing N N 124 
GLY CA  HA3  sing N N 125 
GLY C   O    doub N N 126 
GLY C   OXT  sing N N 127 
GLY OXT HXT  sing N N 128 
HIS N   CA   sing N N 129 
HIS N   H    sing N N 130 
HIS N   H2   sing N N 131 
HIS CA  C    sing N N 132 
HIS CA  CB   sing N N 133 
HIS CA  HA   sing N N 134 
HIS C   O    doub N N 135 
HIS C   OXT  sing N N 136 
HIS CB  CG   sing N N 137 
HIS CB  HB2  sing N N 138 
HIS CB  HB3  sing N N 139 
HIS CG  ND1  sing Y N 140 
HIS CG  CD2  doub Y N 141 
HIS ND1 CE1  doub Y N 142 
HIS ND1 HD1  sing N N 143 
HIS CD2 NE2  sing Y N 144 
HIS CD2 HD2  sing N N 145 
HIS CE1 NE2  sing Y N 146 
HIS CE1 HE1  sing N N 147 
HIS NE2 HE2  sing N N 148 
HIS OXT HXT  sing N N 149 
HOH O   H1   sing N N 150 
HOH O   H2   sing N N 151 
ILE N   CA   sing N N 152 
ILE N   H    sing N N 153 
ILE N   H2   sing N N 154 
ILE CA  C    sing N N 155 
ILE CA  CB   sing N N 156 
ILE CA  HA   sing N N 157 
ILE C   O    doub N N 158 
ILE C   OXT  sing N N 159 
ILE CB  CG1  sing N N 160 
ILE CB  CG2  sing N N 161 
ILE CB  HB   sing N N 162 
ILE CG1 CD1  sing N N 163 
ILE CG1 HG12 sing N N 164 
ILE CG1 HG13 sing N N 165 
ILE CG2 HG21 sing N N 166 
ILE CG2 HG22 sing N N 167 
ILE CG2 HG23 sing N N 168 
ILE CD1 HD11 sing N N 169 
ILE CD1 HD12 sing N N 170 
ILE CD1 HD13 sing N N 171 
ILE OXT HXT  sing N N 172 
LEU N   CA   sing N N 173 
LEU N   H    sing N N 174 
LEU N   H2   sing N N 175 
LEU CA  C    sing N N 176 
LEU CA  CB   sing N N 177 
LEU CA  HA   sing N N 178 
LEU C   O    doub N N 179 
LEU C   OXT  sing N N 180 
LEU CB  CG   sing N N 181 
LEU CB  HB2  sing N N 182 
LEU CB  HB3  sing N N 183 
LEU CG  CD1  sing N N 184 
LEU CG  CD2  sing N N 185 
LEU CG  HG   sing N N 186 
LEU CD1 HD11 sing N N 187 
LEU CD1 HD12 sing N N 188 
LEU CD1 HD13 sing N N 189 
LEU CD2 HD21 sing N N 190 
LEU CD2 HD22 sing N N 191 
LEU CD2 HD23 sing N N 192 
LEU OXT HXT  sing N N 193 
LYS N   CA   sing N N 194 
LYS N   H    sing N N 195 
LYS N   H2   sing N N 196 
LYS CA  C    sing N N 197 
LYS CA  CB   sing N N 198 
LYS CA  HA   sing N N 199 
LYS C   O    doub N N 200 
LYS C   OXT  sing N N 201 
LYS CB  CG   sing N N 202 
LYS CB  HB2  sing N N 203 
LYS CB  HB3  sing N N 204 
LYS CG  CD   sing N N 205 
LYS CG  HG2  sing N N 206 
LYS CG  HG3  sing N N 207 
LYS CD  CE   sing N N 208 
LYS CD  HD2  sing N N 209 
LYS CD  HD3  sing N N 210 
LYS CE  NZ   sing N N 211 
LYS CE  HE2  sing N N 212 
LYS CE  HE3  sing N N 213 
LYS NZ  HZ1  sing N N 214 
LYS NZ  HZ2  sing N N 215 
LYS NZ  HZ3  sing N N 216 
LYS OXT HXT  sing N N 217 
MET N   CA   sing N N 218 
MET N   H    sing N N 219 
MET N   H2   sing N N 220 
MET CA  C    sing N N 221 
MET CA  CB   sing N N 222 
MET CA  HA   sing N N 223 
MET C   O    doub N N 224 
MET C   OXT  sing N N 225 
MET CB  CG   sing N N 226 
MET CB  HB2  sing N N 227 
MET CB  HB3  sing N N 228 
MET CG  SD   sing N N 229 
MET CG  HG2  sing N N 230 
MET CG  HG3  sing N N 231 
MET SD  CE   sing N N 232 
MET CE  HE1  sing N N 233 
MET CE  HE2  sing N N 234 
MET CE  HE3  sing N N 235 
MET OXT HXT  sing N N 236 
PHE N   CA   sing N N 237 
PHE N   H    sing N N 238 
PHE N   H2   sing N N 239 
PHE CA  C    sing N N 240 
PHE CA  CB   sing N N 241 
PHE CA  HA   sing N N 242 
PHE C   O    doub N N 243 
PHE C   OXT  sing N N 244 
PHE CB  CG   sing N N 245 
PHE CB  HB2  sing N N 246 
PHE CB  HB3  sing N N 247 
PHE CG  CD1  doub Y N 248 
PHE CG  CD2  sing Y N 249 
PHE CD1 CE1  sing Y N 250 
PHE CD1 HD1  sing N N 251 
PHE CD2 CE2  doub Y N 252 
PHE CD2 HD2  sing N N 253 
PHE CE1 CZ   doub Y N 254 
PHE CE1 HE1  sing N N 255 
PHE CE2 CZ   sing Y N 256 
PHE CE2 HE2  sing N N 257 
PHE CZ  HZ   sing N N 258 
PHE OXT HXT  sing N N 259 
PRO N   CA   sing N N 260 
PRO N   CD   sing N N 261 
PRO N   H    sing N N 262 
PRO CA  C    sing N N 263 
PRO CA  CB   sing N N 264 
PRO CA  HA   sing N N 265 
PRO C   O    doub N N 266 
PRO C   OXT  sing N N 267 
PRO CB  CG   sing N N 268 
PRO CB  HB2  sing N N 269 
PRO CB  HB3  sing N N 270 
PRO CG  CD   sing N N 271 
PRO CG  HG2  sing N N 272 
PRO CG  HG3  sing N N 273 
PRO CD  HD2  sing N N 274 
PRO CD  HD3  sing N N 275 
PRO OXT HXT  sing N N 276 
SER N   CA   sing N N 277 
SER N   H    sing N N 278 
SER N   H2   sing N N 279 
SER CA  C    sing N N 280 
SER CA  CB   sing N N 281 
SER CA  HA   sing N N 282 
SER C   O    doub N N 283 
SER C   OXT  sing N N 284 
SER CB  OG   sing N N 285 
SER CB  HB2  sing N N 286 
SER CB  HB3  sing N N 287 
SER OG  HG   sing N N 288 
SER OXT HXT  sing N N 289 
THR N   CA   sing N N 290 
THR N   H    sing N N 291 
THR N   H2   sing N N 292 
THR CA  C    sing N N 293 
THR CA  CB   sing N N 294 
THR CA  HA   sing N N 295 
THR C   O    doub N N 296 
THR C   OXT  sing N N 297 
THR CB  OG1  sing N N 298 
THR CB  CG2  sing N N 299 
THR CB  HB   sing N N 300 
THR OG1 HG1  sing N N 301 
THR CG2 HG21 sing N N 302 
THR CG2 HG22 sing N N 303 
THR CG2 HG23 sing N N 304 
THR OXT HXT  sing N N 305 
TRP N   CA   sing N N 306 
TRP N   H    sing N N 307 
TRP N   H2   sing N N 308 
TRP CA  C    sing N N 309 
TRP CA  CB   sing N N 310 
TRP CA  HA   sing N N 311 
TRP C   O    doub N N 312 
TRP C   OXT  sing N N 313 
TRP CB  CG   sing N N 314 
TRP CB  HB2  sing N N 315 
TRP CB  HB3  sing N N 316 
TRP CG  CD1  doub Y N 317 
TRP CG  CD2  sing Y N 318 
TRP CD1 NE1  sing Y N 319 
TRP CD1 HD1  sing N N 320 
TRP CD2 CE2  doub Y N 321 
TRP CD2 CE3  sing Y N 322 
TRP NE1 CE2  sing Y N 323 
TRP NE1 HE1  sing N N 324 
TRP CE2 CZ2  sing Y N 325 
TRP CE3 CZ3  doub Y N 326 
TRP CE3 HE3  sing N N 327 
TRP CZ2 CH2  doub Y N 328 
TRP CZ2 HZ2  sing N N 329 
TRP CZ3 CH2  sing Y N 330 
TRP CZ3 HZ3  sing N N 331 
TRP CH2 HH2  sing N N 332 
TRP OXT HXT  sing N N 333 
TYR N   CA   sing N N 334 
TYR N   H    sing N N 335 
TYR N   H2   sing N N 336 
TYR CA  C    sing N N 337 
TYR CA  CB   sing N N 338 
TYR CA  HA   sing N N 339 
TYR C   O    doub N N 340 
TYR C   OXT  sing N N 341 
TYR CB  CG   sing N N 342 
TYR CB  HB2  sing N N 343 
TYR CB  HB3  sing N N 344 
TYR CG  CD1  doub Y N 345 
TYR CG  CD2  sing Y N 346 
TYR CD1 CE1  sing Y N 347 
TYR CD1 HD1  sing N N 348 
TYR CD2 CE2  doub Y N 349 
TYR CD2 HD2  sing N N 350 
TYR CE1 CZ   doub Y N 351 
TYR CE1 HE1  sing N N 352 
TYR CE2 CZ   sing Y N 353 
TYR CE2 HE2  sing N N 354 
TYR CZ  OH   sing N N 355 
TYR OH  HH   sing N N 356 
TYR OXT HXT  sing N N 357 
VAL N   CA   sing N N 358 
VAL N   H    sing N N 359 
VAL N   H2   sing N N 360 
VAL CA  C    sing N N 361 
VAL CA  CB   sing N N 362 
VAL CA  HA   sing N N 363 
VAL C   O    doub N N 364 
VAL C   OXT  sing N N 365 
VAL CB  CG1  sing N N 366 
VAL CB  CG2  sing N N 367 
VAL CB  HB   sing N N 368 
VAL CG1 HG11 sing N N 369 
VAL CG1 HG12 sing N N 370 
VAL CG1 HG13 sing N N 371 
VAL CG2 HG21 sing N N 372 
VAL CG2 HG22 sing N N 373 
VAL CG2 HG23 sing N N 374 
VAL OXT HXT  sing N N 375 
# 
_pdbx_entity_nonpoly.entity_id   2 
_pdbx_entity_nonpoly.name        water 
_pdbx_entity_nonpoly.comp_id     HOH 
# 
_pdbx_initial_refinement_model.id               1 
_pdbx_initial_refinement_model.entity_id_list   ? 
_pdbx_initial_refinement_model.type             'experimental model' 
_pdbx_initial_refinement_model.source_name      PDB 
_pdbx_initial_refinement_model.accession_code   2VGQ 
_pdbx_initial_refinement_model.details          'PDB ENTRY 2VGQ' 
# 
